data_5JYX
#
_entry.id   5JYX
#
_cell.length_a   215.325
_cell.length_b   126.779
_cell.length_c   65.083
_cell.angle_alpha   90.000
_cell.angle_beta   102.580
_cell.angle_gamma   90.000
#
_symmetry.space_group_name_H-M   'C 1 2 1'
#
loop_
_entity.id
_entity.type
_entity.pdbx_description
1 polymer 'Archeaosine synthase QueF-Like'
2 non-polymer 2-amino-5-[(Z)-iminomethyl]-3,7-dihydro-4H-pyrrolo[2,3-d]pyrimidin-4-one
3 non-polymer 'SODIUM ION'
4 water water
#
_entity_poly.entity_id   1
_entity_poly.type   'polypeptide(L)'
_entity_poly.pdbx_seq_one_letter_code
;(MSE)LKVSKSPSLVRLKTRGESVCPISKTVDSFEVSVEYIPRGAVLAIEEFKK(MSE)VDSYRGREILHEELAVDLLEK
VKAAVNPPYVKVTVKSYYIGVEVEVVAESGGVPPVYI
;
_entity_poly.pdbx_strand_id   A,B,C,D,E,F,G,H,I,J,K,L,M,N,O
#
loop_
_chem_comp.id
_chem_comp.type
_chem_comp.name
_chem_comp.formula
GD1 non-polymer 2-amino-5-[(Z)-iminomethyl]-3,7-dihydro-4H-pyrrolo[2,3-d]pyrimidin-4-one 'C7 H7 N5 O'
NA non-polymer 'SODIUM ION' 'Na 1'
#
# COMPACT_ATOMS: atom_id res chain seq x y z
N MSE A 1 6.26 6.74 38.02
CA MSE A 1 4.88 6.56 38.56
C MSE A 1 3.81 6.52 37.46
O MSE A 1 3.68 7.46 36.66
CB MSE A 1 4.73 7.73 39.50
CG MSE A 1 3.64 7.42 40.50
SE MSE A 1 2.37 8.93 40.48
CE MSE A 1 2.60 9.40 42.39
N LEU A 2 3.04 5.42 37.42
CA LEU A 2 2.07 5.16 36.36
C LEU A 2 0.63 5.27 36.85
N LYS A 3 -0.12 6.23 36.32
CA LYS A 3 -1.46 6.51 36.77
C LYS A 3 -2.42 5.47 36.22
N VAL A 4 -3.28 4.95 37.10
CA VAL A 4 -4.20 3.88 36.77
C VAL A 4 -5.60 4.25 37.28
N SER A 5 -6.59 4.21 36.38
CA SER A 5 -7.95 4.62 36.74
C SER A 5 -8.69 3.58 37.56
N LYS A 6 -8.27 2.32 37.55
CA LYS A 6 -8.80 1.32 38.49
C LYS A 6 -7.66 0.56 39.20
N SER A 7 -7.47 0.86 40.48
CA SER A 7 -6.39 0.28 41.27
C SER A 7 -6.65 -1.19 41.51
N PRO A 8 -5.70 -2.07 41.14
CA PRO A 8 -5.88 -3.47 41.51
C PRO A 8 -5.75 -3.59 43.00
N SER A 9 -6.10 -4.74 43.57
CA SER A 9 -6.12 -4.95 45.05
C SER A 9 -4.76 -5.14 45.66
N LEU A 10 -3.90 -5.90 44.97
CA LEU A 10 -2.53 -6.09 45.41
C LEU A 10 -1.61 -6.31 44.22
N VAL A 11 -0.36 -5.94 44.41
CA VAL A 11 0.68 -6.21 43.43
C VAL A 11 1.94 -6.68 44.13
N ARG A 12 2.57 -7.74 43.63
CA ARG A 12 3.91 -8.13 44.15
C ARG A 12 4.91 -7.98 43.04
N LEU A 13 6.05 -7.47 43.37
CA LEU A 13 7.17 -7.37 42.46
C LEU A 13 8.31 -8.13 43.12
N LYS A 14 9.11 -8.84 42.36
CA LYS A 14 10.18 -9.62 42.96
C LYS A 14 11.34 -9.82 41.99
N THR A 15 12.56 -9.73 42.51
CA THR A 15 13.77 -9.66 41.67
C THR A 15 15.04 -9.87 42.47
N ARG A 16 16.16 -10.05 41.81
CA ARG A 16 17.45 -10.18 42.51
C ARG A 16 18.23 -8.88 42.49
N GLY A 17 19.12 -8.71 43.44
CA GLY A 17 20.08 -7.61 43.42
C GLY A 17 21.36 -7.95 44.18
N GLU A 18 22.14 -6.95 44.45
CA GLU A 18 23.30 -7.11 45.31
C GLU A 18 23.60 -5.85 46.06
N SER A 19 24.42 -6.03 47.06
CA SER A 19 24.86 -4.95 47.89
C SER A 19 26.24 -5.29 48.41
N VAL A 20 26.73 -4.54 49.38
CA VAL A 20 27.98 -4.86 50.03
C VAL A 20 27.81 -5.03 51.54
N CYS A 21 28.47 -6.03 52.09
CA CYS A 21 28.37 -6.32 53.50
C CYS A 21 29.32 -5.36 54.12
N PRO A 22 28.87 -4.53 55.05
CA PRO A 22 29.83 -3.58 55.65
C PRO A 22 30.97 -4.24 56.45
N ILE A 23 30.65 -5.33 57.16
CA ILE A 23 31.63 -6.06 57.93
C ILE A 23 32.80 -6.44 56.98
N SER A 24 32.63 -7.49 56.20
CA SER A 24 33.67 -8.00 55.32
C SER A 24 33.84 -7.35 53.97
N LYS A 25 33.02 -6.37 53.57
CA LYS A 25 33.19 -5.68 52.24
C LYS A 25 33.07 -6.58 50.99
N THR A 26 32.42 -7.71 51.14
CA THR A 26 32.07 -8.57 50.05
C THR A 26 30.68 -8.25 49.52
N VAL A 27 30.44 -8.70 48.29
CA VAL A 27 29.17 -8.54 47.61
C VAL A 27 28.18 -9.54 48.15
N ASP A 28 26.93 -9.12 48.37
CA ASP A 28 25.86 -9.95 48.97
C ASP A 28 24.78 -10.01 47.98
N SER A 29 24.48 -11.17 47.43
CA SER A 29 23.36 -11.35 46.52
C SER A 29 22.02 -11.46 47.28
N PHE A 30 20.92 -10.97 46.78
CA PHE A 30 19.69 -11.15 47.48
C PHE A 30 18.47 -11.19 46.53
N GLU A 31 17.39 -11.79 46.99
CA GLU A 31 16.07 -11.62 46.43
C GLU A 31 15.37 -10.54 47.21
N VAL A 32 14.63 -9.70 46.53
CA VAL A 32 13.78 -8.77 47.20
C VAL A 32 12.43 -8.79 46.57
N SER A 33 11.46 -8.42 47.35
CA SER A 33 10.10 -8.56 46.99
C SER A 33 9.36 -7.45 47.66
N VAL A 34 8.60 -6.69 46.88
CA VAL A 34 7.74 -5.64 47.39
C VAL A 34 6.31 -5.99 47.07
N GLU A 35 5.48 -5.99 48.10
CA GLU A 35 4.05 -6.28 47.98
C GLU A 35 3.30 -5.04 48.43
N TYR A 36 2.41 -4.56 47.59
CA TYR A 36 1.67 -3.31 47.96
C TYR A 36 0.28 -3.23 47.41
N ILE A 37 -0.46 -2.33 48.01
CA ILE A 37 -1.84 -2.05 47.63
C ILE A 37 -1.86 -0.69 46.93
N PRO A 38 -2.05 -0.63 45.60
CA PRO A 38 -2.11 0.72 44.94
C PRO A 38 -3.36 1.54 45.30
N ARG A 39 -3.20 2.86 45.41
CA ARG A 39 -4.32 3.83 45.39
C ARG A 39 -3.96 4.85 44.36
N GLY A 40 -4.35 4.54 43.13
CA GLY A 40 -4.33 5.52 42.03
C GLY A 40 -3.20 5.34 41.04
N ALA A 41 -2.06 4.97 41.61
CA ALA A 41 -0.76 4.87 40.92
C ALA A 41 -0.08 3.52 41.24
N VAL A 42 0.67 3.11 40.24
CA VAL A 42 1.32 1.83 40.18
C VAL A 42 2.82 2.13 39.99
N LEU A 43 3.64 1.38 40.67
CA LEU A 43 5.06 1.49 40.54
C LEU A 43 5.47 0.87 39.20
N ALA A 44 6.12 1.64 38.33
CA ALA A 44 6.60 1.04 37.11
C ALA A 44 7.70 0.06 37.47
N ILE A 45 7.68 -1.08 36.84
CA ILE A 45 8.71 -2.07 37.00
C ILE A 45 10.08 -1.47 36.78
N GLU A 46 10.22 -0.62 35.77
CA GLU A 46 11.52 -0.01 35.47
C GLU A 46 12.02 0.77 36.66
N GLU A 47 11.11 1.39 37.43
CA GLU A 47 11.51 2.21 38.61
CA GLU A 47 11.44 2.21 38.60
C GLU A 47 11.86 1.29 39.76
N PHE A 48 11.07 0.24 39.99
CA PHE A 48 11.41 -0.81 40.95
C PHE A 48 12.79 -1.40 40.71
N LYS A 49 13.08 -1.72 39.45
CA LYS A 49 14.38 -2.22 39.10
C LYS A 49 15.48 -1.21 39.41
N LYS A 50 15.17 0.06 39.20
CA LYS A 50 16.12 1.10 39.49
C LYS A 50 16.29 1.19 40.99
N MSE A 51 15.24 1.08 41.77
CA MSE A 51 15.42 1.10 43.20
C MSE A 51 16.33 0.01 43.67
O MSE A 51 17.23 0.29 44.45
CB MSE A 51 14.13 1.04 43.96
CG MSE A 51 13.37 2.33 43.85
SE MSE A 51 11.57 1.89 44.37
CE MSE A 51 10.56 3.57 44.34
N VAL A 52 16.16 -1.22 43.18
CA VAL A 52 16.97 -2.34 43.60
C VAL A 52 18.42 -2.22 43.12
N ASP A 53 18.61 -1.79 41.87
CA ASP A 53 19.98 -1.54 41.34
C ASP A 53 20.70 -0.48 42.13
N SER A 54 19.97 0.40 42.79
CA SER A 54 20.58 1.43 43.66
C SER A 54 21.44 0.92 44.78
N TYR A 55 21.28 -0.36 45.15
CA TYR A 55 22.03 -0.94 46.27
C TYR A 55 23.33 -1.55 45.81
N ARG A 56 23.49 -1.79 44.50
CA ARG A 56 24.83 -2.32 43.99
C ARG A 56 25.99 -1.44 44.50
N GLY A 57 27.05 -2.05 44.96
CA GLY A 57 28.18 -1.32 45.56
C GLY A 57 27.89 -0.55 46.85
N ARG A 58 26.71 -0.68 47.40
CA ARG A 58 26.37 0.07 48.54
C ARG A 58 26.55 -0.79 49.77
N GLU A 59 27.28 -0.28 50.77
CA GLU A 59 27.47 -0.97 52.03
C GLU A 59 26.26 -0.81 52.91
N ILE A 60 25.64 -1.90 53.32
CA ILE A 60 24.35 -1.80 54.05
C ILE A 60 23.94 -3.19 54.53
N LEU A 61 23.38 -3.28 55.73
CA LEU A 61 22.90 -4.57 56.24
C LEU A 61 21.58 -4.81 55.58
N HIS A 62 21.18 -6.07 55.47
CA HIS A 62 19.93 -6.45 54.84
C HIS A 62 18.73 -5.93 55.57
N GLU A 63 18.85 -5.78 56.88
CA GLU A 63 17.79 -5.28 57.73
C GLU A 63 17.57 -3.82 57.37
N GLU A 64 18.66 -3.11 57.11
CA GLU A 64 18.65 -1.71 56.69
C GLU A 64 18.03 -1.53 55.29
N LEU A 65 18.34 -2.45 54.40
CA LEU A 65 17.88 -2.41 53.04
C LEU A 65 16.33 -2.57 52.95
N ALA A 66 15.79 -3.63 53.55
CA ALA A 66 14.35 -3.82 53.59
C ALA A 66 13.68 -2.52 53.96
N VAL A 67 14.22 -1.82 54.94
CA VAL A 67 13.67 -0.59 55.45
C VAL A 67 13.99 0.58 54.55
N ASP A 68 15.18 0.66 54.01
CA ASP A 68 15.45 1.71 53.05
C ASP A 68 14.49 1.67 51.85
N LEU A 69 14.22 0.46 51.38
CA LEU A 69 13.49 0.26 50.13
C LEU A 69 12.04 0.49 50.37
N LEU A 70 11.59 0.13 51.58
CA LEU A 70 10.24 0.43 52.02
C LEU A 70 9.95 1.91 51.93
N GLU A 71 10.88 2.71 52.43
CA GLU A 71 10.70 4.15 52.48
C GLU A 71 10.57 4.63 51.05
N LYS A 72 11.42 4.12 50.17
CA LYS A 72 11.37 4.52 48.76
C LYS A 72 10.03 4.29 48.10
N VAL A 73 9.50 3.09 48.27
CA VAL A 73 8.21 2.74 47.69
C VAL A 73 7.12 3.66 48.25
N LYS A 74 7.11 3.90 49.54
CA LYS A 74 6.23 4.93 50.08
C LYS A 74 6.37 6.29 49.39
N ALA A 75 7.60 6.77 49.23
CA ALA A 75 7.78 8.13 48.68
C ALA A 75 7.30 8.19 47.26
N ALA A 76 7.28 7.06 46.56
CA ALA A 76 7.03 7.02 45.15
C ALA A 76 5.57 6.88 44.79
N VAL A 77 4.89 5.91 45.40
CA VAL A 77 3.48 5.68 45.13
C VAL A 77 2.62 5.77 46.39
N ASN A 78 3.23 6.11 47.50
CA ASN A 78 2.47 6.35 48.70
C ASN A 78 1.23 5.47 48.93
N PRO A 79 1.41 4.14 48.91
CA PRO A 79 0.28 3.26 49.07
C PRO A 79 -0.09 3.04 50.55
N PRO A 80 -1.38 2.71 50.82
CA PRO A 80 -1.79 2.49 52.20
C PRO A 80 -1.20 1.21 52.82
N TYR A 81 -0.65 0.31 52.03
CA TYR A 81 0.03 -0.85 52.62
C TYR A 81 1.21 -1.30 51.81
N VAL A 82 2.35 -1.52 52.48
CA VAL A 82 3.55 -1.99 51.77
C VAL A 82 4.33 -2.98 52.58
N LYS A 83 4.72 -4.08 51.95
CA LYS A 83 5.58 -5.08 52.60
C LYS A 83 6.78 -5.40 51.73
N VAL A 84 7.95 -5.18 52.28
CA VAL A 84 9.19 -5.45 51.59
C VAL A 84 9.80 -6.66 52.23
N THR A 85 10.18 -7.65 51.42
CA THR A 85 10.91 -8.84 51.92
C THR A 85 12.23 -9.03 51.22
N VAL A 86 13.32 -9.04 51.97
CA VAL A 86 14.69 -9.30 51.49
C VAL A 86 15.10 -10.69 51.95
N LYS A 87 15.74 -11.48 51.08
CA LYS A 87 16.21 -12.89 51.32
C LYS A 87 17.64 -13.05 50.90
N SER A 88 18.48 -13.59 51.74
CA SER A 88 19.91 -13.55 51.50
C SER A 88 20.55 -14.73 52.18
N TYR A 89 21.87 -14.79 52.17
CA TYR A 89 22.62 -16.00 52.55
C TYR A 89 24.01 -15.51 52.85
N TYR A 90 24.47 -15.58 54.09
CA TYR A 90 25.80 -15.16 54.50
C TYR A 90 26.40 -16.20 55.45
N ILE A 91 27.57 -16.69 55.06
CA ILE A 91 28.37 -17.56 55.84
C ILE A 91 27.57 -18.69 56.47
N GLY A 92 26.73 -19.29 55.63
CA GLY A 92 26.02 -20.53 55.93
C GLY A 92 24.73 -20.23 56.63
N VAL A 93 24.33 -18.96 56.61
CA VAL A 93 23.10 -18.54 57.27
C VAL A 93 22.10 -18.05 56.27
N GLU A 94 20.93 -18.66 56.21
CA GLU A 94 19.81 -18.07 55.43
C GLU A 94 19.16 -16.98 56.21
N VAL A 95 18.86 -15.87 55.54
CA VAL A 95 18.40 -14.64 56.14
C VAL A 95 17.14 -14.18 55.48
N GLU A 96 16.11 -13.85 56.27
CA GLU A 96 14.96 -13.07 55.76
C GLU A 96 14.70 -11.88 56.58
N VAL A 97 14.45 -10.76 55.94
CA VAL A 97 13.97 -9.57 56.64
C VAL A 97 12.62 -9.14 56.06
N VAL A 98 11.68 -8.73 56.91
CA VAL A 98 10.43 -8.17 56.42
C VAL A 98 10.21 -6.78 56.99
N ALA A 99 9.74 -5.85 56.17
CA ALA A 99 9.40 -4.52 56.65
C ALA A 99 8.04 -4.17 56.13
N GLU A 100 7.21 -3.62 57.01
CA GLU A 100 5.78 -3.35 56.76
C GLU A 100 5.36 -1.95 57.21
N SER A 101 4.29 -1.45 56.60
CA SER A 101 3.78 -0.13 56.89
C SER A 101 2.35 -0.07 56.47
N GLY A 102 1.44 0.42 57.31
CA GLY A 102 -0.01 0.42 57.03
C GLY A 102 -0.65 -0.95 57.29
N GLY A 103 -1.88 -1.10 56.82
CA GLY A 103 -2.66 -2.34 56.97
C GLY A 103 -3.63 -2.46 55.81
N VAL A 104 -4.30 -3.61 55.73
CA VAL A 104 -5.32 -3.93 54.70
C VAL A 104 -6.61 -3.06 54.99
N PRO A 105 -6.73 -1.81 54.41
CA PRO A 105 -7.81 -0.89 54.86
C PRO A 105 -9.22 -1.47 54.81
N MSE B 1 -5.37 16.18 -52.20
CA MSE B 1 -4.43 16.01 -53.36
C MSE B 1 -3.59 17.29 -53.58
O MSE B 1 -3.95 18.16 -54.37
CB MSE B 1 -5.34 15.61 -54.53
CG MSE B 1 -4.87 14.38 -55.33
SE MSE B 1 -3.95 14.96 -56.99
CE MSE B 1 -5.42 15.88 -57.95
N LEU B 2 -2.44 17.38 -52.88
CA LEU B 2 -1.55 18.58 -52.88
C LEU B 2 -0.09 18.30 -53.33
N LYS B 3 0.56 19.36 -53.83
CA LYS B 3 1.84 19.32 -54.57
C LYS B 3 3.00 19.50 -53.60
N VAL B 4 3.85 18.49 -53.47
CA VAL B 4 4.97 18.46 -52.50
C VAL B 4 6.25 18.08 -53.26
N SER B 5 7.11 19.07 -53.49
CA SER B 5 8.41 18.90 -54.18
C SER B 5 9.25 17.68 -53.69
N LYS B 6 9.79 17.71 -52.46
CA LYS B 6 10.41 16.50 -51.85
C LYS B 6 9.39 15.92 -50.87
N SER B 7 9.12 14.61 -50.95
CA SER B 7 8.04 13.95 -50.14
C SER B 7 8.55 13.51 -48.78
N PRO B 8 7.71 13.63 -47.73
CA PRO B 8 8.09 13.07 -46.41
C PRO B 8 8.09 11.59 -46.36
N SER B 9 8.69 11.00 -45.36
CA SER B 9 8.66 9.55 -45.12
C SER B 9 7.28 8.96 -44.84
N LEU B 10 6.47 9.71 -44.07
CA LEU B 10 5.23 9.22 -43.49
C LEU B 10 4.29 10.33 -43.00
N VAL B 11 3.00 10.13 -43.14
CA VAL B 11 2.02 11.06 -42.64
C VAL B 11 0.91 10.31 -41.92
N ARG B 12 0.48 10.81 -40.76
CA ARG B 12 -0.64 10.24 -40.02
C ARG B 12 -1.72 11.28 -39.89
N LEU B 13 -2.91 10.92 -40.29
CA LEU B 13 -4.05 11.72 -40.05
C LEU B 13 -5.03 10.98 -39.15
N LYS B 14 -5.75 11.74 -38.33
CA LYS B 14 -6.69 11.18 -37.44
C LYS B 14 -7.80 12.14 -37.09
N THR B 15 -9.02 11.64 -37.11
CA THR B 15 -10.21 12.40 -36.83
C THR B 15 -11.32 11.46 -36.36
N ARG B 16 -12.48 12.02 -36.06
CA ARG B 16 -13.64 11.28 -35.53
C ARG B 16 -14.74 11.33 -36.58
N GLY B 17 -15.54 10.27 -36.68
CA GLY B 17 -16.62 10.15 -37.64
C GLY B 17 -17.79 9.39 -37.06
N GLU B 18 -18.85 9.34 -37.84
CA GLU B 18 -20.11 8.71 -37.49
C GLU B 18 -20.46 7.81 -38.66
N SER B 19 -20.96 6.62 -38.38
CA SER B 19 -21.60 5.80 -39.40
C SER B 19 -22.92 5.25 -38.86
N VAL B 20 -23.51 4.27 -39.55
CA VAL B 20 -24.71 3.61 -39.05
C VAL B 20 -24.45 2.14 -38.97
N CYS B 21 -24.70 1.53 -37.81
CA CYS B 21 -24.60 0.04 -37.62
C CYS B 21 -25.58 -0.70 -38.53
N PRO B 22 -25.12 -1.70 -39.30
CA PRO B 22 -26.05 -2.45 -40.12
C PRO B 22 -27.14 -3.17 -39.37
N ILE B 23 -26.85 -3.69 -38.21
CA ILE B 23 -27.72 -4.57 -37.46
C ILE B 23 -28.81 -3.72 -36.78
N SER B 24 -28.41 -2.90 -35.82
CA SER B 24 -29.36 -2.10 -35.04
C SER B 24 -29.87 -0.86 -35.78
N LYS B 25 -29.18 -0.42 -36.85
CA LYS B 25 -29.42 0.86 -37.56
C LYS B 25 -29.22 2.04 -36.68
N THR B 26 -28.40 1.91 -35.66
CA THR B 26 -28.13 3.02 -34.79
C THR B 26 -26.88 3.72 -35.29
N VAL B 27 -26.78 4.96 -34.87
CA VAL B 27 -25.61 5.73 -35.21
C VAL B 27 -24.41 5.19 -34.39
N ASP B 28 -23.31 4.98 -35.08
CA ASP B 28 -22.04 4.65 -34.42
C ASP B 28 -21.11 5.80 -34.56
N SER B 29 -20.33 6.03 -33.54
CA SER B 29 -19.32 7.05 -33.59
C SER B 29 -17.95 6.31 -33.63
N PHE B 30 -17.01 6.82 -34.39
CA PHE B 30 -15.71 6.15 -34.40
C PHE B 30 -14.53 7.12 -34.50
N GLU B 31 -13.36 6.59 -34.20
CA GLU B 31 -12.13 7.26 -34.51
C GLU B 31 -11.43 6.47 -35.63
N VAL B 32 -10.82 7.17 -36.56
CA VAL B 32 -10.06 6.56 -37.61
C VAL B 32 -8.76 7.31 -37.86
N SER B 33 -7.70 6.58 -38.14
CA SER B 33 -6.39 7.10 -38.52
C SER B 33 -6.12 6.61 -39.85
N VAL B 34 -5.27 7.32 -40.55
CA VAL B 34 -4.66 6.86 -41.79
C VAL B 34 -3.21 7.23 -41.67
N GLU B 35 -2.34 6.29 -42.04
CA GLU B 35 -0.89 6.41 -42.02
C GLU B 35 -0.46 6.03 -43.42
N TYR B 36 0.27 6.87 -44.10
CA TYR B 36 0.65 6.56 -45.48
C TYR B 36 2.00 7.17 -45.84
N ILE B 37 2.58 6.67 -46.94
CA ILE B 37 3.89 7.10 -47.46
C ILE B 37 3.61 7.92 -48.73
N PRO B 38 3.74 9.25 -48.65
CA PRO B 38 3.44 10.02 -49.84
C PRO B 38 4.43 9.77 -50.93
N ARG B 39 3.90 9.51 -52.14
CA ARG B 39 4.68 9.30 -53.37
C ARG B 39 4.53 10.55 -54.21
N GLY B 40 5.29 11.61 -53.94
CA GLY B 40 5.03 12.91 -54.63
C GLY B 40 3.79 13.72 -54.17
N ALA B 41 2.58 13.11 -54.17
CA ALA B 41 1.31 13.83 -53.82
C ALA B 41 0.78 13.52 -52.43
N VAL B 42 0.54 14.57 -51.66
CA VAL B 42 0.03 14.52 -50.30
C VAL B 42 -1.49 14.74 -50.22
N LEU B 43 -2.21 13.98 -49.43
CA LEU B 43 -3.66 14.14 -49.29
C LEU B 43 -4.03 15.32 -48.41
N ALA B 44 -4.98 16.11 -48.88
CA ALA B 44 -5.29 17.38 -48.22
C ALA B 44 -6.15 17.03 -47.04
N ILE B 45 -6.04 17.83 -46.00
CA ILE B 45 -6.74 17.54 -44.79
C ILE B 45 -8.24 17.62 -45.09
N GLU B 46 -8.57 18.52 -45.99
CA GLU B 46 -9.95 18.76 -46.37
C GLU B 46 -10.47 17.53 -47.11
N GLU B 47 -9.70 16.96 -48.04
CA GLU B 47 -10.16 15.79 -48.74
CA GLU B 47 -10.11 15.73 -48.74
C GLU B 47 -10.27 14.64 -47.70
N PHE B 48 -9.32 14.54 -46.76
CA PHE B 48 -9.39 13.46 -45.80
C PHE B 48 -10.71 13.53 -45.06
N LYS B 49 -10.97 14.71 -44.53
CA LYS B 49 -12.17 14.96 -43.73
C LYS B 49 -13.44 14.63 -44.49
N LYS B 50 -13.43 14.97 -45.77
CA LYS B 50 -14.54 14.70 -46.67
C LYS B 50 -14.82 13.19 -46.85
N MSE B 51 -13.73 12.41 -46.97
CA MSE B 51 -13.77 10.98 -47.09
C MSE B 51 -14.42 10.43 -45.88
O MSE B 51 -15.40 9.70 -45.99
CB MSE B 51 -12.39 10.41 -47.23
CG MSE B 51 -11.78 10.76 -48.59
SE MSE B 51 -9.98 10.00 -48.51
CE MSE B 51 -9.37 10.47 -50.30
N VAL B 52 -13.97 10.86 -44.72
CA VAL B 52 -14.49 10.38 -43.44
C VAL B 52 -15.93 10.82 -43.25
N ASP B 53 -16.25 12.05 -43.65
CA ASP B 53 -17.62 12.55 -43.45
C ASP B 53 -18.63 11.89 -44.38
N SER B 54 -18.15 11.23 -45.44
CA SER B 54 -19.00 10.52 -46.38
C SER B 54 -19.61 9.27 -45.84
N TYR B 55 -19.20 8.78 -44.67
CA TYR B 55 -19.81 7.56 -44.09
C TYR B 55 -21.02 7.86 -43.18
N ARG B 56 -21.27 9.14 -42.88
CA ARG B 56 -22.45 9.49 -42.05
C ARG B 56 -23.68 8.94 -42.77
N GLY B 57 -24.61 8.40 -42.04
CA GLY B 57 -25.82 7.89 -42.72
C GLY B 57 -25.65 6.64 -43.60
N ARG B 58 -24.46 6.08 -43.66
CA ARG B 58 -24.17 4.90 -44.35
C ARG B 58 -24.11 3.71 -43.43
N GLU B 59 -24.57 2.57 -43.92
CA GLU B 59 -24.77 1.42 -43.03
C GLU B 59 -23.65 0.53 -43.40
N ILE B 60 -22.68 0.41 -42.52
CA ILE B 60 -21.45 -0.30 -42.88
C ILE B 60 -20.80 -0.79 -41.61
N LEU B 61 -20.28 -2.01 -41.61
CA LEU B 61 -19.48 -2.58 -40.50
C LEU B 61 -18.20 -1.84 -40.37
N HIS B 62 -17.66 -1.75 -39.14
CA HIS B 62 -16.39 -1.07 -38.90
C HIS B 62 -15.37 -1.78 -39.66
N GLU B 63 -15.55 -3.09 -39.82
CA GLU B 63 -14.59 -3.86 -40.57
C GLU B 63 -14.54 -3.48 -42.05
N GLU B 64 -15.71 -3.26 -42.63
CA GLU B 64 -15.81 -2.75 -44.02
C GLU B 64 -15.37 -1.31 -44.15
N LEU B 65 -15.60 -0.49 -43.13
CA LEU B 65 -15.27 0.92 -43.23
C LEU B 65 -13.78 1.10 -43.38
N ALA B 66 -13.03 0.31 -42.63
CA ALA B 66 -11.59 0.39 -42.68
C ALA B 66 -11.07 0.00 -44.07
N VAL B 67 -11.66 -1.02 -44.68
CA VAL B 67 -11.29 -1.41 -46.05
C VAL B 67 -11.74 -0.36 -47.10
N ASP B 68 -12.88 0.26 -46.85
CA ASP B 68 -13.40 1.15 -47.82
C ASP B 68 -12.55 2.37 -47.84
N LEU B 69 -12.17 2.87 -46.67
CA LEU B 69 -11.38 4.11 -46.63
C LEU B 69 -9.95 3.91 -47.17
N LEU B 70 -9.45 2.68 -47.09
CA LEU B 70 -8.15 2.38 -47.55
C LEU B 70 -8.09 2.49 -49.06
N GLU B 71 -9.10 1.92 -49.70
CA GLU B 71 -9.22 2.01 -51.14
C GLU B 71 -9.36 3.47 -51.59
N LYS B 72 -10.23 4.24 -50.90
CA LYS B 72 -10.37 5.66 -51.18
C LYS B 72 -9.02 6.37 -51.15
N VAL B 73 -8.22 6.07 -50.12
CA VAL B 73 -6.90 6.66 -50.05
C VAL B 73 -6.02 6.18 -51.23
N LYS B 74 -6.07 4.89 -51.56
CA LYS B 74 -5.31 4.39 -52.72
C LYS B 74 -5.72 5.12 -54.00
N ALA B 75 -7.03 5.24 -54.23
CA ALA B 75 -7.50 5.88 -55.46
C ALA B 75 -7.14 7.37 -55.46
N ALA B 76 -7.21 8.05 -54.34
CA ALA B 76 -6.90 9.48 -54.32
C ALA B 76 -5.42 9.82 -54.43
N VAL B 77 -4.52 9.04 -53.83
CA VAL B 77 -3.09 9.39 -53.86
C VAL B 77 -2.09 8.25 -54.06
N ASN B 78 -2.58 7.08 -54.46
CA ASN B 78 -1.73 5.89 -54.74
C ASN B 78 -0.39 5.83 -53.99
N PRO B 79 -0.40 5.59 -52.66
CA PRO B 79 0.85 5.50 -51.93
C PRO B 79 1.37 4.04 -51.90
N PRO B 80 2.71 3.89 -51.84
CA PRO B 80 3.25 2.54 -51.72
C PRO B 80 2.93 1.85 -50.40
N TYR B 81 2.56 2.60 -49.35
CA TYR B 81 2.08 2.10 -48.04
C TYR B 81 0.89 2.88 -47.46
N VAL B 82 -0.11 2.15 -46.97
CA VAL B 82 -1.25 2.74 -46.28
C VAL B 82 -1.75 1.81 -45.19
N LYS B 83 -2.04 2.38 -44.05
CA LYS B 83 -2.63 1.67 -42.93
C LYS B 83 -3.71 2.53 -42.40
N VAL B 84 -4.93 1.96 -42.38
CA VAL B 84 -6.10 2.59 -41.82
C VAL B 84 -6.47 1.87 -40.52
N THR B 85 -6.70 2.64 -39.45
CA THR B 85 -7.13 2.06 -38.20
C THR B 85 -8.42 2.65 -37.85
N VAL B 86 -9.40 1.83 -37.46
CA VAL B 86 -10.75 2.32 -37.09
C VAL B 86 -11.00 1.84 -35.70
N LYS B 87 -11.49 2.74 -34.85
CA LYS B 87 -11.74 2.44 -33.40
C LYS B 87 -13.12 2.87 -33.01
N SER B 88 -13.77 2.06 -32.21
CA SER B 88 -15.14 2.31 -31.84
C SER B 88 -15.64 1.49 -30.63
N TYR B 89 -16.87 1.75 -30.23
CA TYR B 89 -17.51 1.17 -29.03
C TYR B 89 -18.93 0.83 -29.36
N TYR B 90 -19.32 -0.41 -29.15
CA TYR B 90 -20.68 -0.83 -29.35
C TYR B 90 -21.05 -1.95 -28.34
N ILE B 91 -22.10 -1.68 -27.60
CA ILE B 91 -22.69 -2.60 -26.65
C ILE B 91 -21.71 -3.17 -25.63
N GLY B 92 -20.82 -2.32 -25.18
CA GLY B 92 -19.95 -2.69 -24.11
C GLY B 92 -18.71 -3.31 -24.66
N VAL B 93 -18.47 -3.16 -25.96
CA VAL B 93 -17.30 -3.80 -26.62
C VAL B 93 -16.44 -2.76 -27.34
N GLU B 94 -15.16 -2.66 -26.96
CA GLU B 94 -14.20 -1.79 -27.71
C GLU B 94 -13.75 -2.52 -28.98
N VAL B 95 -13.71 -1.83 -30.11
CA VAL B 95 -13.39 -2.43 -31.44
C VAL B 95 -12.23 -1.68 -32.08
N GLU B 96 -11.21 -2.39 -32.50
CA GLU B 96 -10.18 -1.84 -33.38
C GLU B 96 -10.13 -2.65 -34.65
N VAL B 97 -10.02 -1.99 -35.81
CA VAL B 97 -9.87 -2.68 -37.10
C VAL B 97 -8.71 -2.07 -37.85
N VAL B 98 -7.82 -2.88 -38.40
CA VAL B 98 -6.70 -2.37 -39.17
C VAL B 98 -6.78 -2.93 -40.54
N ALA B 99 -6.66 -2.08 -41.52
CA ALA B 99 -6.53 -2.48 -42.92
C ALA B 99 -5.25 -1.82 -43.43
N GLU B 100 -4.49 -2.52 -44.24
CA GLU B 100 -3.10 -2.16 -44.50
C GLU B 100 -2.75 -2.57 -45.90
N SER B 101 -1.87 -1.86 -46.59
CA SER B 101 -1.44 -2.38 -47.91
C SER B 101 -0.13 -1.84 -48.34
N GLY B 102 0.55 -2.63 -49.17
CA GLY B 102 1.92 -2.33 -49.56
C GLY B 102 2.91 -2.37 -48.41
N GLY B 103 3.84 -1.42 -48.43
CA GLY B 103 5.04 -1.47 -47.62
C GLY B 103 6.22 -0.77 -48.27
N VAL B 104 7.29 -0.56 -47.51
CA VAL B 104 8.60 -0.16 -48.07
C VAL B 104 9.28 -1.48 -48.48
N PRO B 105 9.56 -1.68 -49.76
CA PRO B 105 10.35 -2.91 -50.06
C PRO B 105 11.77 -2.90 -49.44
N PRO B 106 12.36 -4.09 -49.17
CA PRO B 106 13.72 -4.19 -48.60
C PRO B 106 14.78 -3.91 -49.66
N VAL B 107 15.98 -3.48 -49.23
CA VAL B 107 17.01 -3.04 -50.17
C VAL B 107 18.34 -3.71 -49.89
N TYR B 108 18.80 -4.54 -50.83
CA TYR B 108 20.16 -5.11 -50.81
C TYR B 108 20.76 -5.17 -52.19
N ILE B 109 21.97 -4.66 -52.38
CA ILE B 109 22.87 -5.09 -53.49
C ILE B 109 22.63 -6.58 -53.91
N MSE C 1 43.23 -14.79 38.67
CA MSE C 1 43.79 -16.14 38.33
C MSE C 1 44.73 -16.63 39.42
O MSE C 1 45.87 -16.17 39.52
CB MSE C 1 44.48 -16.09 36.98
CG MSE C 1 44.91 -17.48 36.50
SE MSE C 1 46.35 -17.36 35.15
CE MSE C 1 45.98 -18.64 33.70
N LEU C 2 44.24 -17.57 40.23
CA LEU C 2 44.97 -18.11 41.38
C LEU C 2 45.59 -19.48 41.07
N LYS C 3 46.86 -19.68 41.43
CA LYS C 3 47.61 -20.91 41.10
C LYS C 3 47.61 -21.98 42.23
N VAL C 4 46.90 -23.10 42.01
CA VAL C 4 46.87 -24.27 42.91
C VAL C 4 48.04 -25.16 42.52
N SER C 5 48.46 -26.08 43.40
CA SER C 5 49.44 -27.12 43.00
C SER C 5 48.77 -28.15 42.06
N LYS C 6 48.06 -29.14 42.63
CA LYS C 6 47.30 -30.09 41.82
C LYS C 6 45.95 -29.45 41.43
N SER C 7 45.68 -29.47 40.13
CA SER C 7 44.46 -28.92 39.57
C SER C 7 43.32 -29.90 39.85
N PRO C 8 42.07 -29.43 40.04
CA PRO C 8 40.95 -30.35 40.10
C PRO C 8 40.67 -30.83 38.73
N SER C 9 39.71 -31.73 38.56
CA SER C 9 39.38 -32.31 37.28
C SER C 9 38.42 -31.47 36.53
N LEU C 10 37.52 -30.81 37.27
CA LEU C 10 36.39 -30.08 36.68
C LEU C 10 35.94 -28.97 37.65
N VAL C 11 35.61 -27.77 37.15
CA VAL C 11 34.99 -26.67 37.93
C VAL C 11 33.80 -26.13 37.16
N ARG C 12 32.65 -25.98 37.83
CA ARG C 12 31.52 -25.24 37.29
C ARG C 12 31.37 -24.00 38.17
N LEU C 13 31.08 -22.88 37.52
CA LEU C 13 30.66 -21.70 38.18
C LEU C 13 29.34 -21.24 37.58
N LYS C 14 28.42 -20.74 38.39
CA LYS C 14 27.14 -20.36 37.92
C LYS C 14 26.61 -19.15 38.67
N THR C 15 26.04 -18.23 37.92
CA THR C 15 25.51 -17.01 38.47
C THR C 15 24.51 -16.32 37.50
N ARG C 16 23.95 -15.20 37.96
CA ARG C 16 23.00 -14.40 37.24
C ARG C 16 23.64 -13.13 36.72
N GLY C 17 23.17 -12.69 35.58
CA GLY C 17 23.55 -11.44 35.05
C GLY C 17 22.45 -10.85 34.26
N GLU C 18 22.79 -9.72 33.65
CA GLU C 18 21.96 -8.94 32.76
C GLU C 18 22.72 -8.40 31.55
N SER C 19 21.94 -8.14 30.51
CA SER C 19 22.37 -7.51 29.28
C SER C 19 21.18 -6.66 28.71
N VAL C 20 21.31 -6.10 27.52
CA VAL C 20 20.24 -5.41 26.83
C VAL C 20 19.99 -6.24 25.61
N CYS C 21 18.73 -6.39 25.24
CA CYS C 21 18.32 -7.06 24.00
C CYS C 21 18.41 -6.07 22.83
N PRO C 22 19.17 -6.38 21.78
CA PRO C 22 19.36 -5.42 20.66
C PRO C 22 18.07 -4.94 20.01
N ILE C 23 17.19 -5.91 19.80
CA ILE C 23 15.94 -5.71 19.06
C ILE C 23 15.13 -4.57 19.68
N SER C 24 15.02 -4.55 21.00
CA SER C 24 14.04 -3.72 21.71
C SER C 24 14.59 -2.83 22.78
N LYS C 25 15.89 -2.96 23.08
CA LYS C 25 16.59 -2.14 24.08
C LYS C 25 16.12 -2.32 25.52
N THR C 26 15.39 -3.39 25.81
CA THR C 26 15.00 -3.73 27.16
C THR C 26 16.10 -4.63 27.75
N VAL C 27 16.16 -4.64 29.07
CA VAL C 27 17.05 -5.51 29.83
C VAL C 27 16.69 -7.00 29.77
N ASP C 28 17.71 -7.84 29.53
CA ASP C 28 17.57 -9.28 29.56
C ASP C 28 18.21 -9.79 30.82
N SER C 29 17.50 -10.61 31.59
CA SER C 29 18.05 -11.26 32.77
C SER C 29 18.43 -12.61 32.37
N PHE C 30 19.59 -13.08 32.75
CA PHE C 30 20.01 -14.47 32.39
C PHE C 30 20.77 -15.20 33.50
N GLU C 31 20.81 -16.50 33.38
CA GLU C 31 21.59 -17.39 34.21
C GLU C 31 22.70 -17.93 33.32
N VAL C 32 23.91 -17.98 33.83
CA VAL C 32 25.05 -18.43 33.06
C VAL C 32 25.94 -19.38 33.85
N SER C 33 26.36 -20.50 33.26
CA SER C 33 27.34 -21.44 33.84
C SER C 33 28.53 -21.54 32.93
N VAL C 34 29.70 -21.72 33.52
CA VAL C 34 30.90 -22.05 32.83
C VAL C 34 31.43 -23.31 33.49
N GLU C 35 31.70 -24.30 32.69
CA GLU C 35 32.27 -25.52 33.18
C GLU C 35 33.62 -25.71 32.47
N TYR C 36 34.68 -26.02 33.18
CA TYR C 36 36.01 -25.98 32.56
C TYR C 36 36.98 -26.93 33.23
N ILE C 37 37.91 -27.49 32.44
CA ILE C 37 38.95 -28.37 33.01
C ILE C 37 40.16 -27.51 33.34
N PRO C 38 40.55 -27.40 34.59
CA PRO C 38 41.70 -26.56 34.83
C PRO C 38 43.05 -27.14 34.34
N ARG C 39 43.99 -26.25 34.03
CA ARG C 39 45.41 -26.59 33.80
C ARG C 39 46.33 -25.58 34.54
N GLY C 40 46.82 -25.96 35.71
CA GLY C 40 47.65 -25.05 36.54
C GLY C 40 46.85 -23.94 37.23
N ALA C 41 46.09 -23.20 36.43
CA ALA C 41 45.30 -22.05 36.91
C ALA C 41 43.84 -22.37 37.13
N VAL C 42 43.29 -21.59 38.06
CA VAL C 42 41.89 -21.61 38.36
C VAL C 42 41.33 -20.20 38.37
N LEU C 43 40.18 -20.02 37.73
CA LEU C 43 39.56 -18.71 37.58
C LEU C 43 39.03 -18.25 38.94
N ALA C 44 39.43 -17.06 39.35
CA ALA C 44 38.88 -16.52 40.60
C ALA C 44 37.42 -16.17 40.41
N ILE C 45 36.66 -16.41 41.46
CA ILE C 45 35.27 -16.18 41.39
C ILE C 45 35.03 -14.70 41.21
N GLU C 46 35.80 -13.88 41.89
CA GLU C 46 35.68 -12.42 41.70
C GLU C 46 35.83 -12.02 40.22
N GLU C 47 36.78 -12.69 39.52
CA GLU C 47 37.10 -12.41 38.14
C GLU C 47 35.97 -12.88 37.20
N PHE C 48 35.35 -13.98 37.57
CA PHE C 48 34.23 -14.50 36.82
C PHE C 48 33.02 -13.57 37.00
N LYS C 49 32.75 -13.21 38.24
CA LYS C 49 31.72 -12.24 38.53
C LYS C 49 31.86 -10.94 37.72
N LYS C 50 33.08 -10.48 37.53
CA LYS C 50 33.37 -9.30 36.73
C LYS C 50 33.16 -9.55 35.26
N MSE C 51 33.53 -10.74 34.81
CA MSE C 51 33.23 -11.14 33.41
C MSE C 51 31.76 -11.03 33.11
O MSE C 51 31.40 -10.25 32.29
CB MSE C 51 33.83 -12.44 32.96
CG MSE C 51 35.35 -12.41 32.80
SE MSE C 51 35.75 -14.34 32.73
CE MSE C 51 37.69 -14.31 32.51
N VAL C 52 30.90 -11.70 33.88
CA VAL C 52 29.41 -11.65 33.71
C VAL C 52 28.86 -10.27 33.82
N ASP C 53 29.35 -9.54 34.81
CA ASP C 53 28.89 -8.18 35.09
C ASP C 53 29.20 -7.17 34.02
N SER C 54 30.26 -7.36 33.26
CA SER C 54 30.64 -6.46 32.15
C SER C 54 29.61 -6.36 31.06
N TYR C 55 28.69 -7.32 30.98
CA TYR C 55 27.60 -7.30 29.98
C TYR C 55 26.41 -6.41 30.31
N ARG C 56 26.36 -5.90 31.53
CA ARG C 56 25.33 -4.98 31.96
C ARG C 56 25.36 -3.78 31.01
N GLY C 57 24.22 -3.33 30.51
CA GLY C 57 24.23 -2.23 29.56
C GLY C 57 24.62 -2.55 28.11
N ARG C 58 25.10 -3.76 27.87
CA ARG C 58 25.59 -4.11 26.56
C ARG C 58 24.55 -4.88 25.72
N GLU C 59 24.28 -4.39 24.53
CA GLU C 59 23.35 -5.00 23.57
C GLU C 59 24.03 -6.14 22.91
N ILE C 60 23.44 -7.30 23.07
CA ILE C 60 24.00 -8.51 22.58
C ILE C 60 22.93 -9.62 22.57
N LEU C 61 23.03 -10.52 21.62
CA LEU C 61 22.16 -11.71 21.62
C LEU C 61 22.66 -12.74 22.66
N HIS C 62 21.71 -13.46 23.26
CA HIS C 62 22.07 -14.54 24.18
C HIS C 62 23.13 -15.44 23.54
N GLU C 63 22.96 -15.72 22.24
CA GLU C 63 23.88 -16.58 21.49
C GLU C 63 25.28 -16.04 21.42
N GLU C 64 25.42 -14.75 21.24
CA GLU C 64 26.76 -14.13 21.06
C GLU C 64 27.47 -14.03 22.39
N LEU C 65 26.67 -13.77 23.42
CA LEU C 65 27.15 -13.77 24.80
C LEU C 65 27.78 -15.10 25.18
N ALA C 66 27.12 -16.21 24.87
CA ALA C 66 27.67 -17.50 25.28
C ALA C 66 29.05 -17.63 24.71
N VAL C 67 29.18 -17.19 23.48
CA VAL C 67 30.46 -17.29 22.79
C VAL C 67 31.49 -16.28 23.30
N ASP C 68 31.02 -15.07 23.56
CA ASP C 68 31.88 -14.04 24.07
C ASP C 68 32.47 -14.36 25.43
N LEU C 69 31.65 -14.87 26.32
CA LEU C 69 32.17 -15.27 27.63
C LEU C 69 33.10 -16.44 27.52
N LEU C 70 32.88 -17.31 26.55
CA LEU C 70 33.77 -18.47 26.38
C LEU C 70 35.14 -18.04 25.92
N GLU C 71 35.16 -17.13 24.96
CA GLU C 71 36.43 -16.56 24.52
C GLU C 71 37.15 -15.86 25.67
N LYS C 72 36.42 -15.25 26.61
CA LYS C 72 37.07 -14.61 27.72
C LYS C 72 37.73 -15.55 28.70
N VAL C 73 37.05 -16.66 28.94
CA VAL C 73 37.54 -17.67 29.87
C VAL C 73 38.70 -18.41 29.29
N LYS C 74 38.70 -18.69 27.98
CA LYS C 74 39.92 -19.29 27.35
C LYS C 74 41.10 -18.34 27.47
N ALA C 75 40.88 -17.06 27.19
CA ALA C 75 41.91 -16.03 27.31
C ALA C 75 42.35 -15.83 28.76
N ALA C 76 41.49 -15.98 29.73
CA ALA C 76 41.94 -15.76 31.09
C ALA C 76 42.76 -16.90 31.61
N VAL C 77 42.23 -18.13 31.49
CA VAL C 77 42.81 -19.29 32.14
C VAL C 77 43.10 -20.49 31.28
N ASN C 78 42.83 -20.38 29.98
CA ASN C 78 43.35 -21.30 28.97
C ASN C 78 43.17 -22.83 29.20
N PRO C 79 41.95 -23.25 29.59
CA PRO C 79 41.65 -24.65 29.83
C PRO C 79 41.57 -25.43 28.53
N PRO C 80 41.96 -26.72 28.54
CA PRO C 80 41.73 -27.56 27.35
C PRO C 80 40.25 -27.88 27.02
N TYR C 81 39.32 -27.68 27.96
CA TYR C 81 37.86 -27.78 27.67
C TYR C 81 37.09 -26.67 28.41
N VAL C 82 36.17 -26.00 27.73
CA VAL C 82 35.26 -25.01 28.35
C VAL C 82 33.88 -25.15 27.77
N LYS C 83 32.88 -25.19 28.63
CA LYS C 83 31.48 -25.11 28.22
C LYS C 83 30.77 -24.00 29.00
N VAL C 84 30.29 -23.00 28.26
CA VAL C 84 29.43 -21.97 28.75
C VAL C 84 28.01 -22.25 28.37
N THR C 85 27.07 -22.08 29.28
CA THR C 85 25.65 -22.19 29.00
C THR C 85 24.96 -20.93 29.50
N VAL C 86 24.09 -20.41 28.67
CA VAL C 86 23.37 -19.24 29.01
C VAL C 86 21.90 -19.60 28.96
N LYS C 87 21.18 -19.37 30.04
CA LYS C 87 19.75 -19.56 30.07
C LYS C 87 19.01 -18.28 30.36
N SER C 88 17.91 -18.11 29.64
CA SER C 88 17.13 -16.91 29.67
C SER C 88 15.69 -17.13 29.26
N TYR C 89 14.85 -16.13 29.41
CA TYR C 89 13.43 -16.18 29.03
C TYR C 89 13.18 -14.94 28.19
N TYR C 90 12.41 -14.98 27.11
CA TYR C 90 12.11 -13.72 26.42
C TYR C 90 10.78 -13.89 25.71
N ILE C 91 9.83 -13.01 26.01
CA ILE C 91 8.48 -13.03 25.38
C ILE C 91 7.81 -14.39 25.32
N GLY C 92 7.67 -15.02 26.49
CA GLY C 92 7.08 -16.39 26.58
C GLY C 92 7.95 -17.59 26.16
N VAL C 93 9.23 -17.35 25.89
CA VAL C 93 10.12 -18.41 25.40
C VAL C 93 11.33 -18.67 26.36
N GLU C 94 11.47 -19.94 26.78
CA GLU C 94 12.60 -20.41 27.54
C GLU C 94 13.75 -20.66 26.52
N VAL C 95 14.90 -20.04 26.72
CA VAL C 95 16.04 -20.20 25.84
C VAL C 95 17.30 -20.70 26.52
N GLU C 96 17.98 -21.68 25.94
CA GLU C 96 19.31 -22.14 26.41
C GLU C 96 20.27 -22.09 25.25
N VAL C 97 21.47 -21.56 25.52
CA VAL C 97 22.57 -21.58 24.55
C VAL C 97 23.75 -22.22 25.20
N VAL C 98 24.44 -23.11 24.46
CA VAL C 98 25.70 -23.67 24.89
C VAL C 98 26.74 -23.23 23.92
N ALA C 99 27.95 -22.94 24.38
CA ALA C 99 29.10 -22.78 23.53
C ALA C 99 30.26 -23.54 24.14
N GLU C 100 30.81 -24.54 23.43
CA GLU C 100 31.95 -25.30 23.92
C GLU C 100 33.17 -25.19 23.05
N SER C 101 34.34 -25.39 23.64
CA SER C 101 35.61 -25.38 22.92
C SER C 101 36.52 -26.44 23.46
N GLY C 102 36.96 -27.35 22.60
CA GLY C 102 37.96 -28.35 22.97
C GLY C 102 37.40 -29.73 23.30
N GLY C 103 38.15 -30.49 24.12
CA GLY C 103 37.96 -31.92 24.29
C GLY C 103 37.55 -32.42 25.67
N VAL C 104 36.39 -33.11 25.70
CA VAL C 104 35.81 -33.69 26.93
C VAL C 104 36.77 -34.67 27.63
N MSE D 1 -26.83 -7.18 3.84
CA MSE D 1 -27.41 -6.69 5.14
C MSE D 1 -26.61 -7.24 6.30
O MSE D 1 -26.99 -8.24 6.91
CB MSE D 1 -28.91 -7.01 5.24
CG MSE D 1 -29.77 -5.79 5.61
SE MSE D 1 -29.56 -5.25 7.51
CE MSE D 1 -30.22 -6.86 8.46
N LEU D 2 -25.48 -6.59 6.58
CA LEU D 2 -24.53 -7.00 7.63
C LEU D 2 -24.55 -5.98 8.77
N LYS D 3 -24.79 -6.45 10.00
CA LYS D 3 -24.81 -5.56 11.19
C LYS D 3 -23.40 -5.15 11.60
N VAL D 4 -23.20 -3.85 11.86
CA VAL D 4 -21.88 -3.29 12.20
C VAL D 4 -21.94 -2.46 13.50
N SER D 5 -20.97 -2.69 14.41
CA SER D 5 -21.00 -2.16 15.80
C SER D 5 -20.74 -0.65 15.88
N LYS D 6 -19.88 -0.14 14.99
CA LYS D 6 -19.58 1.30 14.91
C LYS D 6 -19.60 1.59 13.39
N SER D 7 -20.38 2.58 12.97
CA SER D 7 -20.55 2.88 11.55
C SER D 7 -19.53 3.87 10.95
N PRO D 8 -19.13 3.64 9.70
CA PRO D 8 -18.24 4.58 9.07
C PRO D 8 -19.01 5.79 8.62
N SER D 9 -18.32 6.87 8.28
CA SER D 9 -18.91 8.09 7.74
C SER D 9 -19.49 7.94 6.32
N LEU D 10 -18.93 7.06 5.50
CA LEU D 10 -19.29 6.98 4.09
C LEU D 10 -18.81 5.74 3.41
N VAL D 11 -19.59 5.19 2.51
CA VAL D 11 -19.23 4.00 1.79
C VAL D 11 -19.57 4.25 0.35
N ARG D 12 -18.61 4.00 -0.56
CA ARG D 12 -18.85 3.97 -1.99
C ARG D 12 -18.60 2.60 -2.53
N LEU D 13 -19.52 2.14 -3.35
CA LEU D 13 -19.34 0.92 -4.13
C LEU D 13 -19.47 1.27 -5.61
N LYS D 14 -18.59 0.72 -6.44
CA LYS D 14 -18.60 1.00 -7.89
C LYS D 14 -18.39 -0.28 -8.70
N THR D 15 -19.12 -0.39 -9.81
CA THR D 15 -19.09 -1.59 -10.64
C THR D 15 -19.71 -1.39 -12.02
N ARG D 16 -19.67 -2.42 -12.87
CA ARG D 16 -20.33 -2.35 -14.20
C ARG D 16 -21.61 -3.23 -14.36
N GLY D 17 -22.38 -2.93 -15.38
CA GLY D 17 -23.66 -3.55 -15.53
C GLY D 17 -24.16 -3.39 -16.92
N GLU D 18 -25.33 -3.98 -17.16
CA GLU D 18 -26.02 -3.88 -18.46
C GLU D 18 -27.51 -3.76 -18.27
N SER D 19 -28.13 -2.98 -19.13
CA SER D 19 -29.55 -2.98 -19.26
C SER D 19 -29.87 -3.05 -20.76
N VAL D 20 -31.11 -2.78 -21.11
CA VAL D 20 -31.52 -2.71 -22.50
C VAL D 20 -32.15 -1.33 -22.73
N CYS D 21 -31.72 -0.67 -23.81
CA CYS D 21 -32.23 0.66 -24.21
C CYS D 21 -33.62 0.45 -24.84
N PRO D 22 -34.72 0.98 -24.25
CA PRO D 22 -36.08 0.58 -24.72
C PRO D 22 -36.38 0.92 -26.18
N ILE D 23 -35.81 2.05 -26.61
CA ILE D 23 -36.01 2.64 -27.94
C ILE D 23 -35.71 1.59 -29.03
N SER D 24 -34.58 0.91 -28.89
CA SER D 24 -33.96 0.08 -29.94
C SER D 24 -33.64 -1.35 -29.50
N LYS D 25 -34.16 -1.78 -28.36
CA LYS D 25 -33.81 -3.05 -27.73
C LYS D 25 -32.29 -3.45 -27.75
N THR D 26 -31.37 -2.48 -27.84
CA THR D 26 -29.90 -2.80 -27.76
C THR D 26 -29.39 -2.88 -26.33
N VAL D 27 -28.31 -3.66 -26.18
CA VAL D 27 -27.69 -3.82 -24.88
C VAL D 27 -26.98 -2.51 -24.55
N ASP D 28 -27.32 -1.96 -23.38
CA ASP D 28 -26.73 -0.75 -22.80
C ASP D 28 -25.79 -1.20 -21.68
N SER D 29 -24.57 -0.69 -21.67
CA SER D 29 -23.53 -1.17 -20.77
C SER D 29 -23.22 0.04 -19.90
N PHE D 30 -23.13 -0.10 -18.59
CA PHE D 30 -22.89 1.08 -17.72
C PHE D 30 -22.02 0.86 -16.47
N GLU D 31 -21.36 1.91 -16.03
CA GLU D 31 -20.76 2.01 -14.71
C GLU D 31 -21.89 2.48 -13.81
N VAL D 32 -21.86 2.12 -12.53
CA VAL D 32 -22.74 2.72 -11.53
C VAL D 32 -22.11 2.78 -10.16
N SER D 33 -22.26 3.91 -9.46
CA SER D 33 -21.83 4.00 -8.05
C SER D 33 -22.97 4.27 -7.12
N VAL D 34 -22.93 3.63 -5.97
CA VAL D 34 -23.68 3.99 -4.78
C VAL D 34 -22.75 4.53 -3.64
N GLU D 35 -23.05 5.74 -3.25
CA GLU D 35 -22.39 6.46 -2.18
C GLU D 35 -23.46 6.54 -1.12
N TYR D 36 -23.16 6.22 0.14
CA TYR D 36 -24.16 6.32 1.18
C TYR D 36 -23.59 6.37 2.61
N ILE D 37 -24.36 6.87 3.54
CA ILE D 37 -24.00 6.94 4.93
C ILE D 37 -24.70 5.75 5.65
N PRO D 38 -23.93 4.75 6.13
CA PRO D 38 -24.47 3.66 6.90
C PRO D 38 -25.05 4.10 8.28
N ARG D 39 -26.23 3.55 8.63
CA ARG D 39 -26.87 3.76 9.93
C ARG D 39 -27.06 2.36 10.53
N GLY D 40 -25.98 1.80 11.04
CA GLY D 40 -26.02 0.57 11.83
C GLY D 40 -25.68 -0.62 10.99
N ALA D 41 -26.42 -0.76 9.89
CA ALA D 41 -26.16 -1.79 8.90
C ALA D 41 -25.60 -1.28 7.55
N VAL D 42 -24.80 -2.17 6.96
CA VAL D 42 -24.00 -1.96 5.78
C VAL D 42 -24.56 -2.84 4.68
N LEU D 43 -24.52 -2.33 3.46
CA LEU D 43 -24.87 -3.10 2.30
C LEU D 43 -23.75 -4.08 2.00
N ALA D 44 -24.11 -5.34 1.87
CA ALA D 44 -23.15 -6.38 1.49
C ALA D 44 -22.83 -6.21 0.03
N ILE D 45 -21.55 -6.35 -0.30
CA ILE D 45 -21.08 -6.25 -1.67
C ILE D 45 -21.83 -7.22 -2.61
N GLU D 46 -22.13 -8.43 -2.13
CA GLU D 46 -22.88 -9.45 -2.90
C GLU D 46 -24.33 -9.06 -3.16
N GLU D 47 -24.95 -8.32 -2.23
CA GLU D 47 -26.30 -7.84 -2.46
C GLU D 47 -26.28 -6.69 -3.48
N PHE D 48 -25.28 -5.80 -3.36
CA PHE D 48 -25.12 -4.67 -4.26
C PHE D 48 -24.95 -5.16 -5.65
N LYS D 49 -24.10 -6.17 -5.77
CA LYS D 49 -23.93 -6.85 -7.02
C LYS D 49 -25.23 -7.52 -7.58
N LYS D 50 -26.07 -8.12 -6.73
CA LYS D 50 -27.37 -8.68 -7.18
C LYS D 50 -28.31 -7.61 -7.68
N MSE D 51 -28.44 -6.53 -6.92
CA MSE D 51 -29.17 -5.36 -7.37
C MSE D 51 -28.78 -4.97 -8.77
O MSE D 51 -29.61 -4.90 -9.66
CB MSE D 51 -28.94 -4.21 -6.42
CG MSE D 51 -29.75 -4.33 -5.14
SE MSE D 51 -29.10 -2.88 -3.98
CE MSE D 51 -30.06 -3.37 -2.35
N VAL D 52 -27.49 -4.80 -9.01
CA VAL D 52 -27.04 -4.34 -10.30
C VAL D 52 -27.33 -5.35 -11.42
N ASP D 53 -27.16 -6.64 -11.15
CA ASP D 53 -27.44 -7.66 -12.14
C ASP D 53 -28.89 -7.84 -12.45
N SER D 54 -29.77 -7.41 -11.55
CA SER D 54 -31.20 -7.45 -11.79
C SER D 54 -31.61 -6.69 -13.02
N TYR D 55 -30.84 -5.68 -13.41
CA TYR D 55 -31.13 -4.92 -14.62
C TYR D 55 -30.75 -5.59 -15.94
N ARG D 56 -29.93 -6.65 -15.94
CA ARG D 56 -29.66 -7.40 -17.20
C ARG D 56 -30.97 -7.78 -17.88
N GLY D 57 -31.03 -7.60 -19.22
CA GLY D 57 -32.26 -7.87 -20.02
C GLY D 57 -33.49 -6.93 -19.85
N ARG D 58 -33.49 -6.10 -18.83
CA ARG D 58 -34.59 -5.24 -18.49
C ARG D 58 -34.54 -4.01 -19.34
N GLU D 59 -35.67 -3.58 -19.86
CA GLU D 59 -35.73 -2.37 -20.67
C GLU D 59 -35.94 -1.18 -19.78
N ILE D 60 -34.99 -0.26 -19.80
CA ILE D 60 -35.05 0.83 -18.86
C ILE D 60 -34.08 1.88 -19.29
N LEU D 61 -34.46 3.13 -19.03
CA LEU D 61 -33.60 4.23 -19.32
C LEU D 61 -32.63 4.35 -18.17
N HIS D 62 -31.46 4.87 -18.51
CA HIS D 62 -30.46 5.26 -17.53
C HIS D 62 -31.02 6.10 -16.40
N GLU D 63 -31.86 7.05 -16.74
CA GLU D 63 -32.38 7.98 -15.76
C GLU D 63 -33.36 7.28 -14.85
N GLU D 64 -34.01 6.24 -15.36
CA GLU D 64 -34.93 5.43 -14.56
C GLU D 64 -34.23 4.42 -13.68
N LEU D 65 -33.08 3.97 -14.14
CA LEU D 65 -32.27 3.00 -13.49
C LEU D 65 -31.61 3.62 -12.27
N ALA D 66 -31.05 4.82 -12.41
CA ALA D 66 -30.40 5.48 -11.29
C ALA D 66 -31.41 5.62 -10.18
N VAL D 67 -32.64 5.99 -10.52
CA VAL D 67 -33.70 6.10 -9.53
C VAL D 67 -34.24 4.77 -8.98
N ASP D 68 -34.42 3.76 -9.83
CA ASP D 68 -34.88 2.44 -9.38
C ASP D 68 -33.91 1.94 -8.34
N LEU D 69 -32.63 2.20 -8.55
CA LEU D 69 -31.61 1.62 -7.73
C LEU D 69 -31.41 2.37 -6.37
N LEU D 70 -31.60 3.69 -6.42
CA LEU D 70 -31.71 4.48 -5.25
C LEU D 70 -32.82 3.94 -4.33
N GLU D 71 -34.00 3.64 -4.88
CA GLU D 71 -35.10 3.09 -4.10
C GLU D 71 -34.68 1.72 -3.51
N LYS D 72 -34.00 0.90 -4.31
CA LYS D 72 -33.64 -0.43 -3.84
C LYS D 72 -32.69 -0.40 -2.64
N VAL D 73 -31.83 0.61 -2.64
CA VAL D 73 -30.86 0.81 -1.57
C VAL D 73 -31.50 1.47 -0.32
N LYS D 74 -32.48 2.32 -0.50
CA LYS D 74 -33.25 2.85 0.64
C LYS D 74 -34.01 1.69 1.35
N ALA D 75 -34.76 0.90 0.58
CA ALA D 75 -35.41 -0.33 1.06
C ALA D 75 -34.46 -1.28 1.84
N ALA D 76 -33.27 -1.54 1.35
CA ALA D 76 -32.41 -2.58 1.89
C ALA D 76 -31.58 -2.23 3.13
N VAL D 77 -31.05 -1.03 3.21
CA VAL D 77 -30.23 -0.62 4.35
C VAL D 77 -30.66 0.70 4.98
N ASN D 78 -31.68 1.37 4.42
CA ASN D 78 -32.25 2.65 4.89
C ASN D 78 -31.27 3.69 5.46
N PRO D 79 -30.46 4.29 4.59
CA PRO D 79 -29.47 5.25 5.04
C PRO D 79 -29.92 6.76 4.99
N PRO D 80 -29.43 7.61 5.91
CA PRO D 80 -29.81 9.00 5.82
C PRO D 80 -29.46 9.73 4.50
N TYR D 81 -28.41 9.30 3.80
CA TYR D 81 -27.97 9.85 2.53
C TYR D 81 -27.66 8.70 1.58
N VAL D 82 -28.08 8.81 0.34
CA VAL D 82 -27.66 7.86 -0.71
C VAL D 82 -27.45 8.60 -2.00
N LYS D 83 -26.43 8.25 -2.76
CA LYS D 83 -26.26 8.87 -4.04
C LYS D 83 -25.81 7.90 -5.07
N VAL D 84 -26.62 7.80 -6.13
CA VAL D 84 -26.47 6.82 -7.17
C VAL D 84 -26.10 7.53 -8.41
N THR D 85 -24.95 7.19 -9.01
CA THR D 85 -24.51 7.83 -10.27
C THR D 85 -24.37 6.76 -11.29
N VAL D 86 -25.02 6.96 -12.43
CA VAL D 86 -24.83 6.08 -13.56
C VAL D 86 -24.04 6.74 -14.69
N LYS D 87 -23.16 5.97 -15.32
CA LYS D 87 -22.40 6.47 -16.48
C LYS D 87 -22.45 5.53 -17.65
N SER D 88 -22.78 6.07 -18.80
CA SER D 88 -22.87 5.25 -19.99
C SER D 88 -22.60 6.04 -21.28
N TYR D 89 -22.94 5.45 -22.41
CA TYR D 89 -22.57 5.99 -23.70
C TYR D 89 -23.59 5.48 -24.73
N TYR D 90 -24.10 6.32 -25.61
CA TYR D 90 -25.05 5.85 -26.58
C TYR D 90 -25.02 6.79 -27.73
N ILE D 91 -24.86 6.23 -28.90
CA ILE D 91 -24.80 6.99 -30.13
C ILE D 91 -23.79 8.17 -30.07
N GLY D 92 -22.58 7.92 -29.56
CA GLY D 92 -21.57 9.00 -29.53
C GLY D 92 -21.75 10.09 -28.48
N VAL D 93 -22.63 9.82 -27.53
CA VAL D 93 -22.92 10.68 -26.44
C VAL D 93 -22.75 10.01 -25.08
N GLU D 94 -22.06 10.70 -24.17
CA GLU D 94 -21.81 10.23 -22.80
C GLU D 94 -22.85 10.70 -21.87
N VAL D 95 -23.32 9.81 -21.03
CA VAL D 95 -24.42 10.14 -20.16
C VAL D 95 -23.93 9.97 -18.78
N GLU D 96 -24.17 10.96 -17.91
CA GLU D 96 -24.17 10.71 -16.46
C GLU D 96 -25.50 11.04 -15.90
N VAL D 97 -26.01 10.20 -15.02
CA VAL D 97 -27.24 10.47 -14.31
C VAL D 97 -26.91 10.38 -12.82
N VAL D 98 -27.50 11.27 -12.02
CA VAL D 98 -27.31 11.27 -10.60
C VAL D 98 -28.68 11.36 -9.98
N ALA D 99 -28.91 10.52 -8.96
CA ALA D 99 -30.01 10.67 -8.04
C ALA D 99 -29.48 10.65 -6.60
N GLU D 100 -29.86 11.66 -5.79
CA GLU D 100 -29.59 11.75 -4.34
C GLU D 100 -30.86 11.73 -3.48
N SER D 101 -30.74 11.26 -2.27
CA SER D 101 -31.82 11.28 -1.30
C SER D 101 -31.24 11.60 0.10
N GLY D 102 -31.92 12.49 0.84
CA GLY D 102 -31.50 12.95 2.17
C GLY D 102 -30.20 13.73 2.21
N GLY D 103 -29.38 13.40 3.19
CA GLY D 103 -28.20 14.14 3.65
C GLY D 103 -27.77 13.70 5.07
N VAL D 104 -26.57 14.11 5.47
CA VAL D 104 -26.09 14.11 6.86
C VAL D 104 -27.21 14.74 7.66
N PRO D 105 -27.65 14.11 8.80
CA PRO D 105 -28.84 14.59 9.59
C PRO D 105 -29.85 15.69 9.00
N MSE E 1 -22.93 -15.39 -38.58
CA MSE E 1 -21.80 -15.27 -39.55
C MSE E 1 -21.93 -13.96 -40.28
O MSE E 1 -22.96 -13.70 -40.93
CB MSE E 1 -21.86 -16.44 -40.54
CG MSE E 1 -20.53 -16.71 -41.24
SE MSE E 1 -19.21 -17.49 -39.98
CE MSE E 1 -18.13 -18.56 -41.24
N LEU E 2 -20.91 -13.09 -40.16
CA LEU E 2 -20.84 -11.86 -40.95
C LEU E 2 -19.83 -12.04 -42.07
N LYS E 3 -20.30 -12.04 -43.30
CA LYS E 3 -19.42 -12.03 -44.46
C LYS E 3 -18.97 -10.57 -44.73
N VAL E 4 -17.67 -10.38 -44.94
CA VAL E 4 -17.17 -9.19 -45.66
C VAL E 4 -16.61 -9.69 -46.97
N SER E 5 -16.63 -8.86 -48.00
CA SER E 5 -16.06 -9.22 -49.33
C SER E 5 -14.52 -9.22 -49.19
N LYS E 6 -13.99 -8.04 -48.89
CA LYS E 6 -12.59 -7.86 -48.65
C LYS E 6 -12.38 -7.77 -47.11
N SER E 7 -11.41 -8.59 -46.67
CA SER E 7 -11.07 -8.80 -45.24
C SER E 7 -10.05 -7.79 -44.74
N PRO E 8 -10.22 -7.34 -43.50
CA PRO E 8 -9.22 -6.49 -42.96
C PRO E 8 -8.01 -7.28 -42.51
N SER E 9 -6.97 -6.55 -42.11
CA SER E 9 -5.68 -7.13 -41.80
C SER E 9 -5.71 -7.71 -40.43
N LEU E 10 -6.32 -6.95 -39.52
CA LEU E 10 -6.40 -7.32 -38.10
C LEU E 10 -7.65 -6.76 -37.48
N VAL E 11 -8.22 -7.50 -36.54
CA VAL E 11 -9.34 -6.99 -35.69
C VAL E 11 -9.14 -7.33 -34.21
N ARG E 12 -9.24 -6.33 -33.34
CA ARG E 12 -9.33 -6.53 -31.89
C ARG E 12 -10.72 -6.28 -31.35
N LEU E 13 -11.30 -7.22 -30.61
CA LEU E 13 -12.46 -6.93 -29.75
C LEU E 13 -12.08 -7.02 -28.27
N LYS E 14 -12.63 -6.13 -27.45
CA LYS E 14 -12.34 -6.10 -26.05
C LYS E 14 -13.55 -5.82 -25.21
N THR E 15 -13.71 -6.57 -24.13
CA THR E 15 -14.85 -6.36 -23.25
C THR E 15 -14.59 -6.84 -21.86
N ARG E 16 -15.57 -6.70 -20.98
CA ARG E 16 -15.46 -7.21 -19.58
C ARG E 16 -16.40 -8.38 -19.39
N GLY E 17 -16.02 -9.37 -18.58
CA GLY E 17 -16.93 -10.49 -18.21
C GLY E 17 -16.75 -10.99 -16.79
N GLU E 18 -17.32 -12.13 -16.47
CA GLU E 18 -17.17 -12.76 -15.16
C GLU E 18 -17.15 -14.28 -15.26
N SER E 19 -16.41 -14.89 -14.34
CA SER E 19 -16.49 -16.30 -14.15
C SER E 19 -16.62 -16.58 -12.65
N VAL E 20 -16.41 -17.82 -12.24
CA VAL E 20 -16.18 -18.15 -10.83
C VAL E 20 -14.83 -18.81 -10.55
N CYS E 21 -14.21 -18.47 -9.41
CA CYS E 21 -12.90 -19.03 -9.05
C CYS E 21 -13.17 -20.42 -8.49
N PRO E 22 -12.57 -21.49 -9.08
CA PRO E 22 -12.77 -22.83 -8.60
C PRO E 22 -12.35 -22.99 -7.13
N ILE E 23 -11.25 -22.36 -6.72
CA ILE E 23 -10.78 -22.48 -5.37
C ILE E 23 -11.82 -21.92 -4.37
N SER E 24 -12.14 -20.64 -4.47
CA SER E 24 -12.88 -19.90 -3.44
C SER E 24 -14.38 -19.83 -3.66
N LYS E 25 -14.83 -20.36 -4.81
CA LYS E 25 -16.22 -20.20 -5.34
C LYS E 25 -16.79 -18.77 -5.50
N THR E 26 -15.94 -17.76 -5.51
CA THR E 26 -16.33 -16.34 -5.56
C THR E 26 -16.27 -15.93 -7.01
N VAL E 27 -16.97 -14.85 -7.31
CA VAL E 27 -17.07 -14.35 -8.65
C VAL E 27 -15.75 -13.67 -9.03
N ASP E 28 -15.24 -14.04 -10.19
CA ASP E 28 -14.08 -13.36 -10.74
C ASP E 28 -14.43 -12.47 -11.91
N SER E 29 -14.27 -11.14 -11.74
CA SER E 29 -14.38 -10.19 -12.84
C SER E 29 -13.13 -10.16 -13.73
N PHE E 30 -13.29 -9.99 -15.04
CA PHE E 30 -12.12 -9.83 -15.91
C PHE E 30 -12.36 -9.03 -17.13
N GLU E 31 -11.26 -8.69 -17.80
CA GLU E 31 -11.24 -7.95 -19.03
C GLU E 31 -10.74 -8.89 -20.11
N VAL E 32 -11.32 -8.94 -21.29
CA VAL E 32 -10.84 -9.92 -22.27
C VAL E 32 -10.78 -9.33 -23.67
N SER E 33 -9.71 -9.68 -24.40
CA SER E 33 -9.44 -9.24 -25.77
C SER E 33 -9.26 -10.40 -26.66
N VAL E 34 -9.81 -10.27 -27.86
CA VAL E 34 -9.58 -11.16 -28.98
C VAL E 34 -9.07 -10.29 -30.13
N GLU E 35 -7.87 -10.59 -30.57
CA GLU E 35 -7.23 -10.03 -31.74
C GLU E 35 -7.21 -11.18 -32.74
N TYR E 36 -7.69 -10.97 -33.98
CA TYR E 36 -7.57 -12.00 -35.04
C TYR E 36 -7.47 -11.46 -36.43
N ILE E 37 -6.77 -12.18 -37.30
CA ILE E 37 -6.69 -11.84 -38.75
C ILE E 37 -7.87 -12.58 -39.43
N PRO E 38 -8.87 -11.87 -40.02
CA PRO E 38 -10.01 -12.63 -40.60
C PRO E 38 -9.73 -13.22 -41.98
N ARG E 39 -10.37 -14.37 -42.21
CA ARG E 39 -10.41 -15.04 -43.51
C ARG E 39 -11.84 -15.05 -44.10
N GLY E 40 -12.32 -13.92 -44.61
CA GLY E 40 -13.65 -13.86 -45.23
C GLY E 40 -14.83 -13.64 -44.27
N ALA E 41 -14.79 -14.31 -43.13
CA ALA E 41 -15.76 -14.12 -42.05
C ALA E 41 -15.28 -13.18 -40.93
N VAL E 42 -16.10 -12.19 -40.55
CA VAL E 42 -15.89 -11.48 -39.29
C VAL E 42 -16.81 -12.06 -38.20
N LEU E 43 -16.34 -11.92 -36.97
CA LEU E 43 -17.07 -12.36 -35.79
C LEU E 43 -17.97 -11.22 -35.40
N ALA E 44 -19.26 -11.49 -35.28
CA ALA E 44 -20.20 -10.44 -34.95
C ALA E 44 -19.88 -10.04 -33.54
N ILE E 45 -20.05 -8.76 -33.24
CA ILE E 45 -19.78 -8.27 -31.92
C ILE E 45 -20.68 -9.02 -31.00
N GLU E 46 -21.95 -9.10 -31.35
CA GLU E 46 -22.99 -9.76 -30.54
C GLU E 46 -22.69 -11.23 -30.15
N GLU E 47 -22.11 -11.95 -31.10
CA GLU E 47 -21.71 -13.35 -30.92
C GLU E 47 -20.60 -13.40 -29.90
N PHE E 48 -19.64 -12.50 -30.02
CA PHE E 48 -18.52 -12.40 -29.12
C PHE E 48 -18.97 -12.09 -27.72
N LYS E 49 -19.95 -11.23 -27.61
CA LYS E 49 -20.43 -10.82 -26.34
C LYS E 49 -21.06 -12.02 -25.68
N LYS E 50 -21.82 -12.81 -26.46
CA LYS E 50 -22.44 -14.04 -26.01
C LYS E 50 -21.42 -15.12 -25.60
N MSE E 51 -20.31 -15.22 -26.31
CA MSE E 51 -19.22 -16.16 -25.97
C MSE E 51 -18.67 -15.91 -24.60
O MSE E 51 -18.45 -16.81 -23.84
CB MSE E 51 -18.05 -16.15 -26.96
CG MSE E 51 -18.32 -16.91 -28.27
SE MSE E 51 -16.84 -16.51 -29.50
CE MSE E 51 -17.67 -17.51 -30.93
N VAL E 52 -18.47 -14.64 -24.29
CA VAL E 52 -17.86 -14.19 -23.05
C VAL E 52 -18.89 -14.34 -21.95
N ASP E 53 -20.14 -14.01 -22.24
CA ASP E 53 -21.24 -14.13 -21.24
C ASP E 53 -21.51 -15.57 -20.80
N SER E 54 -21.11 -16.53 -21.65
CA SER E 54 -21.29 -17.95 -21.38
C SER E 54 -20.49 -18.44 -20.20
N TYR E 55 -19.64 -17.59 -19.61
CA TYR E 55 -18.76 -17.97 -18.49
C TYR E 55 -19.34 -17.54 -17.19
N ARG E 56 -20.42 -16.76 -17.24
CA ARG E 56 -21.04 -16.39 -15.99
C ARG E 56 -21.44 -17.63 -15.25
N GLY E 57 -21.03 -17.72 -14.00
CA GLY E 57 -21.46 -18.73 -13.07
C GLY E 57 -20.52 -19.92 -13.12
N ARG E 58 -19.59 -19.94 -14.07
CA ARG E 58 -18.81 -21.14 -14.39
C ARG E 58 -17.46 -21.15 -13.61
N GLU E 59 -17.20 -22.22 -12.87
CA GLU E 59 -15.93 -22.39 -12.19
C GLU E 59 -14.84 -22.71 -13.22
N ILE E 60 -14.01 -21.73 -13.52
CA ILE E 60 -12.99 -21.92 -14.50
C ILE E 60 -11.83 -21.06 -14.16
N LEU E 61 -10.63 -21.56 -14.40
CA LEU E 61 -9.42 -20.81 -14.15
C LEU E 61 -9.16 -19.84 -15.26
N HIS E 62 -8.64 -18.67 -14.93
CA HIS E 62 -8.29 -17.65 -15.90
C HIS E 62 -7.46 -18.17 -17.04
N GLU E 63 -6.56 -19.07 -16.71
CA GLU E 63 -5.78 -19.79 -17.71
C GLU E 63 -6.63 -20.73 -18.62
N GLU E 64 -7.63 -21.44 -18.07
CA GLU E 64 -8.56 -22.26 -18.89
C GLU E 64 -9.48 -21.43 -19.79
N LEU E 65 -10.00 -20.36 -19.23
CA LEU E 65 -10.88 -19.43 -19.91
C LEU E 65 -10.24 -18.91 -21.17
N ALA E 66 -9.01 -18.41 -21.07
CA ALA E 66 -8.23 -17.91 -22.23
C ALA E 66 -8.22 -18.92 -23.35
N VAL E 67 -7.84 -20.14 -23.00
CA VAL E 67 -7.67 -21.19 -23.97
C VAL E 67 -9.00 -21.60 -24.53
N ASP E 68 -10.02 -21.70 -23.65
CA ASP E 68 -11.33 -22.17 -24.04
C ASP E 68 -11.90 -21.24 -25.13
N LEU E 69 -11.85 -19.93 -24.85
CA LEU E 69 -12.33 -18.91 -25.77
C LEU E 69 -11.55 -18.83 -27.08
N LEU E 70 -10.25 -19.08 -27.02
CA LEU E 70 -9.47 -19.15 -28.24
C LEU E 70 -10.11 -20.21 -29.16
N GLU E 71 -10.43 -21.39 -28.59
CA GLU E 71 -11.06 -22.48 -29.32
C GLU E 71 -12.42 -22.06 -29.88
N LYS E 72 -13.24 -21.44 -29.06
CA LYS E 72 -14.55 -21.02 -29.54
C LYS E 72 -14.42 -20.14 -30.77
N VAL E 73 -13.50 -19.19 -30.70
CA VAL E 73 -13.29 -18.23 -31.77
C VAL E 73 -12.83 -18.94 -33.02
N LYS E 74 -12.00 -19.97 -32.86
CA LYS E 74 -11.50 -20.68 -34.01
C LYS E 74 -12.60 -21.45 -34.68
N ALA E 75 -13.56 -21.91 -33.88
CA ALA E 75 -14.72 -22.64 -34.39
C ALA E 75 -15.57 -21.63 -35.18
N ALA E 76 -15.95 -20.52 -34.56
CA ALA E 76 -16.84 -19.54 -35.19
C ALA E 76 -16.39 -19.08 -36.58
N VAL E 77 -15.24 -18.46 -36.62
CA VAL E 77 -14.70 -17.83 -37.83
C VAL E 77 -13.52 -18.73 -37.93
N ASN E 78 -12.63 -18.61 -38.89
CA ASN E 78 -11.59 -19.68 -38.91
C ASN E 78 -10.30 -19.02 -39.25
N PRO E 79 -9.83 -18.12 -38.37
CA PRO E 79 -8.79 -17.24 -38.74
C PRO E 79 -7.48 -17.97 -38.74
N PRO E 80 -6.56 -17.55 -39.60
CA PRO E 80 -5.22 -18.08 -39.51
C PRO E 80 -4.45 -17.69 -38.24
N TYR E 81 -4.82 -16.59 -37.60
CA TYR E 81 -4.19 -16.11 -36.34
C TYR E 81 -5.23 -15.63 -35.32
N VAL E 82 -5.05 -16.00 -34.06
CA VAL E 82 -5.94 -15.55 -33.01
C VAL E 82 -5.12 -15.47 -31.78
N LYS E 83 -5.40 -14.43 -31.01
CA LYS E 83 -4.77 -14.20 -29.74
C LYS E 83 -5.82 -13.70 -28.76
N VAL E 84 -6.06 -14.48 -27.70
CA VAL E 84 -6.99 -14.11 -26.63
C VAL E 84 -6.22 -13.71 -25.34
N THR E 85 -6.38 -12.49 -24.90
CA THR E 85 -5.78 -12.03 -23.67
C THR E 85 -6.88 -11.94 -22.62
N VAL E 86 -6.61 -12.37 -21.40
CA VAL E 86 -7.51 -12.20 -20.26
C VAL E 86 -6.80 -11.50 -19.16
N LYS E 87 -7.36 -10.44 -18.59
CA LYS E 87 -6.78 -9.79 -17.40
C LYS E 87 -7.73 -9.75 -16.22
N SER E 88 -7.16 -9.93 -15.04
CA SER E 88 -7.94 -9.99 -13.82
C SER E 88 -7.14 -9.63 -12.61
N TYR E 89 -7.76 -9.76 -11.44
CA TYR E 89 -7.14 -9.28 -10.21
C TYR E 89 -7.73 -10.08 -9.08
N TYR E 90 -6.98 -11.07 -8.60
CA TYR E 90 -7.35 -11.88 -7.46
C TYR E 90 -6.38 -11.69 -6.29
N ILE E 91 -6.91 -11.43 -5.08
CA ILE E 91 -6.15 -11.45 -3.81
C ILE E 91 -4.87 -10.62 -3.93
N GLY E 92 -5.01 -9.43 -4.48
CA GLY E 92 -3.90 -8.51 -4.54
C GLY E 92 -2.92 -8.77 -5.67
N VAL E 93 -3.30 -9.64 -6.59
CA VAL E 93 -2.42 -9.98 -7.67
C VAL E 93 -3.10 -9.69 -9.03
N GLU E 94 -2.39 -8.96 -9.88
CA GLU E 94 -2.83 -8.65 -11.25
C GLU E 94 -2.44 -9.83 -12.15
N VAL E 95 -3.40 -10.51 -12.78
CA VAL E 95 -3.12 -11.66 -13.64
C VAL E 95 -3.35 -11.29 -15.09
N GLU E 96 -2.48 -11.69 -16.00
CA GLU E 96 -2.75 -11.66 -17.45
C GLU E 96 -2.46 -12.98 -18.06
N VAL E 97 -3.27 -13.43 -19.00
CA VAL E 97 -3.05 -14.70 -19.69
C VAL E 97 -3.20 -14.51 -21.18
N VAL E 98 -2.41 -15.22 -21.98
CA VAL E 98 -2.49 -15.12 -23.43
C VAL E 98 -2.64 -16.51 -23.95
N ALA E 99 -3.44 -16.73 -24.98
CA ALA E 99 -3.50 -17.99 -25.69
C ALA E 99 -3.45 -17.66 -27.17
N GLU E 100 -2.48 -18.21 -27.88
CA GLU E 100 -2.30 -17.93 -29.30
C GLU E 100 -2.41 -19.17 -30.15
N SER E 101 -2.78 -18.93 -31.40
CA SER E 101 -2.88 -19.94 -32.41
C SER E 101 -2.74 -19.27 -33.74
N GLY E 102 -1.63 -19.49 -34.40
CA GLY E 102 -1.41 -18.90 -35.70
C GLY E 102 0.01 -18.47 -35.80
N GLY E 103 0.23 -17.23 -36.15
CA GLY E 103 1.57 -16.72 -36.27
C GLY E 103 1.61 -15.77 -37.42
N VAL E 104 1.24 -16.29 -38.57
CA VAL E 104 1.21 -15.54 -39.81
C VAL E 104 0.75 -14.10 -39.64
N LEU F 2 -1.27 -26.81 -10.14
CA LEU F 2 -2.44 -26.79 -11.06
C LEU F 2 -2.08 -27.21 -12.52
N LYS F 3 -2.50 -28.40 -12.94
CA LYS F 3 -2.36 -28.84 -14.33
C LYS F 3 -3.58 -28.33 -15.13
N VAL F 4 -3.33 -27.90 -16.37
CA VAL F 4 -4.33 -27.85 -17.45
C VAL F 4 -3.75 -28.74 -18.56
N SER F 5 -4.62 -29.34 -19.39
CA SER F 5 -4.15 -30.23 -20.48
C SER F 5 -3.85 -29.45 -21.76
N LYS F 6 -4.61 -28.40 -22.06
CA LYS F 6 -4.09 -27.38 -22.99
C LYS F 6 -3.66 -26.09 -22.25
N SER F 7 -2.38 -25.76 -22.49
CA SER F 7 -1.67 -24.68 -21.82
C SER F 7 -1.74 -23.42 -22.65
N PRO F 8 -1.95 -22.26 -22.00
CA PRO F 8 -1.83 -20.96 -22.67
C PRO F 8 -0.44 -20.71 -23.14
N SER F 9 -0.23 -19.61 -23.84
CA SER F 9 1.07 -19.29 -24.36
C SER F 9 1.90 -18.42 -23.44
N LEU F 10 1.25 -17.66 -22.57
CA LEU F 10 1.97 -16.74 -21.67
C LEU F 10 1.06 -16.34 -20.51
N VAL F 11 1.67 -16.05 -19.36
CA VAL F 11 0.98 -15.66 -18.12
C VAL F 11 1.85 -14.62 -17.47
N ARG F 12 1.29 -13.46 -17.11
CA ARG F 12 1.98 -12.51 -16.24
C ARG F 12 1.22 -12.40 -14.95
N LEU F 13 2.00 -12.42 -13.86
CA LEU F 13 1.53 -12.17 -12.52
C LEU F 13 2.29 -10.97 -11.97
N LYS F 14 1.57 -10.10 -11.28
CA LYS F 14 2.15 -8.92 -10.67
C LYS F 14 1.53 -8.58 -9.31
N THR F 15 2.40 -8.26 -8.34
CA THR F 15 1.99 -7.90 -6.96
C THR F 15 3.05 -7.16 -6.13
N ARG F 16 2.69 -6.68 -4.96
CA ARG F 16 3.61 -5.94 -4.08
C ARG F 16 4.20 -6.85 -3.01
N GLY F 17 5.38 -6.46 -2.56
CA GLY F 17 6.09 -7.17 -1.53
C GLY F 17 6.95 -6.26 -0.71
N GLU F 18 7.61 -6.85 0.28
CA GLU F 18 8.55 -6.17 1.14
C GLU F 18 9.78 -7.04 1.36
N SER F 19 10.93 -6.41 1.50
CA SER F 19 12.16 -7.14 1.85
C SER F 19 12.89 -6.27 2.85
N VAL F 20 14.11 -6.60 3.25
CA VAL F 20 14.92 -5.69 4.11
C VAL F 20 16.24 -5.35 3.41
N CYS F 21 16.62 -4.08 3.41
CA CYS F 21 17.80 -3.64 2.65
C CYS F 21 19.04 -3.99 3.43
N PRO F 22 20.02 -4.71 2.83
CA PRO F 22 21.16 -5.19 3.65
C PRO F 22 21.94 -4.04 4.27
N ILE F 23 22.24 -3.06 3.44
CA ILE F 23 23.09 -1.95 3.80
C ILE F 23 22.56 -1.36 5.13
N SER F 24 21.36 -0.80 5.08
CA SER F 24 20.74 0.00 6.16
C SER F 24 19.66 -0.68 7.05
N LYS F 25 19.34 -1.96 6.84
CA LYS F 25 18.26 -2.71 7.59
C LYS F 25 16.83 -2.09 7.58
N THR F 26 16.54 -1.22 6.62
CA THR F 26 15.22 -0.68 6.44
C THR F 26 14.43 -1.62 5.58
N VAL F 27 13.11 -1.58 5.79
CA VAL F 27 12.20 -2.31 4.95
C VAL F 27 12.28 -1.73 3.53
N ASP F 28 12.47 -2.57 2.53
CA ASP F 28 12.32 -2.12 1.12
C ASP F 28 10.98 -2.65 0.66
N SER F 29 10.13 -1.74 0.22
CA SER F 29 8.88 -2.09 -0.46
C SER F 29 9.12 -2.25 -1.94
N PHE F 30 8.56 -3.24 -2.60
CA PHE F 30 8.76 -3.36 -4.04
C PHE F 30 7.56 -3.95 -4.78
N GLU F 31 7.58 -3.80 -6.10
CA GLU F 31 6.59 -4.35 -7.00
C GLU F 31 7.30 -5.46 -7.74
N VAL F 32 6.66 -6.59 -7.97
CA VAL F 32 7.36 -7.67 -8.70
C VAL F 32 6.45 -8.34 -9.68
N SER F 33 6.90 -8.56 -10.91
CA SER F 33 6.09 -9.27 -11.93
C SER F 33 6.84 -10.50 -12.25
N VAL F 34 6.09 -11.54 -12.60
CA VAL F 34 6.61 -12.72 -13.25
C VAL F 34 5.74 -13.12 -14.46
N GLU F 35 6.44 -13.22 -15.58
CA GLU F 35 5.94 -13.61 -16.83
C GLU F 35 6.55 -14.98 -17.08
N TYR F 36 5.79 -15.93 -17.62
CA TYR F 36 6.36 -17.26 -17.91
C TYR F 36 5.56 -18.00 -19.01
N ILE F 37 6.22 -18.85 -19.80
CA ILE F 37 5.53 -19.69 -20.76
C ILE F 37 5.28 -21.03 -20.08
N PRO F 38 4.01 -21.37 -19.78
CA PRO F 38 3.66 -22.68 -19.16
C PRO F 38 3.94 -23.94 -20.02
N ARG F 39 4.57 -24.95 -19.38
CA ARG F 39 4.60 -26.33 -19.86
C ARG F 39 3.90 -27.23 -18.81
N GLY F 40 2.67 -27.59 -19.13
CA GLY F 40 1.94 -28.56 -18.34
C GLY F 40 1.26 -27.84 -17.22
N ALA F 41 2.05 -27.41 -16.25
CA ALA F 41 1.50 -26.85 -15.01
C ALA F 41 1.44 -25.31 -15.08
N VAL F 42 0.39 -24.73 -14.49
CA VAL F 42 0.36 -23.30 -14.13
C VAL F 42 0.58 -23.05 -12.63
N LEU F 43 1.25 -21.93 -12.33
CA LEU F 43 1.49 -21.49 -10.95
C LEU F 43 0.21 -20.92 -10.36
N ALA F 44 -0.20 -21.45 -9.20
CA ALA F 44 -1.32 -20.86 -8.44
C ALA F 44 -0.97 -19.49 -7.92
N ILE F 45 -1.94 -18.59 -7.95
CA ILE F 45 -1.72 -17.26 -7.46
C ILE F 45 -1.28 -17.35 -6.01
N GLU F 46 -1.87 -18.28 -5.27
CA GLU F 46 -1.58 -18.41 -3.86
C GLU F 46 -0.15 -18.90 -3.59
N GLU F 47 0.43 -19.79 -4.39
CA GLU F 47 1.82 -20.17 -4.19
C GLU F 47 2.67 -18.98 -4.53
N PHE F 48 2.39 -18.29 -5.65
CA PHE F 48 3.14 -17.08 -6.04
C PHE F 48 3.15 -16.04 -4.92
N LYS F 49 2.00 -15.85 -4.35
CA LYS F 49 1.85 -14.92 -3.31
C LYS F 49 2.67 -15.35 -2.10
N LYS F 50 2.59 -16.64 -1.77
CA LYS F 50 3.48 -17.22 -0.73
C LYS F 50 5.01 -17.05 -1.06
N MSE F 51 5.38 -17.19 -2.33
CA MSE F 51 6.74 -16.96 -2.77
C MSE F 51 7.21 -15.57 -2.42
O MSE F 51 8.28 -15.37 -1.80
CB MSE F 51 6.87 -17.29 -4.26
CG MSE F 51 7.04 -18.77 -4.57
SE MSE F 51 6.94 -18.88 -6.53
CE MSE F 51 7.22 -20.79 -6.76
N VAL F 52 6.41 -14.58 -2.77
CA VAL F 52 6.84 -13.19 -2.64
C VAL F 52 6.88 -12.77 -1.18
N ASP F 53 5.97 -13.33 -0.39
CA ASP F 53 5.88 -13.03 1.03
C ASP F 53 6.97 -13.68 1.83
N SER F 54 7.59 -14.70 1.27
CA SER F 54 8.76 -15.34 1.86
C SER F 54 9.96 -14.34 2.15
N TYR F 55 10.11 -13.31 1.31
CA TYR F 55 11.13 -12.28 1.43
C TYR F 55 10.82 -11.21 2.46
N ARG F 56 9.64 -11.21 3.08
CA ARG F 56 9.43 -10.33 4.22
C ARG F 56 10.52 -10.62 5.20
N GLY F 57 11.05 -9.60 5.86
CA GLY F 57 12.10 -9.80 6.89
C GLY F 57 13.56 -10.03 6.44
N ARG F 58 13.79 -10.27 5.18
CA ARG F 58 14.99 -10.88 4.75
C ARG F 58 15.88 -9.88 4.07
N GLU F 59 17.10 -9.77 4.53
CA GLU F 59 18.09 -8.88 3.94
C GLU F 59 18.54 -9.42 2.59
N ILE F 60 18.35 -8.61 1.56
CA ILE F 60 18.61 -9.05 0.23
C ILE F 60 18.52 -7.85 -0.61
N LEU F 61 19.54 -7.76 -1.47
CA LEU F 61 19.56 -6.85 -2.57
C LEU F 61 18.41 -7.19 -3.47
N HIS F 62 17.91 -6.19 -4.17
CA HIS F 62 16.83 -6.41 -5.11
C HIS F 62 17.30 -7.29 -6.25
N GLU F 63 18.59 -7.16 -6.57
CA GLU F 63 19.20 -7.90 -7.68
C GLU F 63 19.17 -9.39 -7.38
N GLU F 64 19.46 -9.71 -6.12
CA GLU F 64 19.43 -11.09 -5.67
C GLU F 64 18.00 -11.56 -5.59
N LEU F 65 17.12 -10.63 -5.17
CA LEU F 65 15.73 -10.97 -4.96
C LEU F 65 15.12 -11.45 -6.26
N ALA F 66 15.33 -10.68 -7.31
CA ALA F 66 14.90 -11.09 -8.66
C ALA F 66 15.40 -12.44 -9.10
N VAL F 67 16.67 -12.70 -8.90
CA VAL F 67 17.28 -13.91 -9.35
C VAL F 67 16.76 -15.11 -8.53
N ASP F 68 16.58 -14.93 -7.21
CA ASP F 68 16.13 -15.97 -6.32
C ASP F 68 14.68 -16.38 -6.64
N LEU F 69 13.85 -15.40 -7.00
CA LEU F 69 12.45 -15.66 -7.37
C LEU F 69 12.32 -16.44 -8.71
N LEU F 70 13.21 -16.11 -9.63
CA LEU F 70 13.30 -16.86 -10.83
C LEU F 70 13.58 -18.36 -10.58
N GLU F 71 14.41 -18.72 -9.61
CA GLU F 71 14.68 -20.13 -9.36
C GLU F 71 13.52 -20.85 -8.73
N LYS F 72 12.79 -20.18 -7.86
CA LYS F 72 11.61 -20.75 -7.20
C LYS F 72 10.52 -21.15 -8.19
N VAL F 73 10.30 -20.25 -9.14
CA VAL F 73 9.31 -20.42 -10.18
C VAL F 73 9.75 -21.55 -11.05
N LYS F 74 11.01 -21.50 -11.47
CA LYS F 74 11.54 -22.59 -12.27
C LYS F 74 11.38 -23.87 -11.52
N ALA F 75 11.70 -23.87 -10.23
CA ALA F 75 11.54 -25.09 -9.43
C ALA F 75 10.04 -25.48 -9.36
N ALA F 76 9.15 -24.53 -9.08
CA ALA F 76 7.78 -24.88 -8.83
C ALA F 76 7.10 -25.38 -10.08
N VAL F 77 7.33 -24.75 -11.23
CA VAL F 77 6.64 -25.17 -12.46
C VAL F 77 7.45 -25.41 -13.77
N ASN F 78 8.77 -25.26 -13.74
CA ASN F 78 9.66 -25.58 -14.90
C ASN F 78 9.25 -25.06 -16.32
N PRO F 79 8.99 -23.76 -16.44
CA PRO F 79 8.67 -23.13 -17.69
C PRO F 79 9.85 -22.97 -18.60
N PRO F 80 9.65 -23.14 -19.91
CA PRO F 80 10.79 -23.00 -20.83
C PRO F 80 11.27 -21.58 -20.96
N TYR F 81 10.42 -20.63 -20.56
CA TYR F 81 10.76 -19.23 -20.50
C TYR F 81 10.17 -18.66 -19.28
N VAL F 82 10.99 -17.90 -18.56
CA VAL F 82 10.57 -17.12 -17.38
C VAL F 82 11.30 -15.77 -17.37
N LYS F 83 10.60 -14.73 -16.95
CA LYS F 83 11.15 -13.40 -16.78
C LYS F 83 10.53 -12.78 -15.53
N VAL F 84 11.40 -12.38 -14.60
CA VAL F 84 11.04 -11.77 -13.31
C VAL F 84 11.52 -10.35 -13.36
N THR F 85 10.68 -9.40 -12.92
CA THR F 85 11.05 -7.99 -12.86
C THR F 85 10.71 -7.48 -11.52
N VAL F 86 11.58 -6.65 -10.97
CA VAL F 86 11.39 -6.08 -9.63
C VAL F 86 11.67 -4.59 -9.65
N LYS F 87 10.72 -3.78 -9.21
CA LYS F 87 10.77 -2.33 -9.22
C LYS F 87 10.61 -1.84 -7.80
N SER F 88 11.47 -0.90 -7.43
CA SER F 88 11.60 -0.45 -6.07
C SER F 88 12.16 0.96 -6.08
N TYR F 89 12.23 1.57 -4.90
CA TYR F 89 12.60 2.98 -4.79
C TYR F 89 13.45 3.10 -3.55
N TYR F 90 14.62 3.71 -3.70
CA TYR F 90 15.55 3.76 -2.60
C TYR F 90 16.36 5.06 -2.68
N ILE F 91 16.18 5.94 -1.69
CA ILE F 91 16.99 7.16 -1.54
C ILE F 91 17.04 7.99 -2.82
N GLY F 92 15.85 8.24 -3.35
CA GLY F 92 15.69 9.01 -4.60
C GLY F 92 15.94 8.27 -5.91
N VAL F 93 16.19 6.96 -5.84
CA VAL F 93 16.56 6.21 -7.05
C VAL F 93 15.54 5.15 -7.42
N GLU F 94 14.96 5.25 -8.61
CA GLU F 94 14.13 4.16 -9.14
C GLU F 94 15.03 3.03 -9.61
N VAL F 95 14.69 1.81 -9.19
CA VAL F 95 15.43 0.60 -9.48
C VAL F 95 14.51 -0.38 -10.19
N GLU F 96 14.89 -0.88 -11.35
CA GLU F 96 14.24 -2.05 -11.96
C GLU F 96 15.30 -3.12 -12.25
N VAL F 97 14.96 -4.35 -11.97
CA VAL F 97 15.84 -5.46 -12.18
C VAL F 97 15.08 -6.52 -12.92
N VAL F 98 15.74 -7.17 -13.87
CA VAL F 98 15.14 -8.25 -14.60
C VAL F 98 16.04 -9.45 -14.54
N ALA F 99 15.42 -10.61 -14.37
CA ALA F 99 16.06 -11.91 -14.49
C ALA F 99 15.30 -12.74 -15.50
N GLU F 100 15.98 -13.24 -16.52
CA GLU F 100 15.34 -14.08 -17.53
C GLU F 100 15.97 -15.44 -17.58
N SER F 101 15.19 -16.46 -17.94
CA SER F 101 15.67 -17.82 -18.21
C SER F 101 14.93 -18.41 -19.40
N GLY F 102 15.69 -18.78 -20.43
CA GLY F 102 15.22 -19.57 -21.58
C GLY F 102 14.95 -18.76 -22.84
N GLY F 103 14.16 -19.33 -23.74
CA GLY F 103 13.60 -18.64 -24.95
C GLY F 103 12.18 -19.07 -25.31
N VAL F 104 11.55 -18.35 -26.24
CA VAL F 104 10.11 -18.53 -26.63
C VAL F 104 9.86 -19.77 -27.59
N PRO F 105 9.66 -21.03 -27.05
CA PRO F 105 9.67 -22.19 -27.98
C PRO F 105 8.32 -22.35 -28.66
N MSE G 1 4.39 8.41 18.32
CA MSE G 1 4.91 9.34 19.35
C MSE G 1 6.31 9.79 18.98
O MSE G 1 7.29 9.32 19.51
CB MSE G 1 4.81 8.65 20.72
CG MSE G 1 4.53 9.63 21.86
SE MSE G 1 2.81 10.60 21.60
CE MSE G 1 1.66 9.80 23.01
N LEU G 2 6.40 10.67 17.99
CA LEU G 2 7.58 11.50 17.79
C LEU G 2 7.05 12.88 18.16
N LYS G 3 7.76 13.57 19.04
CA LYS G 3 7.34 14.88 19.50
C LYS G 3 7.83 15.95 18.53
N VAL G 4 7.10 17.06 18.45
CA VAL G 4 7.41 18.18 17.53
C VAL G 4 7.01 19.52 18.21
N SER G 5 7.79 20.58 17.95
CA SER G 5 7.54 21.91 18.56
C SER G 5 6.31 22.60 17.94
N LYS G 6 6.44 23.13 16.72
CA LYS G 6 5.29 23.69 15.98
C LYS G 6 4.81 22.52 15.18
N SER G 7 3.58 22.07 15.46
CA SER G 7 2.96 21.04 14.66
C SER G 7 2.69 21.55 13.25
N PRO G 8 2.59 20.65 12.27
CA PRO G 8 1.99 21.08 11.00
C PRO G 8 0.46 21.17 11.05
N SER G 9 -0.13 21.73 9.99
CA SER G 9 -1.59 21.80 9.81
C SER G 9 -2.27 20.49 9.49
N LEU G 10 -1.57 19.59 8.77
CA LEU G 10 -2.14 18.34 8.30
C LEU G 10 -1.05 17.37 7.83
N VAL G 11 -1.24 16.09 8.12
CA VAL G 11 -0.42 15.04 7.55
C VAL G 11 -1.23 13.88 6.98
N ARG G 12 -0.79 13.36 5.85
CA ARG G 12 -1.46 12.31 5.18
C ARG G 12 -0.45 11.19 5.01
N LEU G 13 -0.87 10.00 5.39
CA LEU G 13 -0.11 8.81 5.21
C LEU G 13 -0.98 7.86 4.44
N LYS G 14 -0.34 7.10 3.55
CA LYS G 14 -0.99 6.26 2.60
C LYS G 14 -0.16 5.03 2.37
N THR G 15 -0.75 3.84 2.57
CA THR G 15 -0.02 2.57 2.28
C THR G 15 -0.90 1.39 1.86
N ARG G 16 -0.31 0.24 1.55
CA ARG G 16 -1.09 -0.98 1.14
C ARG G 16 -1.15 -2.01 2.27
N GLY G 17 -2.25 -2.73 2.39
CA GLY G 17 -2.41 -3.76 3.39
C GLY G 17 -3.15 -5.00 2.95
N GLU G 18 -3.41 -5.86 3.92
CA GLU G 18 -4.11 -7.08 3.66
C GLU G 18 -4.89 -7.52 4.87
N SER G 19 -6.02 -8.18 4.60
CA SER G 19 -6.85 -8.71 5.64
C SER G 19 -7.46 -9.97 5.10
N VAL G 20 -8.41 -10.54 5.82
CA VAL G 20 -9.16 -11.64 5.29
C VAL G 20 -10.63 -11.23 5.15
N CYS G 21 -11.25 -11.68 4.04
CA CYS G 21 -12.70 -11.54 3.81
C CYS G 21 -13.42 -12.61 4.64
N PRO G 22 -14.18 -12.22 5.66
CA PRO G 22 -14.81 -13.19 6.58
C PRO G 22 -15.71 -14.22 5.88
N ILE G 23 -16.54 -13.67 5.01
CA ILE G 23 -17.49 -14.39 4.22
C ILE G 23 -16.73 -15.55 3.53
N SER G 24 -15.69 -15.26 2.78
CA SER G 24 -15.10 -16.24 1.88
C SER G 24 -13.72 -16.72 2.25
N LYS G 25 -13.12 -16.16 3.30
CA LYS G 25 -11.75 -16.51 3.79
C LYS G 25 -10.56 -16.30 2.82
N THR G 26 -10.80 -15.58 1.73
CA THR G 26 -9.76 -15.10 0.83
C THR G 26 -9.05 -13.85 1.40
N VAL G 27 -7.78 -13.66 1.04
CA VAL G 27 -7.01 -12.46 1.41
C VAL G 27 -7.59 -11.22 0.70
N ASP G 28 -7.62 -10.10 1.37
CA ASP G 28 -8.08 -8.84 0.73
C ASP G 28 -6.93 -7.87 0.77
N SER G 29 -6.55 -7.33 -0.37
CA SER G 29 -5.54 -6.30 -0.48
C SER G 29 -6.29 -4.97 -0.43
N PHE G 30 -5.87 -4.01 0.34
CA PHE G 30 -6.58 -2.73 0.33
C PHE G 30 -5.54 -1.61 0.32
N GLU G 31 -5.90 -0.42 -0.12
CA GLU G 31 -5.07 0.75 0.05
C GLU G 31 -5.68 1.55 1.19
N VAL G 32 -4.90 2.15 2.05
CA VAL G 32 -5.46 2.85 3.22
C VAL G 32 -4.77 4.21 3.44
N SER G 33 -5.54 5.17 3.94
CA SER G 33 -5.08 6.50 4.24
C SER G 33 -5.62 7.03 5.50
N VAL G 34 -4.76 7.85 6.11
CA VAL G 34 -4.99 8.46 7.37
C VAL G 34 -4.54 9.86 7.08
N GLU G 35 -5.46 10.78 7.25
CA GLU G 35 -5.16 12.17 7.20
C GLU G 35 -5.33 12.66 8.65
N TYR G 36 -4.49 13.56 9.13
CA TYR G 36 -4.65 14.07 10.54
C TYR G 36 -3.99 15.42 10.84
N ILE G 37 -4.57 16.11 11.81
CA ILE G 37 -3.99 17.36 12.34
C ILE G 37 -3.16 16.93 13.56
N PRO G 38 -1.82 17.02 13.48
CA PRO G 38 -1.01 16.70 14.67
C PRO G 38 -1.27 17.71 15.79
N ARG G 39 -1.22 17.25 17.03
CA ARG G 39 -1.17 18.15 18.21
C ARG G 39 -0.01 17.74 19.11
N GLY G 40 1.18 18.33 18.86
CA GLY G 40 2.40 18.03 19.63
C GLY G 40 3.13 16.74 19.26
N ALA G 41 2.36 15.68 19.00
CA ALA G 41 2.87 14.38 18.60
C ALA G 41 2.50 14.00 17.17
N VAL G 42 3.50 13.49 16.48
CA VAL G 42 3.40 13.03 15.13
C VAL G 42 3.66 11.51 15.01
N LEU G 43 2.74 10.81 14.35
CA LEU G 43 2.87 9.38 14.08
C LEU G 43 4.04 8.93 13.22
N ALA G 44 4.77 7.97 13.76
CA ALA G 44 5.89 7.37 13.05
C ALA G 44 5.42 6.56 11.82
N ILE G 45 6.12 6.74 10.73
CA ILE G 45 5.88 5.91 9.58
C ILE G 45 6.03 4.43 9.94
N GLU G 46 6.90 4.08 10.87
CA GLU G 46 7.15 2.69 11.23
C GLU G 46 5.92 2.18 11.99
N GLU G 47 5.29 3.05 12.80
CA GLU G 47 4.16 2.62 13.61
C GLU G 47 2.91 2.46 12.78
N PHE G 48 2.75 3.34 11.80
CA PHE G 48 1.60 3.30 10.93
C PHE G 48 1.65 1.99 10.15
N LYS G 49 2.83 1.71 9.61
CA LYS G 49 3.15 0.44 8.94
C LYS G 49 2.82 -0.82 9.74
N LYS G 50 3.16 -0.71 11.02
CA LYS G 50 2.89 -1.71 12.02
C LYS G 50 1.37 -1.84 12.28
N MSE G 51 0.67 -0.71 12.48
CA MSE G 51 -0.79 -0.72 12.61
C MSE G 51 -1.42 -1.40 11.41
O MSE G 51 -2.29 -2.30 11.56
CB MSE G 51 -1.41 0.65 12.64
CG MSE G 51 -1.11 1.39 13.92
SE MSE G 51 -1.68 3.26 13.71
CE MSE G 51 -0.98 3.78 15.47
N VAL G 52 -0.98 -1.02 10.22
CA VAL G 52 -1.56 -1.63 9.05
C VAL G 52 -1.24 -3.13 8.93
N ASP G 53 -0.03 -3.59 9.25
CA ASP G 53 0.28 -5.00 9.02
C ASP G 53 -0.39 -5.89 10.04
N SER G 54 -0.88 -5.31 11.14
CA SER G 54 -1.52 -6.07 12.21
C SER G 54 -2.78 -6.73 11.69
N TYR G 55 -3.34 -6.18 10.64
CA TYR G 55 -4.51 -6.72 10.01
C TYR G 55 -4.21 -7.96 9.10
N ARG G 56 -2.94 -8.26 8.78
CA ARG G 56 -2.63 -9.53 8.08
C ARG G 56 -3.19 -10.70 8.85
N GLY G 57 -3.94 -11.58 8.19
CA GLY G 57 -4.54 -12.76 8.82
C GLY G 57 -5.87 -12.51 9.49
N ARG G 58 -6.12 -11.27 9.86
CA ARG G 58 -7.34 -10.92 10.53
C ARG G 58 -8.61 -10.90 9.58
N GLU G 59 -9.67 -11.64 9.94
CA GLU G 59 -10.99 -11.57 9.24
C GLU G 59 -11.78 -10.33 9.68
N ILE G 60 -12.18 -9.49 8.74
CA ILE G 60 -12.67 -8.16 9.07
C ILE G 60 -13.24 -7.45 7.83
N LEU G 61 -14.32 -6.70 8.00
CA LEU G 61 -14.96 -6.05 6.88
C LEU G 61 -14.22 -4.73 6.68
N HIS G 62 -14.07 -4.31 5.43
CA HIS G 62 -13.42 -3.05 5.15
C HIS G 62 -14.11 -1.91 5.91
N GLU G 63 -15.40 -2.08 6.19
CA GLU G 63 -16.13 -1.09 6.98
C GLU G 63 -15.60 -1.10 8.41
N GLU G 64 -15.51 -2.26 9.03
CA GLU G 64 -14.98 -2.43 10.40
CA GLU G 64 -15.04 -2.29 10.44
C GLU G 64 -13.54 -1.97 10.47
N LEU G 65 -12.81 -2.23 9.40
CA LEU G 65 -11.36 -1.97 9.34
C LEU G 65 -11.02 -0.50 9.34
N ALA G 66 -11.83 0.28 8.65
CA ALA G 66 -11.57 1.71 8.59
C ALA G 66 -11.86 2.34 9.94
N VAL G 67 -12.82 1.79 10.67
CA VAL G 67 -13.15 2.30 11.97
C VAL G 67 -12.11 1.88 12.99
N ASP G 68 -11.68 0.64 12.89
CA ASP G 68 -10.73 0.07 13.85
C ASP G 68 -9.41 0.81 13.81
N LEU G 69 -9.02 1.28 12.62
CA LEU G 69 -7.74 1.98 12.46
C LEU G 69 -7.84 3.46 12.88
N LEU G 70 -9.01 4.03 12.69
CA LEU G 70 -9.25 5.35 13.18
C LEU G 70 -9.03 5.29 14.69
N GLU G 71 -9.63 4.29 15.35
CA GLU G 71 -9.47 4.23 16.78
CA GLU G 71 -9.45 4.06 16.82
C GLU G 71 -7.98 4.06 17.15
N LYS G 72 -7.27 3.18 16.48
CA LYS G 72 -5.82 3.00 16.69
C LYS G 72 -4.94 4.27 16.60
N VAL G 73 -5.25 5.14 15.64
CA VAL G 73 -4.57 6.44 15.48
C VAL G 73 -4.90 7.38 16.64
N LYS G 74 -6.17 7.51 16.97
CA LYS G 74 -6.63 8.27 18.14
C LYS G 74 -6.03 7.84 19.46
N ALA G 75 -5.89 6.54 19.69
CA ALA G 75 -5.12 6.07 20.83
C ALA G 75 -3.69 6.60 20.71
N ALA G 76 -3.05 6.43 19.56
CA ALA G 76 -1.61 6.68 19.45
C ALA G 76 -1.19 8.12 19.58
N VAL G 77 -1.85 8.99 18.84
CA VAL G 77 -1.48 10.39 18.77
C VAL G 77 -2.62 11.32 19.01
N ASN G 78 -3.80 10.78 19.33
CA ASN G 78 -4.96 11.57 19.82
C ASN G 78 -5.13 12.91 19.17
N PRO G 79 -5.33 12.91 17.85
CA PRO G 79 -5.45 14.17 17.13
C PRO G 79 -6.85 14.73 17.25
N PRO G 80 -6.98 16.04 17.09
CA PRO G 80 -8.32 16.67 17.06
C PRO G 80 -9.08 16.38 15.74
N TYR G 81 -8.40 15.95 14.68
CA TYR G 81 -9.06 15.45 13.48
C TYR G 81 -8.31 14.24 12.89
N VAL G 82 -9.07 13.27 12.44
CA VAL G 82 -8.53 12.10 11.76
C VAL G 82 -9.54 11.63 10.73
N LYS G 83 -9.07 11.43 9.49
CA LYS G 83 -9.84 10.80 8.43
C LYS G 83 -9.12 9.55 8.03
N VAL G 84 -9.80 8.43 8.11
CA VAL G 84 -9.28 7.24 7.54
C VAL G 84 -10.11 6.84 6.33
N THR G 85 -9.42 6.59 5.21
CA THR G 85 -10.01 6.11 3.97
C THR G 85 -9.43 4.78 3.61
N VAL G 86 -10.28 3.77 3.42
CA VAL G 86 -9.81 2.48 2.91
C VAL G 86 -10.40 2.18 1.56
N LYS G 87 -9.61 1.63 0.66
CA LYS G 87 -10.01 1.39 -0.72
C LYS G 87 -9.63 0.01 -1.11
N SER G 88 -10.55 -0.69 -1.70
CA SER G 88 -10.29 -2.08 -2.04
C SER G 88 -10.98 -2.46 -3.37
N TYR G 89 -11.04 -3.77 -3.63
CA TYR G 89 -11.60 -4.30 -4.87
C TYR G 89 -11.90 -5.72 -4.58
N TYR G 90 -13.19 -6.06 -4.59
CA TYR G 90 -13.60 -7.40 -4.39
C TYR G 90 -14.73 -7.80 -5.33
N ILE G 91 -14.52 -8.88 -6.07
CA ILE G 91 -15.51 -9.48 -6.98
C ILE G 91 -16.04 -8.46 -8.02
N GLY G 92 -15.11 -7.76 -8.65
CA GLY G 92 -15.56 -6.83 -9.70
C GLY G 92 -16.18 -5.55 -9.21
N VAL G 93 -16.17 -5.35 -7.86
CA VAL G 93 -16.66 -4.12 -7.20
C VAL G 93 -15.52 -3.34 -6.51
N GLU G 94 -15.26 -2.12 -6.97
CA GLU G 94 -14.39 -1.18 -6.27
C GLU G 94 -15.07 -0.64 -5.01
N VAL G 95 -14.35 -0.59 -3.89
CA VAL G 95 -14.93 -0.12 -2.60
C VAL G 95 -14.11 0.99 -2.02
N GLU G 96 -14.72 2.09 -1.61
CA GLU G 96 -14.07 3.10 -0.74
C GLU G 96 -14.92 3.16 0.54
N VAL G 97 -14.22 3.25 1.67
CA VAL G 97 -14.83 3.56 2.96
C VAL G 97 -14.08 4.69 3.65
N VAL G 98 -14.85 5.56 4.31
CA VAL G 98 -14.31 6.64 5.06
C VAL G 98 -14.76 6.56 6.53
N ALA G 99 -13.83 6.67 7.49
CA ALA G 99 -14.19 6.88 8.91
C ALA G 99 -13.53 8.13 9.33
N GLU G 100 -14.27 9.02 9.96
CA GLU G 100 -13.75 10.37 10.31
C GLU G 100 -14.19 10.86 11.69
N SER G 101 -13.29 11.57 12.35
CA SER G 101 -13.52 12.07 13.68
C SER G 101 -12.89 13.42 13.89
N GLY G 102 -13.68 14.37 14.34
CA GLY G 102 -13.20 15.71 14.62
C GLY G 102 -13.67 16.79 13.69
N GLY G 103 -14.64 16.49 12.87
CA GLY G 103 -15.19 17.40 11.88
C GLY G 103 -15.84 18.72 12.19
N VAL G 104 -17.16 18.79 12.30
CA VAL G 104 -17.78 20.08 12.56
C VAL G 104 -17.61 20.54 13.98
N PRO G 105 -16.63 21.51 14.18
CA PRO G 105 -16.46 21.98 15.57
C PRO G 105 -17.67 22.04 16.51
N PRO G 106 -17.81 20.91 17.29
CA PRO G 106 -18.93 20.92 18.21
C PRO G 106 -18.44 20.59 19.64
N VAL G 107 -18.35 21.57 20.52
CA VAL G 107 -17.89 21.28 21.88
C VAL G 107 -19.04 20.85 22.79
N LEU H 2 -39.64 12.79 -23.64
CA LEU H 2 -39.30 11.60 -22.77
C LEU H 2 -39.55 11.87 -21.27
N LYS H 3 -40.63 11.31 -20.72
CA LYS H 3 -41.16 11.66 -19.37
C LYS H 3 -41.06 10.55 -18.29
N VAL H 4 -40.66 10.94 -17.07
CA VAL H 4 -40.43 10.01 -15.96
C VAL H 4 -41.42 10.20 -14.78
N SER H 5 -41.73 9.08 -14.11
CA SER H 5 -42.42 9.07 -12.80
C SER H 5 -41.62 9.80 -11.68
N LYS H 6 -40.40 9.32 -11.40
CA LYS H 6 -39.46 10.03 -10.51
C LYS H 6 -38.20 10.49 -11.27
N SER H 7 -38.00 11.81 -11.33
CA SER H 7 -36.91 12.45 -12.05
C SER H 7 -35.63 12.35 -11.25
N PRO H 8 -34.50 12.03 -11.91
CA PRO H 8 -33.27 12.08 -11.16
C PRO H 8 -32.87 13.54 -10.85
N SER H 9 -31.77 13.70 -10.14
CA SER H 9 -31.41 14.99 -9.57
C SER H 9 -30.55 15.84 -10.46
N LEU H 10 -29.76 15.21 -11.34
CA LEU H 10 -28.82 15.85 -12.29
C LEU H 10 -28.54 14.91 -13.44
N VAL H 11 -28.35 15.44 -14.65
CA VAL H 11 -27.95 14.63 -15.78
C VAL H 11 -26.98 15.45 -16.55
N ARG H 12 -25.91 14.80 -17.01
CA ARG H 12 -24.91 15.44 -17.89
C ARG H 12 -24.90 14.63 -19.18
N LEU H 13 -24.81 15.33 -20.31
CA LEU H 13 -24.63 14.75 -21.62
C LEU H 13 -23.47 15.44 -22.28
N LYS H 14 -22.65 14.70 -23.00
CA LYS H 14 -21.50 15.26 -23.61
C LYS H 14 -21.26 14.60 -24.96
N THR H 15 -21.01 15.45 -25.97
CA THR H 15 -20.65 14.94 -27.28
C THR H 15 -19.70 15.83 -28.12
N ARG H 16 -19.37 15.40 -29.35
CA ARG H 16 -18.51 16.19 -30.25
C ARG H 16 -19.34 16.75 -31.36
N GLY H 17 -19.00 17.94 -31.82
CA GLY H 17 -19.67 18.60 -32.92
C GLY H 17 -18.77 19.48 -33.77
N GLU H 18 -19.39 20.11 -34.75
CA GLU H 18 -18.77 20.92 -35.75
C GLU H 18 -19.62 22.14 -36.00
N SER H 19 -18.96 23.28 -36.21
CA SER H 19 -19.56 24.50 -36.68
C SER H 19 -18.61 25.09 -37.73
N VAL H 20 -18.86 26.35 -38.15
CA VAL H 20 -17.89 27.13 -38.94
C VAL H 20 -17.48 28.44 -38.24
N CYS H 21 -16.18 28.72 -38.28
CA CYS H 21 -15.59 29.98 -37.75
C CYS H 21 -15.80 31.16 -38.75
N PRO H 22 -16.60 32.17 -38.36
CA PRO H 22 -16.86 33.30 -39.30
C PRO H 22 -15.59 33.92 -39.93
N ILE H 23 -14.64 34.33 -39.09
CA ILE H 23 -13.45 35.10 -39.52
C ILE H 23 -12.60 34.41 -40.64
N SER H 24 -12.62 33.08 -40.68
CA SER H 24 -11.87 32.29 -41.66
C SER H 24 -12.70 31.38 -42.54
N LYS H 25 -13.98 31.22 -42.23
CA LYS H 25 -14.84 30.22 -42.88
C LYS H 25 -14.36 28.76 -42.76
N THR H 26 -13.36 28.49 -41.90
CA THR H 26 -12.89 27.11 -41.64
C THR H 26 -13.81 26.38 -40.67
N VAL H 27 -13.85 25.06 -40.81
CA VAL H 27 -14.66 24.22 -39.91
C VAL H 27 -14.01 24.20 -38.52
N ASP H 28 -14.80 24.42 -37.48
CA ASP H 28 -14.34 24.24 -36.10
C ASP H 28 -14.87 22.91 -35.47
N SER H 29 -13.97 22.12 -34.90
CA SER H 29 -14.36 20.93 -34.17
C SER H 29 -14.54 21.30 -32.67
N PHE H 30 -15.65 20.91 -32.01
CA PHE H 30 -15.83 21.24 -30.55
C PHE H 30 -16.39 20.11 -29.70
N GLU H 31 -16.08 20.16 -28.41
CA GLU H 31 -16.66 19.30 -27.42
C GLU H 31 -17.73 20.14 -26.78
N VAL H 32 -18.90 19.56 -26.56
CA VAL H 32 -19.96 20.30 -25.91
C VAL H 32 -20.58 19.46 -24.81
N SER H 33 -20.90 20.09 -23.68
CA SER H 33 -21.37 19.40 -22.44
C SER H 33 -22.58 20.12 -21.96
N VAL H 34 -23.55 19.36 -21.52
CA VAL H 34 -24.82 19.90 -21.06
C VAL H 34 -25.22 19.18 -19.80
N GLU H 35 -25.36 19.97 -18.75
CA GLU H 35 -25.65 19.47 -17.43
C GLU H 35 -26.96 20.09 -17.03
N TYR H 36 -27.89 19.30 -16.54
CA TYR H 36 -29.17 19.95 -16.09
C TYR H 36 -29.88 19.19 -15.04
N ILE H 37 -30.70 19.92 -14.26
CA ILE H 37 -31.64 19.32 -13.29
C ILE H 37 -32.98 19.11 -13.94
N PRO H 38 -33.42 17.84 -14.07
CA PRO H 38 -34.69 17.62 -14.76
C PRO H 38 -35.87 18.07 -13.92
N ARG H 39 -36.94 18.46 -14.60
CA ARG H 39 -38.25 18.78 -13.98
C ARG H 39 -39.39 18.00 -14.68
N GLY H 40 -39.62 16.75 -14.23
CA GLY H 40 -40.64 15.87 -14.83
C GLY H 40 -40.24 15.34 -16.19
N ALA H 41 -39.57 16.16 -16.98
CA ALA H 41 -39.07 15.83 -18.32
C ALA H 41 -37.55 15.61 -18.40
N VAL H 42 -37.19 14.55 -19.14
CA VAL H 42 -35.83 14.24 -19.55
C VAL H 42 -35.61 14.42 -21.07
N LEU H 43 -34.42 14.87 -21.44
CA LEU H 43 -34.06 15.07 -22.83
C LEU H 43 -33.55 13.81 -23.47
N ALA H 44 -34.13 13.48 -24.60
CA ALA H 44 -33.68 12.29 -25.30
C ALA H 44 -32.26 12.54 -25.81
N ILE H 45 -31.43 11.54 -25.65
CA ILE H 45 -30.12 11.51 -26.27
C ILE H 45 -30.21 11.89 -27.76
N GLU H 46 -31.20 11.35 -28.48
CA GLU H 46 -31.37 11.62 -29.92
C GLU H 46 -31.64 13.10 -30.19
N GLU H 47 -32.56 13.64 -29.39
CA GLU H 47 -32.96 15.05 -29.43
C GLU H 47 -31.70 15.89 -29.23
N PHE H 48 -30.84 15.41 -28.31
CA PHE H 48 -29.64 16.14 -27.95
C PHE H 48 -28.67 16.12 -29.11
N LYS H 49 -28.43 14.95 -29.61
CA LYS H 49 -27.65 14.82 -30.82
C LYS H 49 -28.10 15.76 -31.97
N LYS H 50 -29.41 15.90 -32.13
CA LYS H 50 -30.01 16.69 -33.21
C LYS H 50 -29.78 18.19 -32.96
N MSE H 51 -29.88 18.62 -31.69
CA MSE H 51 -29.55 19.96 -31.33
C MSE H 51 -28.16 20.25 -31.78
O MSE H 51 -27.95 21.16 -32.60
CB MSE H 51 -29.66 20.19 -29.87
CG MSE H 51 -31.13 20.32 -29.49
SE MSE H 51 -31.33 20.27 -27.54
CE MSE H 51 -33.24 19.85 -27.50
N VAL H 52 -27.22 19.42 -31.34
CA VAL H 52 -25.77 19.63 -31.60
C VAL H 52 -25.36 19.56 -33.08
N ASP H 53 -25.96 18.64 -33.86
CA ASP H 53 -25.64 18.49 -35.29
C ASP H 53 -26.15 19.67 -36.09
N SER H 54 -27.20 20.33 -35.61
CA SER H 54 -27.80 21.51 -36.25
C SER H 54 -26.81 22.62 -36.49
N TYR H 55 -25.68 22.59 -35.80
CA TYR H 55 -24.63 23.60 -35.99
C TYR H 55 -23.68 23.26 -37.12
N ARG H 56 -23.84 22.12 -37.82
CA ARG H 56 -22.90 21.80 -38.92
C ARG H 56 -23.08 22.87 -40.00
N GLY H 57 -21.99 23.32 -40.62
CA GLY H 57 -22.03 24.41 -41.65
C GLY H 57 -22.49 25.82 -41.20
N ARG H 58 -22.83 25.97 -39.91
CA ARG H 58 -23.44 27.16 -39.38
C ARG H 58 -22.38 28.11 -38.84
N GLU H 59 -22.47 29.38 -39.24
CA GLU H 59 -21.38 30.36 -39.01
C GLU H 59 -21.67 31.07 -37.72
N ILE H 60 -20.88 30.76 -36.68
CA ILE H 60 -21.27 31.13 -35.31
C ILE H 60 -20.10 30.95 -34.35
N LEU H 61 -19.88 31.90 -33.46
CA LEU H 61 -18.81 31.81 -32.44
C LEU H 61 -19.14 30.82 -31.34
N HIS H 62 -18.09 30.32 -30.71
CA HIS H 62 -18.22 29.36 -29.60
C HIS H 62 -19.03 29.99 -28.50
N GLU H 63 -18.92 31.31 -28.40
CA GLU H 63 -19.62 32.07 -27.42
C GLU H 63 -21.12 32.16 -27.77
N GLU H 64 -21.46 32.43 -29.03
CA GLU H 64 -22.87 32.41 -29.44
C GLU H 64 -23.43 30.95 -29.43
N LEU H 65 -22.56 29.99 -29.76
CA LEU H 65 -23.01 28.60 -29.78
C LEU H 65 -23.45 28.14 -28.41
N ALA H 66 -22.60 28.41 -27.42
CA ALA H 66 -22.91 28.06 -26.02
C ALA H 66 -24.26 28.63 -25.52
N VAL H 67 -24.57 29.85 -25.93
CA VAL H 67 -25.78 30.50 -25.44
C VAL H 67 -26.99 29.99 -26.21
N ASP H 68 -26.80 29.76 -27.51
CA ASP H 68 -27.85 29.23 -28.34
C ASP H 68 -28.32 27.85 -27.86
N LEU H 69 -27.39 26.98 -27.52
CA LEU H 69 -27.75 25.60 -27.14
C LEU H 69 -28.37 25.57 -25.73
N LEU H 70 -27.92 26.49 -24.88
CA LEU H 70 -28.61 26.74 -23.63
C LEU H 70 -30.09 27.12 -23.91
N GLU H 71 -30.31 28.06 -24.81
CA GLU H 71 -31.69 28.43 -25.13
C GLU H 71 -32.47 27.27 -25.72
N LYS H 72 -31.83 26.50 -26.59
CA LYS H 72 -32.44 25.27 -27.10
C LYS H 72 -32.91 24.29 -26.02
N VAL H 73 -32.07 24.05 -25.03
CA VAL H 73 -32.38 23.07 -23.98
C VAL H 73 -33.43 23.58 -22.97
N LYS H 74 -33.52 24.90 -22.77
CA LYS H 74 -34.64 25.47 -21.95
C LYS H 74 -35.95 25.31 -22.68
N ALA H 75 -35.94 25.65 -23.97
CA ALA H 75 -37.11 25.49 -24.83
C ALA H 75 -37.56 24.03 -24.95
N ALA H 76 -36.63 23.08 -24.89
CA ALA H 76 -36.97 21.68 -25.04
C ALA H 76 -37.51 21.09 -23.74
N VAL H 77 -36.79 21.23 -22.64
CA VAL H 77 -37.22 20.57 -21.38
C VAL H 77 -37.38 21.49 -20.13
N ASN H 78 -37.12 22.79 -20.26
CA ASN H 78 -37.44 23.75 -19.19
C ASN H 78 -36.92 23.39 -17.78
N PRO H 79 -35.61 23.17 -17.67
CA PRO H 79 -35.06 22.89 -16.36
C PRO H 79 -34.83 24.14 -15.51
N PRO H 80 -34.92 24.02 -14.17
CA PRO H 80 -34.55 25.11 -13.28
C PRO H 80 -33.09 25.48 -13.33
N TYR H 81 -32.20 24.48 -13.50
CA TYR H 81 -30.74 24.66 -13.73
C TYR H 81 -30.25 23.99 -15.03
N VAL H 82 -29.54 24.76 -15.84
CA VAL H 82 -28.88 24.25 -17.03
C VAL H 82 -27.51 24.91 -17.24
N LYS H 83 -26.50 24.10 -17.49
CA LYS H 83 -25.17 24.64 -17.77
C LYS H 83 -24.62 24.03 -19.05
N VAL H 84 -24.21 24.88 -19.97
CA VAL H 84 -23.64 24.41 -21.19
C VAL H 84 -22.20 24.80 -21.20
N THR H 85 -21.33 23.88 -21.60
CA THR H 85 -19.90 24.14 -21.64
C THR H 85 -19.46 23.78 -23.02
N VAL H 86 -18.51 24.51 -23.59
CA VAL H 86 -18.08 24.22 -24.96
C VAL H 86 -16.59 24.33 -25.03
N LYS H 87 -15.90 23.28 -25.43
CA LYS H 87 -14.45 23.32 -25.50
C LYS H 87 -14.05 23.20 -26.94
N SER H 88 -13.20 24.11 -27.41
CA SER H 88 -12.78 24.12 -28.80
C SER H 88 -11.31 24.43 -28.88
N TYR H 89 -10.79 24.67 -30.07
CA TYR H 89 -9.36 24.92 -30.21
C TYR H 89 -9.11 25.64 -31.50
N TYR H 90 -8.67 26.90 -31.45
CA TYR H 90 -8.44 27.69 -32.64
C TYR H 90 -7.10 28.43 -32.61
N ILE H 91 -6.21 28.09 -33.55
CA ILE H 91 -4.91 28.75 -33.79
C ILE H 91 -4.02 28.81 -32.56
N GLY H 92 -3.78 27.61 -32.03
CA GLY H 92 -2.91 27.45 -30.88
C GLY H 92 -3.52 27.90 -29.55
N VAL H 93 -4.82 28.26 -29.55
CA VAL H 93 -5.53 28.67 -28.33
C VAL H 93 -6.68 27.71 -27.92
N GLU H 94 -6.53 27.01 -26.79
CA GLU H 94 -7.59 26.17 -26.18
C GLU H 94 -8.68 27.12 -25.64
N VAL H 95 -9.94 26.89 -26.00
CA VAL H 95 -11.09 27.79 -25.64
C VAL H 95 -12.21 27.05 -24.90
N GLU H 96 -12.68 27.56 -23.76
CA GLU H 96 -13.80 26.91 -22.99
C GLU H 96 -14.79 27.98 -22.72
N VAL H 97 -16.06 27.73 -23.02
CA VAL H 97 -17.11 28.72 -22.77
C VAL H 97 -18.22 28.10 -21.97
N VAL H 98 -18.80 28.87 -21.05
CA VAL H 98 -19.86 28.36 -20.20
C VAL H 98 -21.06 29.27 -20.22
N ALA H 99 -22.26 28.69 -20.41
CA ALA H 99 -23.52 29.40 -20.28
C ALA H 99 -24.38 28.69 -19.27
N GLU H 100 -24.67 29.35 -18.14
CA GLU H 100 -25.64 28.86 -17.12
C GLU H 100 -26.87 29.66 -17.11
N SER H 101 -27.99 29.00 -16.83
CA SER H 101 -29.24 29.66 -16.44
C SER H 101 -29.97 28.84 -15.39
N GLY H 102 -30.17 29.44 -14.22
CA GLY H 102 -30.75 28.78 -13.06
C GLY H 102 -30.13 29.35 -11.80
N GLY H 103 -30.99 29.88 -10.90
CA GLY H 103 -30.61 30.73 -9.74
C GLY H 103 -29.64 30.16 -8.69
N VAL H 104 -28.41 29.91 -9.15
CA VAL H 104 -27.29 29.48 -8.32
C VAL H 104 -26.07 30.34 -8.76
N PRO H 105 -26.15 31.69 -8.59
CA PRO H 105 -25.19 32.58 -9.23
C PRO H 105 -23.93 32.69 -8.39
N MSE I 1 26.80 25.78 -33.31
CA MSE I 1 27.79 24.70 -33.65
C MSE I 1 28.65 24.43 -32.43
O MSE I 1 29.41 25.31 -32.03
CB MSE I 1 28.64 25.16 -34.87
CG MSE I 1 29.71 24.19 -35.38
SE MSE I 1 28.96 22.46 -36.03
CE MSE I 1 30.00 22.18 -37.68
N LEU I 2 28.50 23.23 -31.84
CA LEU I 2 29.23 22.82 -30.63
C LEU I 2 30.04 21.53 -30.90
N LYS I 3 31.30 21.49 -30.44
CA LYS I 3 32.19 20.35 -30.72
C LYS I 3 32.31 19.42 -29.53
N VAL I 4 31.78 18.20 -29.69
CA VAL I 4 31.89 17.11 -28.71
C VAL I 4 32.84 16.05 -29.26
N SER I 5 33.88 15.72 -28.50
CA SER I 5 34.88 14.71 -28.90
C SER I 5 34.22 13.32 -29.05
N LYS I 6 33.87 12.67 -27.93
CA LYS I 6 33.04 11.45 -27.93
C LYS I 6 31.54 11.78 -28.19
N SER I 7 31.04 11.41 -29.37
CA SER I 7 29.65 11.63 -29.77
C SER I 7 28.77 10.71 -28.94
N PRO I 8 27.63 11.20 -28.45
CA PRO I 8 26.60 10.24 -28.03
C PRO I 8 25.99 9.44 -29.20
N SER I 9 25.25 8.39 -28.88
CA SER I 9 24.63 7.53 -29.91
C SER I 9 23.41 8.19 -30.54
N LEU I 10 22.64 8.99 -29.80
CA LEU I 10 21.42 9.65 -30.30
C LEU I 10 21.06 10.83 -29.45
N VAL I 11 20.49 11.84 -30.08
CA VAL I 11 20.12 13.07 -29.40
C VAL I 11 18.77 13.50 -29.94
N ARG I 12 17.79 13.73 -29.05
CA ARG I 12 16.40 14.07 -29.42
C ARG I 12 16.11 15.48 -28.89
N LEU I 13 15.71 16.42 -29.74
CA LEU I 13 15.37 17.76 -29.33
C LEU I 13 13.95 17.91 -29.63
N LYS I 14 13.23 18.69 -28.84
CA LYS I 14 11.80 18.85 -29.09
C LYS I 14 11.23 20.14 -28.53
N THR I 15 10.41 20.82 -29.32
CA THR I 15 9.86 22.10 -28.91
C THR I 15 8.54 22.38 -29.62
N ARG I 16 7.93 23.55 -29.35
CA ARG I 16 6.71 23.98 -30.08
CA ARG I 16 6.69 24.01 -30.00
C ARG I 16 7.07 25.17 -30.96
N GLY I 17 6.22 25.45 -31.92
CA GLY I 17 6.36 26.57 -32.86
C GLY I 17 5.09 26.88 -33.70
N GLU I 18 5.24 27.74 -34.72
CA GLU I 18 4.13 28.35 -35.44
C GLU I 18 4.43 28.59 -36.92
N SER I 19 3.41 28.35 -37.76
CA SER I 19 3.47 28.58 -39.21
C SER I 19 2.17 29.29 -39.68
N VAL I 20 2.05 29.50 -41.00
CA VAL I 20 0.74 29.83 -41.59
C VAL I 20 0.27 28.69 -42.53
N CYS I 21 -1.02 28.38 -42.45
CA CYS I 21 -1.64 27.39 -43.29
C CYS I 21 -1.82 28.05 -44.64
N PRO I 22 -1.33 27.45 -45.72
CA PRO I 22 -1.47 28.16 -47.02
C PRO I 22 -2.95 28.40 -47.43
N ILE I 23 -3.76 27.39 -47.27
CA ILE I 23 -5.15 27.40 -47.72
C ILE I 23 -5.97 28.58 -47.15
N SER I 24 -5.77 28.94 -45.89
CA SER I 24 -6.62 29.88 -45.19
C SER I 24 -5.90 31.05 -44.49
N LYS I 25 -4.57 31.16 -44.67
CA LYS I 25 -3.75 32.20 -44.03
C LYS I 25 -3.95 32.31 -42.51
N THR I 26 -4.32 31.21 -41.85
CA THR I 26 -4.43 31.14 -40.38
C THR I 26 -3.16 30.57 -39.82
N VAL I 27 -2.91 30.88 -38.56
CA VAL I 27 -1.71 30.48 -37.85
C VAL I 27 -1.88 29.05 -37.34
N ASP I 28 -0.91 28.19 -37.65
CA ASP I 28 -0.85 26.81 -37.15
C ASP I 28 0.16 26.61 -36.04
N SER I 29 -0.29 26.26 -34.85
CA SER I 29 0.61 25.84 -33.79
C SER I 29 1.14 24.37 -34.04
N PHE I 30 2.38 24.07 -33.73
CA PHE I 30 2.87 22.72 -33.95
C PHE I 30 3.92 22.32 -32.91
N GLU I 31 4.15 21.03 -32.81
CA GLU I 31 5.18 20.48 -32.01
C GLU I 31 6.17 19.91 -33.01
N VAL I 32 7.46 20.06 -32.78
CA VAL I 32 8.45 19.43 -33.63
C VAL I 32 9.53 18.81 -32.77
N SER I 33 9.84 17.56 -33.07
CA SER I 33 10.95 16.88 -32.47
C SER I 33 11.94 16.64 -33.60
N VAL I 34 13.21 16.70 -33.24
CA VAL I 34 14.29 16.27 -34.09
C VAL I 34 15.15 15.26 -33.38
N GLU I 35 15.45 14.16 -34.05
CA GLU I 35 16.23 13.05 -33.46
C GLU I 35 17.35 12.73 -34.44
N TYR I 36 18.59 12.70 -33.96
CA TYR I 36 19.76 12.48 -34.84
C TYR I 36 20.93 11.83 -34.15
N ILE I 37 21.75 11.15 -34.93
CA ILE I 37 23.02 10.69 -34.42
C ILE I 37 24.08 11.80 -34.71
N PRO I 38 24.72 12.33 -33.67
CA PRO I 38 25.80 13.29 -33.95
C PRO I 38 26.99 12.60 -34.61
N ARG I 39 27.72 13.35 -35.43
CA ARG I 39 29.01 12.89 -35.91
C ARG I 39 29.95 14.05 -35.66
N GLY I 40 30.59 14.02 -34.49
CA GLY I 40 31.62 15.00 -34.15
C GLY I 40 31.02 16.30 -33.65
N ALA I 41 30.22 16.94 -34.50
CA ALA I 41 29.47 18.14 -34.14
C ALA I 41 28.17 17.76 -33.38
N VAL I 42 27.62 18.77 -32.69
CA VAL I 42 26.33 18.71 -31.99
C VAL I 42 25.58 20.03 -32.12
N LEU I 43 24.32 19.96 -32.53
CA LEU I 43 23.48 21.14 -32.73
C LEU I 43 23.16 21.81 -31.40
N ALA I 44 23.45 23.10 -31.28
CA ALA I 44 23.12 23.85 -30.06
C ALA I 44 21.60 23.96 -29.98
N ILE I 45 21.08 23.76 -28.79
CA ILE I 45 19.66 24.01 -28.51
C ILE I 45 19.21 25.36 -29.09
N GLU I 46 20.00 26.38 -28.84
CA GLU I 46 19.66 27.76 -29.16
C GLU I 46 19.55 27.97 -30.66
N GLU I 47 20.44 27.29 -31.39
CA GLU I 47 20.40 27.29 -32.85
C GLU I 47 19.15 26.53 -33.37
N PHE I 48 18.83 25.37 -32.75
CA PHE I 48 17.63 24.59 -33.07
C PHE I 48 16.38 25.41 -32.83
N LYS I 49 16.37 26.26 -31.82
CA LYS I 49 15.21 27.09 -31.57
C LYS I 49 15.06 28.19 -32.61
N LYS I 50 16.19 28.78 -33.02
CA LYS I 50 16.22 29.74 -34.13
C LYS I 50 15.66 29.15 -35.44
N MSE I 51 16.08 27.91 -35.73
CA MSE I 51 15.65 27.19 -36.91
C MSE I 51 14.14 27.05 -36.91
O MSE I 51 13.46 27.29 -37.94
CB MSE I 51 16.29 25.81 -36.94
CG MSE I 51 17.66 25.64 -37.61
SE MSE I 51 18.12 23.72 -37.33
CE MSE I 51 19.93 23.73 -38.06
N VAL I 52 13.56 26.73 -35.75
CA VAL I 52 12.12 26.52 -35.63
C VAL I 52 11.35 27.85 -35.67
N ASP I 53 11.96 28.93 -35.21
CA ASP I 53 11.28 30.22 -35.23
C ASP I 53 11.29 30.81 -36.58
N SER I 54 12.22 30.36 -37.43
CA SER I 54 12.26 30.84 -38.84
C SER I 54 10.96 30.61 -39.66
N TYR I 55 10.04 29.78 -39.12
CA TYR I 55 8.77 29.41 -39.73
C TYR I 55 7.63 30.32 -39.30
N ARG I 56 7.83 31.18 -38.30
CA ARG I 56 6.79 32.16 -37.93
C ARG I 56 6.36 33.00 -39.15
N GLY I 57 5.07 32.96 -39.43
CA GLY I 57 4.48 33.82 -40.45
C GLY I 57 4.70 33.39 -41.90
N ARG I 58 5.22 32.17 -42.08
CA ARG I 58 5.53 31.56 -43.37
C ARG I 58 4.45 30.54 -43.83
N GLU I 59 3.94 30.71 -45.05
CA GLU I 59 2.98 29.77 -45.58
C GLU I 59 3.73 28.52 -45.97
N ILE I 60 3.43 27.42 -45.29
CA ILE I 60 4.09 26.18 -45.53
C ILE I 60 3.27 25.06 -44.94
N LEU I 61 3.18 23.97 -45.68
CA LEU I 61 2.40 22.84 -45.22
C LEU I 61 3.24 22.13 -44.22
N HIS I 62 2.56 21.37 -43.39
CA HIS I 62 3.24 20.60 -42.37
C HIS I 62 4.19 19.62 -43.07
N GLU I 63 3.74 19.11 -44.22
CA GLU I 63 4.49 18.12 -44.96
C GLU I 63 5.78 18.75 -45.46
N GLU I 64 5.66 19.95 -46.01
CA GLU I 64 6.80 20.79 -46.38
C GLU I 64 7.73 21.16 -45.20
N LEU I 65 7.15 21.40 -44.03
CA LEU I 65 7.91 21.99 -42.94
C LEU I 65 8.90 20.96 -42.38
N ALA I 66 8.39 19.78 -42.11
CA ALA I 66 9.19 18.62 -41.73
C ALA I 66 10.42 18.40 -42.63
N VAL I 67 10.18 18.38 -43.92
CA VAL I 67 11.26 18.17 -44.85
C VAL I 67 12.25 19.32 -44.86
N ASP I 68 11.79 20.54 -45.10
CA ASP I 68 12.63 21.75 -44.93
C ASP I 68 13.59 21.78 -43.69
N LEU I 69 13.08 21.37 -42.52
CA LEU I 69 13.86 21.46 -41.27
C LEU I 69 14.93 20.39 -41.25
N LEU I 70 14.61 19.25 -41.84
CA LEU I 70 15.61 18.21 -42.10
C LEU I 70 16.84 18.70 -42.88
N GLU I 71 16.56 19.32 -44.02
CA GLU I 71 17.59 19.92 -44.87
C GLU I 71 18.35 20.94 -44.00
N LYS I 72 17.67 21.73 -43.19
CA LYS I 72 18.39 22.62 -42.28
C LYS I 72 19.33 21.87 -41.36
N VAL I 73 18.82 20.83 -40.70
CA VAL I 73 19.65 20.06 -39.77
C VAL I 73 20.84 19.32 -40.47
N LYS I 74 20.56 18.61 -41.55
CA LYS I 74 21.67 18.00 -42.31
C LYS I 74 22.74 19.05 -42.73
N ALA I 75 22.31 20.28 -43.07
CA ALA I 75 23.23 21.36 -43.38
C ALA I 75 24.09 21.67 -42.18
N ALA I 76 23.47 21.84 -41.01
CA ALA I 76 24.18 22.41 -39.89
C ALA I 76 25.18 21.48 -39.27
N VAL I 77 24.83 20.19 -39.17
CA VAL I 77 25.69 19.20 -38.50
C VAL I 77 25.85 17.86 -39.22
N ASN I 78 25.27 17.70 -40.40
CA ASN I 78 25.55 16.56 -41.25
C ASN I 78 25.59 15.21 -40.52
N PRO I 79 24.48 14.84 -39.84
CA PRO I 79 24.47 13.60 -39.12
C PRO I 79 24.25 12.46 -40.05
N PRO I 80 24.79 11.28 -39.73
CA PRO I 80 24.48 10.15 -40.61
C PRO I 80 23.00 9.85 -40.66
N TYR I 81 22.30 10.18 -39.57
CA TYR I 81 20.90 9.93 -39.45
C TYR I 81 20.23 11.15 -38.84
N VAL I 82 19.11 11.52 -39.47
CA VAL I 82 18.15 12.49 -38.92
C VAL I 82 16.68 12.08 -39.16
N LYS I 83 15.87 12.28 -38.12
CA LYS I 83 14.45 12.16 -38.22
C LYS I 83 13.80 13.38 -37.62
N VAL I 84 12.89 13.99 -38.37
CA VAL I 84 12.13 15.14 -37.95
C VAL I 84 10.66 14.75 -37.94
N THR I 85 10.01 14.89 -36.79
CA THR I 85 8.58 14.67 -36.66
C THR I 85 7.86 15.99 -36.39
N VAL I 86 6.69 16.22 -36.96
CA VAL I 86 5.97 17.48 -36.79
C VAL I 86 4.54 17.14 -36.47
N LYS I 87 4.05 17.54 -35.32
CA LYS I 87 2.66 17.21 -34.92
C LYS I 87 1.80 18.44 -34.86
N SER I 88 0.56 18.27 -35.30
CA SER I 88 -0.33 19.39 -35.39
C SER I 88 -1.79 18.98 -35.28
N TYR I 89 -2.66 19.98 -35.37
CA TYR I 89 -4.11 19.85 -35.29
C TYR I 89 -4.71 20.87 -36.24
N TYR I 90 -5.54 20.46 -37.19
CA TYR I 90 -6.25 21.41 -38.04
C TYR I 90 -7.65 20.86 -38.40
N ILE I 91 -8.67 21.70 -38.19
CA ILE I 91 -10.06 21.41 -38.50
C ILE I 91 -10.56 20.04 -38.06
N GLY I 92 -10.24 19.77 -36.80
CA GLY I 92 -10.60 18.55 -36.13
C GLY I 92 -9.76 17.37 -36.52
N VAL I 93 -8.58 17.60 -37.09
CA VAL I 93 -7.73 16.50 -37.58
C VAL I 93 -6.35 16.55 -36.96
N GLU I 94 -5.93 15.44 -36.34
CA GLU I 94 -4.60 15.37 -35.78
C GLU I 94 -3.69 14.94 -36.86
N VAL I 95 -2.60 15.66 -37.00
CA VAL I 95 -1.65 15.47 -38.11
C VAL I 95 -0.29 15.15 -37.56
N GLU I 96 0.32 14.04 -37.96
CA GLU I 96 1.76 13.86 -37.76
C GLU I 96 2.45 13.67 -39.04
N VAL I 97 3.71 14.02 -39.06
CA VAL I 97 4.52 13.91 -40.27
C VAL I 97 5.93 13.53 -39.89
N VAL I 98 6.52 12.56 -40.58
CA VAL I 98 7.93 12.19 -40.32
C VAL I 98 8.79 12.43 -41.56
N ALA I 99 10.01 12.96 -41.34
CA ALA I 99 11.05 13.14 -42.41
C ALA I 99 12.31 12.45 -41.98
N GLU I 100 12.72 11.42 -42.71
CA GLU I 100 13.89 10.62 -42.37
C GLU I 100 14.87 10.80 -43.48
N SER I 101 16.12 10.68 -43.11
CA SER I 101 17.19 10.69 -44.03
C SER I 101 18.37 10.01 -43.39
N GLY I 102 19.00 9.10 -44.14
CA GLY I 102 20.24 8.48 -43.72
C GLY I 102 20.10 7.11 -43.07
N GLY I 103 21.10 6.70 -42.33
CA GLY I 103 21.10 5.39 -41.70
C GLY I 103 22.52 4.85 -41.60
N VAL I 104 22.64 3.54 -41.81
CA VAL I 104 23.82 2.79 -41.37
C VAL I 104 24.82 2.29 -42.47
N PRO I 105 24.32 1.77 -43.60
CA PRO I 105 25.27 1.57 -44.70
C PRO I 105 25.14 2.67 -45.78
N PRO I 106 25.88 3.80 -45.65
CA PRO I 106 26.03 4.68 -46.84
C PRO I 106 26.60 3.98 -48.12
N VAL I 107 27.72 3.26 -47.97
CA VAL I 107 28.56 2.82 -49.11
C VAL I 107 27.91 1.65 -49.90
N MSE J 1 16.26 -14.45 10.71
CA MSE J 1 17.55 -15.20 10.51
C MSE J 1 18.71 -14.30 10.85
O MSE J 1 19.33 -13.69 9.98
CB MSE J 1 17.56 -15.76 9.08
CG MSE J 1 18.57 -16.89 8.86
SE MSE J 1 20.17 -16.37 7.79
CE MSE J 1 20.67 -18.15 7.09
N LEU J 2 19.04 -14.22 12.14
CA LEU J 2 20.08 -13.31 12.63
C LEU J 2 21.46 -13.92 12.40
N LYS J 3 22.30 -13.25 11.64
CA LYS J 3 23.67 -13.73 11.41
C LYS J 3 24.49 -13.43 12.64
N VAL J 4 25.47 -14.28 12.83
CA VAL J 4 26.44 -14.17 13.89
C VAL J 4 27.73 -14.67 13.24
N SER J 5 28.86 -14.05 13.57
CA SER J 5 30.14 -14.57 13.10
C SER J 5 30.39 -15.97 13.73
N LYS J 6 30.63 -16.07 15.05
CA LYS J 6 30.87 -17.37 15.71
C LYS J 6 29.60 -18.03 16.32
N SER J 7 29.11 -19.07 15.66
CA SER J 7 27.89 -19.81 16.05
C SER J 7 28.05 -20.50 17.39
N PRO J 8 26.96 -20.61 18.17
CA PRO J 8 27.07 -21.47 19.33
C PRO J 8 26.97 -22.93 18.97
N SER J 9 27.26 -23.78 19.93
CA SER J 9 27.32 -25.22 19.72
C SER J 9 25.96 -25.81 19.67
N LEU J 10 25.03 -25.30 20.50
CA LEU J 10 23.66 -25.83 20.60
C LEU J 10 22.68 -24.75 21.09
N VAL J 11 21.45 -24.72 20.59
CA VAL J 11 20.46 -23.78 21.10
C VAL J 11 19.18 -24.54 21.37
N ARG J 12 18.57 -24.39 22.55
CA ARG J 12 17.18 -24.90 22.77
C ARG J 12 16.24 -23.74 22.98
N LEU J 13 15.07 -23.79 22.39
CA LEU J 13 14.04 -22.82 22.56
C LEU J 13 12.80 -23.60 22.92
N LYS J 14 12.01 -23.10 23.85
CA LYS J 14 10.87 -23.82 24.37
C LYS J 14 9.73 -22.92 24.70
N THR J 15 8.52 -23.34 24.41
CA THR J 15 7.32 -22.51 24.56
C THR J 15 6.06 -23.28 24.37
N ARG J 16 4.93 -22.56 24.46
CA ARG J 16 3.59 -23.17 24.43
C ARG J 16 2.83 -22.69 23.22
N GLY J 17 2.03 -23.58 22.66
CA GLY J 17 1.13 -23.21 21.60
C GLY J 17 -0.14 -23.97 21.73
N GLU J 18 -1.03 -23.74 20.79
CA GLU J 18 -2.22 -24.55 20.62
C GLU J 18 -2.41 -24.90 19.16
N SER J 19 -3.31 -25.87 18.98
CA SER J 19 -3.79 -26.33 17.70
C SER J 19 -5.16 -26.95 17.96
N VAL J 20 -5.64 -27.81 17.09
CA VAL J 20 -6.94 -28.40 17.23
C VAL J 20 -6.82 -29.93 17.06
N CYS J 21 -7.53 -30.68 17.87
CA CYS J 21 -7.58 -32.11 17.72
C CYS J 21 -8.47 -32.36 16.52
N PRO J 22 -8.02 -33.20 15.55
CA PRO J 22 -8.87 -33.58 14.44
C PRO J 22 -10.15 -34.29 14.90
N ILE J 23 -9.99 -35.41 15.60
CA ILE J 23 -11.11 -36.29 15.97
C ILE J 23 -12.29 -35.47 16.53
N SER J 24 -11.98 -34.66 17.53
CA SER J 24 -12.98 -34.02 18.38
C SER J 24 -13.14 -32.53 18.17
N LYS J 25 -12.34 -31.91 17.30
CA LYS J 25 -12.36 -30.44 17.07
C LYS J 25 -12.05 -29.60 18.35
N THR J 26 -11.35 -30.19 19.31
CA THR J 26 -11.07 -29.49 20.56
C THR J 26 -9.72 -28.79 20.48
N VAL J 27 -9.72 -27.55 20.96
CA VAL J 27 -8.51 -26.77 21.07
C VAL J 27 -7.48 -27.58 21.93
N ASP J 28 -6.37 -27.99 21.31
CA ASP J 28 -5.29 -28.75 21.95
C ASP J 28 -4.17 -27.84 22.53
N SER J 29 -3.83 -28.06 23.78
CA SER J 29 -2.77 -27.26 24.41
C SER J 29 -1.43 -28.03 24.37
N PHE J 30 -0.31 -27.37 24.09
CA PHE J 30 0.97 -28.10 24.09
C PHE J 30 2.24 -27.26 24.39
N GLU J 31 3.28 -27.98 24.79
CA GLU J 31 4.59 -27.47 25.13
C GLU J 31 5.48 -27.86 23.93
N VAL J 32 6.38 -27.01 23.48
CA VAL J 32 7.18 -27.44 22.31
C VAL J 32 8.62 -27.04 22.43
N SER J 33 9.54 -27.88 21.96
CA SER J 33 10.99 -27.58 22.04
C SER J 33 11.73 -27.78 20.72
N VAL J 34 12.66 -26.91 20.45
CA VAL J 34 13.55 -27.13 19.34
C VAL J 34 14.94 -26.98 19.94
N GLU J 35 15.76 -28.00 19.73
CA GLU J 35 17.15 -28.01 20.03
C GLU J 35 17.79 -28.05 18.63
N TYR J 36 18.82 -27.24 18.39
CA TYR J 36 19.50 -27.25 17.07
C TYR J 36 20.93 -26.76 17.16
N ILE J 37 21.77 -27.30 16.27
CA ILE J 37 23.13 -26.89 16.12
C ILE J 37 23.20 -25.81 15.08
N PRO J 38 23.34 -24.52 15.48
CA PRO J 38 23.27 -23.47 14.46
C PRO J 38 24.43 -23.57 13.51
N ARG J 39 24.16 -23.31 12.22
CA ARG J 39 25.20 -23.17 11.17
C ARG J 39 25.09 -21.77 10.57
N GLY J 40 25.96 -20.86 11.01
CA GLY J 40 26.03 -19.51 10.45
C GLY J 40 25.02 -18.52 10.99
N ALA J 41 23.77 -18.96 11.13
CA ALA J 41 22.73 -18.11 11.72
C ALA J 41 21.84 -18.81 12.70
N VAL J 42 21.38 -18.00 13.63
CA VAL J 42 20.41 -18.41 14.60
C VAL J 42 18.99 -18.00 14.21
N LEU J 43 18.02 -18.74 14.74
CA LEU J 43 16.59 -18.46 14.64
C LEU J 43 16.17 -17.38 15.63
N ALA J 44 15.52 -16.35 15.14
CA ALA J 44 15.05 -15.31 16.02
C ALA J 44 13.91 -15.89 16.86
N ILE J 45 13.95 -15.55 18.15
CA ILE J 45 12.95 -15.97 19.06
C ILE J 45 11.58 -15.64 18.45
N GLU J 46 11.42 -14.37 18.06
CA GLU J 46 10.21 -13.82 17.39
C GLU J 46 9.72 -14.64 16.20
N GLU J 47 10.66 -15.07 15.35
CA GLU J 47 10.38 -15.93 14.23
C GLU J 47 9.83 -17.23 14.77
N PHE J 48 10.61 -17.88 15.62
CA PHE J 48 10.17 -19.15 16.24
C PHE J 48 8.78 -19.04 16.88
N LYS J 49 8.47 -17.89 17.44
CA LYS J 49 7.23 -17.72 18.17
C LYS J 49 6.08 -17.75 17.22
N LYS J 50 6.24 -16.92 16.18
CA LYS J 50 5.46 -16.99 14.93
C LYS J 50 5.21 -18.39 14.36
N MSE J 51 6.24 -19.23 14.26
CA MSE J 51 6.13 -20.61 13.74
C MSE J 51 5.14 -21.38 14.56
O MSE J 51 4.22 -22.02 14.01
CB MSE J 51 7.41 -21.41 13.71
CG MSE J 51 8.41 -20.93 12.67
SE MSE J 51 10.13 -21.91 12.86
CE MSE J 51 11.17 -20.97 11.47
N VAL J 52 5.28 -21.30 15.87
CA VAL J 52 4.41 -22.06 16.75
C VAL J 52 2.95 -21.51 16.81
N ASP J 53 2.81 -20.19 16.70
CA ASP J 53 1.49 -19.54 16.70
C ASP J 53 0.70 -19.91 15.46
N SER J 54 1.42 -20.00 14.34
CA SER J 54 0.92 -20.50 13.05
C SER J 54 -0.02 -21.70 13.11
N TYR J 55 0.06 -22.54 14.15
CA TYR J 55 -0.82 -23.72 14.27
C TYR J 55 -2.14 -23.47 14.98
N ARG J 56 -2.38 -22.25 15.46
CA ARG J 56 -3.64 -21.94 16.14
C ARG J 56 -4.80 -22.16 15.22
N GLY J 57 -5.72 -23.03 15.63
CA GLY J 57 -6.92 -23.32 14.83
C GLY J 57 -6.58 -24.14 13.60
N ARG J 58 -5.80 -25.19 13.78
CA ARG J 58 -5.37 -26.05 12.69
C ARG J 58 -5.61 -27.48 13.09
N GLU J 59 -5.98 -28.30 12.12
CA GLU J 59 -6.22 -29.68 12.39
C GLU J 59 -4.94 -30.44 12.09
N ILE J 60 -4.40 -30.98 13.17
CA ILE J 60 -3.14 -31.70 13.11
C ILE J 60 -2.98 -32.57 14.38
N LEU J 61 -2.36 -33.72 14.18
CA LEU J 61 -2.02 -34.61 15.27
C LEU J 61 -0.71 -34.19 15.88
N HIS J 62 -0.53 -34.57 17.14
CA HIS J 62 0.70 -34.20 17.86
C HIS J 62 1.90 -34.86 17.18
N GLU J 63 1.68 -36.02 16.59
CA GLU J 63 2.72 -36.65 15.81
C GLU J 63 3.08 -35.91 14.49
N GLU J 64 2.09 -35.33 13.79
CA GLU J 64 2.37 -34.64 12.52
C GLU J 64 2.97 -33.28 12.83
N LEU J 65 2.55 -32.72 13.96
CA LEU J 65 2.83 -31.33 14.28
C LEU J 65 4.35 -31.18 14.53
N ALA J 66 4.84 -32.05 15.39
CA ALA J 66 6.26 -32.19 15.58
C ALA J 66 6.97 -32.22 14.24
N VAL J 67 6.57 -33.13 13.34
CA VAL J 67 7.28 -33.31 12.05
C VAL J 67 7.26 -32.03 11.21
N ASP J 68 6.11 -31.40 11.08
CA ASP J 68 6.00 -30.17 10.29
C ASP J 68 6.99 -29.11 10.76
N LEU J 69 7.06 -28.92 12.07
CA LEU J 69 7.85 -27.84 12.64
C LEU J 69 9.31 -28.10 12.48
N LEU J 70 9.67 -29.37 12.53
CA LEU J 70 11.01 -29.75 12.15
C LEU J 70 11.31 -29.27 10.73
N GLU J 71 10.35 -29.46 9.80
CA GLU J 71 10.59 -29.02 8.43
C GLU J 71 10.88 -27.51 8.44
N LYS J 72 9.97 -26.74 9.04
CA LYS J 72 10.11 -25.28 9.07
C LYS J 72 11.50 -24.76 9.58
N VAL J 73 12.03 -25.40 10.62
CA VAL J 73 13.29 -24.97 11.24
C VAL J 73 14.41 -25.18 10.25
N LYS J 74 14.38 -26.33 9.57
CA LYS J 74 15.35 -26.66 8.54
C LYS J 74 15.35 -25.67 7.40
N ALA J 75 14.16 -25.28 6.93
CA ALA J 75 14.05 -24.15 5.99
C ALA J 75 14.68 -22.91 6.63
N ALA J 76 14.01 -22.29 7.61
CA ALA J 76 14.49 -21.00 8.19
C ALA J 76 16.01 -20.83 8.40
N VAL J 77 16.66 -21.84 8.98
CA VAL J 77 18.07 -21.70 9.43
C VAL J 77 19.02 -22.79 8.98
N ASN J 78 18.50 -23.92 8.55
CA ASN J 78 19.32 -24.99 7.98
C ASN J 78 20.48 -25.54 8.87
N PRO J 79 20.11 -26.17 9.99
CA PRO J 79 21.08 -26.76 10.86
C PRO J 79 21.31 -28.26 10.51
N PRO J 80 22.52 -28.79 10.83
CA PRO J 80 22.84 -30.18 10.61
C PRO J 80 22.33 -31.09 11.68
N TYR J 81 21.81 -30.55 12.76
CA TYR J 81 21.07 -31.34 13.74
C TYR J 81 19.91 -30.53 14.17
N VAL J 82 18.75 -31.17 14.23
CA VAL J 82 17.52 -30.55 14.75
C VAL J 82 16.70 -31.66 15.45
N LYS J 83 16.21 -31.36 16.66
CA LYS J 83 15.27 -32.22 17.43
C LYS J 83 14.08 -31.33 17.82
N VAL J 84 12.87 -31.79 17.58
CA VAL J 84 11.68 -31.10 18.05
C VAL J 84 10.96 -31.99 19.00
N THR J 85 10.52 -31.43 20.11
CA THR J 85 9.83 -32.19 21.12
C THR J 85 8.50 -31.50 21.30
N VAL J 86 7.43 -32.30 21.33
CA VAL J 86 6.09 -31.82 21.63
C VAL J 86 5.66 -32.57 22.86
N LYS J 87 4.96 -31.89 23.76
CA LYS J 87 4.35 -32.48 24.95
C LYS J 87 2.92 -32.00 25.12
N SER J 88 2.07 -32.92 25.52
CA SER J 88 0.69 -32.61 25.72
C SER J 88 0.06 -33.40 26.86
N TYR J 89 -1.27 -33.42 26.88
CA TYR J 89 -2.10 -34.19 27.80
C TYR J 89 -3.45 -34.17 27.11
N TYR J 90 -3.82 -35.27 26.46
CA TYR J 90 -5.18 -35.49 25.98
C TYR J 90 -5.87 -36.65 26.73
N ILE J 91 -7.07 -36.39 27.26
CA ILE J 91 -7.99 -37.41 27.83
C ILE J 91 -7.37 -38.37 28.86
N GLY J 92 -6.74 -37.77 29.85
CA GLY J 92 -6.01 -38.54 30.84
C GLY J 92 -4.73 -39.20 30.40
N VAL J 93 -4.21 -38.87 29.19
CA VAL J 93 -2.95 -39.46 28.66
C VAL J 93 -1.85 -38.38 28.39
N GLU J 94 -0.65 -38.53 28.96
CA GLU J 94 0.47 -37.63 28.71
CA GLU J 94 0.45 -37.60 28.68
C GLU J 94 1.14 -38.07 27.40
N VAL J 95 1.51 -37.14 26.54
CA VAL J 95 2.01 -37.47 25.21
C VAL J 95 3.28 -36.69 24.87
N GLU J 96 4.34 -37.40 24.52
CA GLU J 96 5.54 -36.78 24.03
C GLU J 96 5.79 -37.25 22.62
N VAL J 97 6.33 -36.39 21.78
CA VAL J 97 6.76 -36.77 20.48
C VAL J 97 8.08 -36.08 20.23
N VAL J 98 9.04 -36.85 19.72
CA VAL J 98 10.35 -36.32 19.38
C VAL J 98 10.51 -36.52 17.92
N ALA J 99 11.05 -35.51 17.21
CA ALA J 99 11.36 -35.63 15.78
C ALA J 99 12.79 -35.14 15.46
N GLU J 100 13.71 -36.07 15.15
CA GLU J 100 15.16 -35.82 14.99
C GLU J 100 15.54 -35.59 13.51
N SER J 101 16.81 -35.33 13.25
CA SER J 101 17.36 -35.17 11.89
C SER J 101 18.83 -34.82 11.95
N GLY J 102 19.68 -35.70 11.42
CA GLY J 102 21.12 -35.50 11.37
C GLY J 102 21.83 -36.09 12.58
N GLY J 103 23.11 -35.76 12.68
CA GLY J 103 23.99 -36.27 13.72
C GLY J 103 24.51 -35.09 14.53
N VAL J 104 24.84 -35.38 15.80
CA VAL J 104 25.03 -34.38 16.89
C VAL J 104 26.50 -33.85 16.98
N MSE K 1 15.30 38.75 -2.11
CA MSE K 1 13.98 39.09 -2.71
C MSE K 1 14.09 40.01 -3.92
O MSE K 1 15.11 40.67 -4.15
CB MSE K 1 13.04 39.70 -1.64
CG MSE K 1 13.52 41.05 -1.10
SE MSE K 1 12.68 41.45 0.66
CE MSE K 1 14.06 40.79 1.92
N LEU K 2 13.00 40.04 -4.70
CA LEU K 2 12.87 40.76 -5.96
C LEU K 2 11.68 41.73 -5.85
N LYS K 3 11.93 43.02 -6.04
CA LYS K 3 10.89 44.06 -5.84
C LYS K 3 10.01 44.36 -7.09
N VAL K 4 8.70 44.09 -6.97
CA VAL K 4 7.73 44.26 -8.05
C VAL K 4 6.80 45.42 -7.69
N SER K 5 6.32 46.14 -8.70
CA SER K 5 5.38 47.27 -8.52
C SER K 5 4.00 46.73 -8.12
N LYS K 6 3.28 46.14 -9.09
CA LYS K 6 1.98 45.50 -8.84
C LYS K 6 2.17 43.98 -8.57
N SER K 7 1.74 43.58 -7.38
CA SER K 7 1.86 42.23 -6.91
C SER K 7 0.77 41.35 -7.51
N PRO K 8 1.08 40.09 -7.79
CA PRO K 8 0.02 39.23 -8.21
C PRO K 8 -0.80 38.82 -7.06
N SER K 9 -1.96 38.24 -7.31
CA SER K 9 -2.83 37.72 -6.27
C SER K 9 -2.28 36.51 -5.55
N LEU K 10 -1.53 35.66 -6.27
CA LEU K 10 -1.06 34.36 -5.75
C LEU K 10 0.09 33.78 -6.58
N VAL K 11 1.00 33.06 -5.89
CA VAL K 11 2.20 32.44 -6.47
C VAL K 11 2.50 31.02 -5.91
N ARG K 12 2.85 30.09 -6.80
CA ARG K 12 3.26 28.76 -6.40
C ARG K 12 4.59 28.45 -7.05
N LEU K 13 5.45 27.78 -6.29
CA LEU K 13 6.73 27.27 -6.75
C LEU K 13 6.83 25.85 -6.30
N LYS K 14 7.52 25.03 -7.05
CA LYS K 14 7.59 23.63 -6.72
C LYS K 14 8.86 23.03 -7.27
N THR K 15 9.54 22.25 -6.44
CA THR K 15 10.72 21.56 -6.91
C THR K 15 10.96 20.26 -6.16
N ARG K 16 12.09 19.63 -6.47
CA ARG K 16 12.54 18.40 -5.88
C ARG K 16 13.84 18.68 -5.09
N GLY K 17 13.84 18.36 -3.79
CA GLY K 17 15.05 18.40 -2.95
C GLY K 17 15.33 17.11 -2.21
N GLU K 18 16.26 17.18 -1.24
CA GLU K 18 16.73 16.05 -0.45
C GLU K 18 17.07 16.41 0.97
N SER K 19 16.87 15.43 1.86
CA SER K 19 17.09 15.55 3.30
C SER K 19 17.68 14.22 3.84
N VAL K 20 17.97 14.13 5.15
CA VAL K 20 18.40 12.86 5.75
C VAL K 20 17.37 12.41 6.76
N CYS K 21 17.11 11.10 6.80
CA CYS K 21 16.10 10.58 7.68
C CYS K 21 16.71 10.37 9.06
N PRO K 22 16.15 11.01 10.10
CA PRO K 22 16.82 10.88 11.40
C PRO K 22 16.99 9.42 11.86
N ILE K 23 15.98 8.61 11.66
CA ILE K 23 15.98 7.31 12.31
C ILE K 23 17.07 6.44 11.70
N SER K 24 17.28 6.54 10.39
CA SER K 24 18.15 5.64 9.65
C SER K 24 19.32 6.32 8.90
N LYS K 25 19.51 7.63 9.05
CA LYS K 25 20.70 8.27 8.48
C LYS K 25 20.80 8.04 6.94
N THR K 26 19.64 7.84 6.28
CA THR K 26 19.53 7.55 4.84
C THR K 26 19.00 8.76 4.18
N VAL K 27 19.35 8.97 2.92
CA VAL K 27 18.83 10.10 2.16
C VAL K 27 17.35 9.94 1.75
N ASP K 28 16.52 10.91 2.14
CA ASP K 28 15.17 11.03 1.65
C ASP K 28 15.01 12.01 0.50
N SER K 29 14.50 11.55 -0.65
CA SER K 29 14.13 12.41 -1.77
C SER K 29 12.74 13.02 -1.54
N PHE K 30 12.49 14.23 -1.99
CA PHE K 30 11.16 14.81 -1.73
C PHE K 30 10.83 15.93 -2.70
N GLU K 31 9.56 16.30 -2.67
CA GLU K 31 8.97 17.26 -3.57
C GLU K 31 8.34 18.30 -2.68
N VAL K 32 8.39 19.54 -3.09
CA VAL K 32 7.91 20.61 -2.25
C VAL K 32 7.35 21.75 -3.03
N SER K 33 6.14 22.14 -2.66
CA SER K 33 5.47 23.32 -3.14
C SER K 33 5.45 24.34 -2.03
N VAL K 34 5.59 25.58 -2.43
CA VAL K 34 5.25 26.74 -1.58
C VAL K 34 4.25 27.61 -2.33
N GLU K 35 3.04 27.78 -1.78
CA GLU K 35 2.03 28.72 -2.28
C GLU K 35 2.07 29.96 -1.40
N TYR K 36 2.16 31.16 -1.98
CA TYR K 36 1.99 32.39 -1.20
C TYR K 36 1.40 33.59 -1.92
N ILE K 37 1.04 34.62 -1.12
CA ILE K 37 0.45 35.89 -1.62
C ILE K 37 1.54 36.95 -1.46
N PRO K 38 2.01 37.57 -2.55
CA PRO K 38 3.16 38.47 -2.37
C PRO K 38 2.81 39.91 -1.94
N ARG K 39 3.66 40.47 -1.07
CA ARG K 39 3.46 41.79 -0.43
C ARG K 39 4.60 42.77 -0.87
N GLY K 40 4.47 43.41 -2.04
CA GLY K 40 5.55 44.25 -2.59
C GLY K 40 6.73 43.50 -3.23
N ALA K 41 7.18 42.41 -2.59
CA ALA K 41 8.31 41.58 -3.03
C ALA K 41 7.86 40.17 -3.52
N VAL K 42 8.67 39.55 -4.40
CA VAL K 42 8.53 38.12 -4.76
C VAL K 42 9.78 37.33 -4.40
N LEU K 43 9.64 36.05 -4.08
CA LEU K 43 10.80 35.19 -3.85
C LEU K 43 11.50 34.79 -5.16
N ALA K 44 12.78 35.10 -5.29
CA ALA K 44 13.51 34.71 -6.47
C ALA K 44 13.59 33.19 -6.52
N ILE K 45 13.39 32.64 -7.70
CA ILE K 45 13.50 31.21 -7.92
C ILE K 45 14.87 30.69 -7.50
N GLU K 46 15.92 31.49 -7.67
CA GLU K 46 17.29 31.07 -7.33
C GLU K 46 17.47 31.00 -5.84
N GLU K 47 16.82 31.96 -5.15
CA GLU K 47 16.69 31.99 -3.70
C GLU K 47 15.90 30.82 -3.18
N PHE K 48 14.76 30.55 -3.77
CA PHE K 48 13.95 29.41 -3.34
C PHE K 48 14.71 28.10 -3.48
N LYS K 49 15.27 27.88 -4.64
CA LYS K 49 16.11 26.72 -4.89
C LYS K 49 17.36 26.58 -3.92
N LYS K 50 17.92 27.70 -3.46
CA LYS K 50 18.97 27.71 -2.42
C LYS K 50 18.41 27.31 -1.02
N MSE K 51 17.18 27.73 -0.68
CA MSE K 51 16.50 27.28 0.55
C MSE K 51 16.34 25.77 0.55
O MSE K 51 16.65 25.10 1.52
CB MSE K 51 15.10 27.82 0.80
CG MSE K 51 15.06 29.34 0.86
SE MSE K 51 13.21 30.01 1.03
CE MSE K 51 13.85 31.85 1.36
N VAL K 52 15.85 25.24 -0.56
CA VAL K 52 15.59 23.82 -0.72
C VAL K 52 16.90 22.97 -0.78
N ASP K 53 17.94 23.44 -1.49
CA ASP K 53 19.22 22.71 -1.52
C ASP K 53 19.75 22.66 -0.08
N SER K 54 19.46 23.70 0.72
CA SER K 54 19.91 23.81 2.12
C SER K 54 19.57 22.60 3.00
N TYR K 55 18.61 21.76 2.59
CA TYR K 55 18.30 20.52 3.34
C TYR K 55 19.23 19.33 3.03
N ARG K 56 20.12 19.44 2.03
CA ARG K 56 20.98 18.30 1.72
C ARG K 56 21.79 18.01 2.99
N GLY K 57 21.92 16.73 3.36
CA GLY K 57 22.76 16.32 4.51
C GLY K 57 22.24 16.65 5.90
N ARG K 58 21.04 17.25 5.95
CA ARG K 58 20.43 17.66 7.19
C ARG K 58 19.35 16.65 7.68
N GLU K 59 19.57 16.17 8.92
CA GLU K 59 18.69 15.21 9.59
C GLU K 59 17.44 15.88 10.09
N ILE K 60 16.33 15.53 9.50
CA ILE K 60 15.10 16.26 9.75
C ILE K 60 13.93 15.46 9.19
N LEU K 61 12.80 15.58 9.85
CA LEU K 61 11.59 14.79 9.51
C LEU K 61 10.84 15.56 8.44
N HIS K 62 10.10 14.88 7.58
CA HIS K 62 9.21 15.62 6.62
C HIS K 62 8.25 16.58 7.37
N GLU K 63 7.75 16.19 8.53
CA GLU K 63 6.84 17.05 9.27
C GLU K 63 7.56 18.30 9.80
N GLU K 64 8.75 18.10 10.37
CA GLU K 64 9.54 19.23 10.83
C GLU K 64 10.02 20.10 9.63
N LEU K 65 10.35 19.45 8.49
CA LEU K 65 10.86 20.14 7.25
C LEU K 65 9.87 21.13 6.67
N ALA K 66 8.60 20.75 6.63
CA ALA K 66 7.55 21.63 6.16
C ALA K 66 7.48 22.89 7.01
N VAL K 67 7.45 22.73 8.31
CA VAL K 67 7.38 23.86 9.26
C VAL K 67 8.63 24.79 9.11
N ASP K 68 9.80 24.20 8.93
CA ASP K 68 11.10 24.92 8.90
C ASP K 68 11.24 25.79 7.69
N LEU K 69 10.99 25.22 6.53
CA LEU K 69 10.82 25.98 5.27
C LEU K 69 9.70 27.06 5.29
N LEU K 70 8.60 26.86 5.99
CA LEU K 70 7.58 27.89 6.08
C LEU K 70 8.17 29.14 6.75
N GLU K 71 8.94 28.91 7.83
CA GLU K 71 9.64 29.98 8.56
C GLU K 71 10.58 30.76 7.63
N LYS K 72 11.47 30.08 6.92
CA LYS K 72 12.47 30.69 6.00
C LYS K 72 11.89 31.64 4.98
N VAL K 73 10.73 31.23 4.44
CA VAL K 73 10.03 32.01 3.44
C VAL K 73 9.33 33.22 4.06
N LYS K 74 8.86 33.13 5.32
CA LYS K 74 8.37 34.32 6.02
C LYS K 74 9.54 35.27 6.40
N ALA K 75 10.58 34.72 7.02
CA ALA K 75 11.91 35.35 7.18
C ALA K 75 12.40 36.13 5.95
N ALA K 76 12.31 35.51 4.79
CA ALA K 76 12.74 36.13 3.55
C ALA K 76 11.81 37.25 3.11
N VAL K 77 10.54 36.94 2.85
CA VAL K 77 9.62 37.86 2.12
C VAL K 77 8.31 38.22 2.82
N ASN K 78 8.17 37.80 4.07
CA ASN K 78 6.99 38.11 4.91
C ASN K 78 5.65 38.39 4.20
N PRO K 79 5.05 37.35 3.66
CA PRO K 79 3.75 37.48 3.03
C PRO K 79 2.63 37.26 4.01
N PRO K 80 1.39 37.74 3.70
CA PRO K 80 0.23 37.54 4.60
C PRO K 80 -0.18 36.11 4.70
N TYR K 81 0.15 35.34 3.66
CA TYR K 81 -0.23 33.94 3.56
C TYR K 81 0.90 33.07 3.01
N VAL K 82 1.22 31.97 3.68
CA VAL K 82 2.11 30.95 3.12
C VAL K 82 1.56 29.55 3.40
N LYS K 83 1.52 28.70 2.37
CA LYS K 83 1.20 27.28 2.54
C LYS K 83 2.27 26.46 1.93
N VAL K 84 2.82 25.54 2.70
CA VAL K 84 3.95 24.73 2.29
C VAL K 84 3.47 23.29 2.35
N THR K 85 3.73 22.55 1.29
CA THR K 85 3.31 21.16 1.14
C THR K 85 4.53 20.32 0.79
N VAL K 86 4.70 19.23 1.50
CA VAL K 86 5.85 18.33 1.25
C VAL K 86 5.32 16.96 0.87
N LYS K 87 5.91 16.34 -0.15
CA LYS K 87 5.50 14.96 -0.46
C LYS K 87 6.71 14.13 -0.60
N SER K 88 6.62 12.95 -0.01
CA SER K 88 7.69 11.96 -0.05
C SER K 88 7.17 10.53 0.05
N TYR K 89 8.11 9.59 -0.01
CA TYR K 89 7.87 8.17 0.09
C TYR K 89 8.86 7.62 1.04
N TYR K 90 8.46 6.86 2.03
CA TYR K 90 9.44 6.16 2.87
C TYR K 90 8.91 4.79 3.23
N ILE K 91 9.75 3.78 3.03
CA ILE K 91 9.44 2.37 3.21
C ILE K 91 8.05 1.93 2.69
N GLY K 92 7.66 2.37 1.49
CA GLY K 92 6.40 1.92 0.92
C GLY K 92 5.23 2.70 1.44
N VAL K 93 5.53 3.78 2.18
CA VAL K 93 4.50 4.70 2.67
C VAL K 93 4.65 6.05 2.01
N GLU K 94 3.59 6.52 1.38
CA GLU K 94 3.55 7.87 0.86
C GLU K 94 3.11 8.90 1.93
N VAL K 95 3.89 9.96 2.04
CA VAL K 95 3.72 10.97 3.06
C VAL K 95 3.48 12.32 2.40
N GLU K 96 2.45 13.04 2.84
CA GLU K 96 2.26 14.43 2.45
C GLU K 96 2.17 15.24 3.73
N VAL K 97 2.79 16.41 3.78
CA VAL K 97 2.63 17.32 4.91
C VAL K 97 2.32 18.72 4.42
N VAL K 98 1.25 19.31 4.96
CA VAL K 98 0.88 20.69 4.67
C VAL K 98 1.10 21.56 5.92
N ALA K 99 1.69 22.75 5.73
CA ALA K 99 1.89 23.66 6.84
C ALA K 99 1.54 25.03 6.37
N GLU K 100 0.43 25.57 6.90
CA GLU K 100 -0.13 26.88 6.53
C GLU K 100 0.14 27.98 7.53
N SER K 101 0.49 29.16 7.07
CA SER K 101 0.57 30.38 7.93
C SER K 101 -0.40 31.50 7.39
N GLY K 102 -1.06 32.24 8.29
CA GLY K 102 -1.73 33.50 7.92
C GLY K 102 -3.02 33.35 7.13
N GLY K 103 -3.43 34.41 6.43
CA GLY K 103 -4.63 34.37 5.59
C GLY K 103 -4.81 35.59 4.68
N VAL K 104 -6.06 35.78 4.22
CA VAL K 104 -6.40 36.69 3.10
C VAL K 104 -6.42 38.24 3.39
N PRO K 105 -6.98 38.73 4.54
CA PRO K 105 -7.19 40.21 4.68
C PRO K 105 -5.89 41.09 4.70
N PRO K 106 -5.92 42.34 4.19
CA PRO K 106 -7.11 43.00 3.59
C PRO K 106 -7.41 42.61 2.14
N MSE L 1 -11.91 42.38 -30.86
CA MSE L 1 -13.06 42.62 -29.95
C MSE L 1 -14.37 42.44 -30.69
O MSE L 1 -14.86 43.34 -31.38
CB MSE L 1 -12.93 44.02 -29.40
CG MSE L 1 -14.08 44.40 -28.48
SE MSE L 1 -13.62 46.04 -27.49
CE MSE L 1 -11.97 46.71 -28.36
N LEU L 2 -14.96 41.25 -30.50
CA LEU L 2 -16.20 40.85 -31.16
C LEU L 2 -17.36 41.27 -30.25
N LYS L 3 -18.59 41.11 -30.72
CA LYS L 3 -19.77 41.76 -30.12
C LYS L 3 -20.92 40.79 -29.95
N VAL L 4 -21.49 40.68 -28.75
CA VAL L 4 -22.66 39.82 -28.50
C VAL L 4 -23.70 40.57 -27.67
N SER L 5 -24.97 40.30 -27.97
CA SER L 5 -26.09 40.83 -27.17
C SER L 5 -26.30 39.93 -25.93
N LYS L 6 -26.43 38.61 -26.16
CA LYS L 6 -26.53 37.63 -25.06
C LYS L 6 -25.17 36.99 -24.69
N SER L 7 -24.57 37.45 -23.57
CA SER L 7 -23.23 37.03 -23.17
C SER L 7 -23.22 35.67 -22.48
N PRO L 8 -22.11 34.90 -22.64
CA PRO L 8 -21.90 33.72 -21.79
C PRO L 8 -21.60 34.08 -20.35
N SER L 9 -21.65 33.11 -19.46
CA SER L 9 -21.31 33.34 -18.05
C SER L 9 -19.80 33.42 -17.82
N LEU L 10 -19.02 32.62 -18.55
CA LEU L 10 -17.56 32.58 -18.35
C LEU L 10 -16.89 32.10 -19.61
N VAL L 11 -15.63 32.47 -19.80
CA VAL L 11 -14.81 32.08 -20.96
C VAL L 11 -13.34 31.91 -20.55
N ARG L 12 -12.70 30.76 -20.83
CA ARG L 12 -11.25 30.57 -20.54
C ARG L 12 -10.57 30.47 -21.87
N LEU L 13 -9.56 31.28 -22.10
CA LEU L 13 -8.64 31.08 -23.20
C LEU L 13 -7.32 30.61 -22.62
N LYS L 14 -6.56 29.83 -23.36
CA LYS L 14 -5.29 29.36 -22.84
C LYS L 14 -4.33 29.14 -23.98
N THR L 15 -3.05 29.47 -23.79
CA THR L 15 -2.12 29.40 -24.90
C THR L 15 -0.67 29.46 -24.45
N ARG L 16 0.24 29.13 -25.35
CA ARG L 16 1.69 29.03 -25.08
C ARG L 16 2.28 30.38 -25.43
N GLY L 17 3.53 30.61 -25.10
CA GLY L 17 4.15 31.92 -25.16
C GLY L 17 5.61 31.99 -24.66
N GLU L 18 6.26 33.06 -25.05
CA GLU L 18 7.70 33.26 -24.84
C GLU L 18 7.99 34.65 -24.25
N SER L 19 9.10 34.76 -23.54
CA SER L 19 9.52 36.03 -22.96
C SER L 19 10.97 35.88 -22.57
N VAL L 20 11.61 36.95 -22.11
CA VAL L 20 13.00 36.85 -21.66
C VAL L 20 13.06 36.94 -20.15
N CYS L 21 13.92 36.11 -19.56
CA CYS L 21 14.24 36.16 -18.14
C CYS L 21 15.32 37.23 -17.92
N PRO L 22 15.05 38.23 -17.05
CA PRO L 22 15.98 39.37 -17.02
C PRO L 22 17.28 39.02 -16.33
N ILE L 23 17.24 38.05 -15.42
CA ILE L 23 18.41 37.69 -14.62
C ILE L 23 19.53 37.13 -15.50
N SER L 24 19.15 36.31 -16.50
CA SER L 24 20.09 35.48 -17.27
C SER L 24 20.12 35.78 -18.78
N LYS L 25 19.32 36.74 -19.23
CA LYS L 25 19.01 36.99 -20.64
C LYS L 25 18.40 35.81 -21.44
N THR L 26 18.01 34.72 -20.76
CA THR L 26 17.53 33.54 -21.45
C THR L 26 16.06 33.65 -21.79
N VAL L 27 15.65 32.88 -22.78
CA VAL L 27 14.25 32.85 -23.18
C VAL L 27 13.44 31.92 -22.22
N ASP L 28 12.24 32.42 -21.85
CA ASP L 28 11.26 31.72 -21.03
C ASP L 28 10.02 31.26 -21.79
N SER L 29 9.90 29.97 -22.01
CA SER L 29 8.67 29.42 -22.50
C SER L 29 7.66 29.39 -21.33
N PHE L 30 6.40 29.77 -21.56
CA PHE L 30 5.37 29.82 -20.49
C PHE L 30 3.98 29.58 -21.03
N GLU L 31 3.12 29.09 -20.15
CA GLU L 31 1.74 28.79 -20.47
C GLU L 31 0.97 29.88 -19.81
N VAL L 32 -0.07 30.32 -20.48
CA VAL L 32 -0.86 31.43 -20.00
C VAL L 32 -2.32 31.21 -20.31
N SER L 33 -3.11 31.26 -19.29
CA SER L 33 -4.50 31.12 -19.41
C SER L 33 -5.11 32.42 -18.97
N VAL L 34 -6.29 32.73 -19.52
CA VAL L 34 -7.15 33.80 -19.01
C VAL L 34 -8.57 33.31 -18.90
N GLU L 35 -9.17 33.55 -17.74
CA GLU L 35 -10.54 33.24 -17.44
C GLU L 35 -11.16 34.62 -17.18
N TYR L 36 -12.38 34.81 -17.67
CA TYR L 36 -13.10 36.11 -17.47
C TYR L 36 -14.60 35.95 -17.67
N ILE L 37 -15.39 36.77 -16.97
CA ILE L 37 -16.85 36.84 -17.19
C ILE L 37 -16.97 38.02 -18.13
N PRO L 38 -17.62 37.86 -19.30
CA PRO L 38 -17.68 38.92 -20.31
C PRO L 38 -18.90 39.81 -20.13
N ARG L 39 -18.70 41.14 -20.15
CA ARG L 39 -19.79 42.11 -20.05
C ARG L 39 -20.04 42.78 -21.40
N GLY L 40 -21.09 42.38 -22.11
CA GLY L 40 -21.40 42.93 -23.43
C GLY L 40 -20.51 42.37 -24.54
N ALA L 41 -19.20 42.64 -24.46
CA ALA L 41 -18.15 42.17 -25.43
C ALA L 41 -17.44 40.88 -25.07
N VAL L 42 -16.99 40.17 -26.10
CA VAL L 42 -16.07 39.04 -25.97
C VAL L 42 -14.71 39.39 -26.61
N LEU L 43 -13.62 38.93 -25.99
CA LEU L 43 -12.25 39.07 -26.55
C LEU L 43 -11.98 38.11 -27.72
N ALA L 44 -11.55 38.63 -28.85
CA ALA L 44 -11.23 37.74 -29.96
C ALA L 44 -9.96 37.06 -29.62
N ILE L 45 -9.92 35.78 -29.98
CA ILE L 45 -8.75 34.93 -29.85
C ILE L 45 -7.54 35.61 -30.46
N GLU L 46 -7.75 36.27 -31.59
CA GLU L 46 -6.67 36.95 -32.33
C GLU L 46 -6.02 38.10 -31.52
N GLU L 47 -6.87 38.91 -30.89
CA GLU L 47 -6.45 39.97 -29.97
C GLU L 47 -5.67 39.32 -28.82
N PHE L 48 -6.30 38.34 -28.19
CA PHE L 48 -5.67 37.59 -27.08
C PHE L 48 -4.32 37.02 -27.53
N LYS L 49 -4.30 36.33 -28.63
CA LYS L 49 -3.06 35.74 -29.15
C LYS L 49 -1.97 36.81 -29.40
N LYS L 50 -2.43 37.97 -29.87
CA LYS L 50 -1.57 39.10 -30.10
C LYS L 50 -1.08 39.75 -28.79
N MSE L 51 -1.96 39.84 -27.79
CA MSE L 51 -1.55 40.29 -26.44
C MSE L 51 -0.37 39.50 -25.92
O MSE L 51 0.64 40.07 -25.52
CB MSE L 51 -2.63 40.24 -25.39
CG MSE L 51 -3.64 41.35 -25.64
SE MSE L 51 -5.19 40.92 -24.53
CE MSE L 51 -6.48 42.29 -25.12
N VAL L 52 -0.47 38.20 -26.03
CA VAL L 52 0.51 37.28 -25.49
C VAL L 52 1.77 37.29 -26.32
N ASP L 53 1.63 37.49 -27.63
CA ASP L 53 2.80 37.46 -28.50
C ASP L 53 3.69 38.66 -28.26
N SER L 54 3.12 39.73 -27.68
CA SER L 54 3.83 41.00 -27.40
C SER L 54 5.03 40.88 -26.46
N TYR L 55 5.09 39.82 -25.69
CA TYR L 55 6.16 39.64 -24.74
C TYR L 55 7.39 38.99 -25.34
N ARG L 56 7.38 38.57 -26.61
CA ARG L 56 8.60 37.98 -27.18
C ARG L 56 9.73 39.04 -27.22
N GLY L 57 10.96 38.62 -26.89
CA GLY L 57 12.10 39.53 -26.86
C GLY L 57 12.13 40.49 -25.67
N ARG L 58 11.17 40.36 -24.74
CA ARG L 58 10.95 41.33 -23.69
C ARG L 58 11.33 40.81 -22.26
N GLU L 59 12.36 41.41 -21.68
CA GLU L 59 12.87 41.04 -20.36
C GLU L 59 11.85 41.30 -19.26
N ILE L 60 11.23 40.26 -18.73
CA ILE L 60 10.17 40.44 -17.74
C ILE L 60 10.11 39.24 -16.80
N LEU L 61 9.60 39.46 -15.59
CA LEU L 61 9.25 38.36 -14.66
C LEU L 61 7.82 37.81 -14.85
N HIS L 62 7.66 36.52 -14.59
CA HIS L 62 6.35 35.82 -14.70
C HIS L 62 5.26 36.39 -13.78
N GLU L 63 5.73 37.00 -12.68
CA GLU L 63 4.90 37.75 -11.76
C GLU L 63 4.46 39.10 -12.36
N GLU L 64 5.38 39.78 -13.03
CA GLU L 64 5.05 41.01 -13.72
C GLU L 64 4.19 40.78 -14.97
N LEU L 65 4.29 39.60 -15.59
CA LEU L 65 3.59 39.32 -16.87
C LEU L 65 2.12 39.07 -16.58
N ALA L 66 1.89 38.18 -15.62
CA ALA L 66 0.54 37.92 -15.11
C ALA L 66 -0.21 39.21 -14.82
N VAL L 67 0.48 40.17 -14.22
CA VAL L 67 -0.13 41.43 -13.86
C VAL L 67 -0.29 42.29 -15.13
N ASP L 68 0.75 42.32 -15.95
CA ASP L 68 0.70 43.16 -17.14
C ASP L 68 -0.51 42.75 -18.01
N LEU L 69 -0.64 41.44 -18.27
CA LEU L 69 -1.72 40.93 -19.13
C LEU L 69 -3.15 41.12 -18.54
N LEU L 70 -3.27 40.94 -17.23
CA LEU L 70 -4.45 41.36 -16.49
C LEU L 70 -4.89 42.77 -16.94
N GLU L 71 -4.01 43.75 -16.80
CA GLU L 71 -4.32 45.12 -17.17
C GLU L 71 -4.69 45.27 -18.66
N LYS L 72 -4.07 44.47 -19.54
CA LYS L 72 -4.43 44.52 -20.99
C LYS L 72 -5.85 44.05 -21.24
N VAL L 73 -6.23 42.91 -20.68
CA VAL L 73 -7.57 42.38 -20.85
C VAL L 73 -8.59 43.34 -20.24
N LYS L 74 -8.21 44.07 -19.19
CA LYS L 74 -9.10 45.06 -18.54
C LYS L 74 -9.31 46.29 -19.34
N ALA L 75 -8.24 46.76 -19.98
CA ALA L 75 -8.35 47.85 -20.93
C ALA L 75 -9.28 47.43 -22.11
N ALA L 76 -9.10 46.21 -22.62
CA ALA L 76 -9.67 45.84 -23.91
C ALA L 76 -11.13 45.40 -23.87
N VAL L 77 -11.57 44.76 -22.80
CA VAL L 77 -13.01 44.36 -22.68
C VAL L 77 -13.63 44.58 -21.28
N ASN L 78 -12.85 45.18 -20.37
CA ASN L 78 -13.29 45.59 -19.04
C ASN L 78 -14.36 44.71 -18.40
N PRO L 79 -14.03 43.46 -18.16
CA PRO L 79 -15.03 42.60 -17.56
C PRO L 79 -15.10 42.78 -16.04
N PRO L 80 -16.24 42.42 -15.43
CA PRO L 80 -16.38 42.40 -13.97
C PRO L 80 -15.34 41.54 -13.27
N TYR L 81 -15.03 40.36 -13.83
CA TYR L 81 -14.00 39.43 -13.30
C TYR L 81 -13.02 39.01 -14.36
N VAL L 82 -11.77 38.89 -13.99
CA VAL L 82 -10.70 38.45 -14.89
C VAL L 82 -9.68 37.73 -14.04
N LYS L 83 -9.13 36.66 -14.58
CA LYS L 83 -8.06 35.94 -13.92
C LYS L 83 -7.02 35.48 -14.88
N VAL L 84 -5.81 35.96 -14.68
CA VAL L 84 -4.67 35.49 -15.45
C VAL L 84 -3.83 34.48 -14.64
N THR L 85 -3.30 33.51 -15.33
CA THR L 85 -2.48 32.50 -14.72
C THR L 85 -1.31 32.29 -15.64
N VAL L 86 -0.10 32.34 -15.14
CA VAL L 86 1.03 32.01 -15.98
C VAL L 86 1.57 30.75 -15.39
N LYS L 87 2.15 29.90 -16.22
CA LYS L 87 2.93 28.75 -15.72
C LYS L 87 4.17 28.68 -16.51
N SER L 88 5.27 28.40 -15.83
CA SER L 88 6.54 28.32 -16.48
C SER L 88 7.49 27.43 -15.67
N TYR L 89 8.69 27.23 -16.21
CA TYR L 89 9.71 26.40 -15.59
C TYR L 89 11.07 27.13 -15.69
N TYR L 90 11.84 27.01 -14.63
CA TYR L 90 13.12 27.62 -14.59
C TYR L 90 14.01 26.93 -13.55
N ILE L 91 15.14 26.45 -14.05
CA ILE L 91 16.27 25.88 -13.25
C ILE L 91 15.79 24.83 -12.30
N GLY L 92 14.90 23.98 -12.79
CA GLY L 92 14.32 22.92 -11.99
C GLY L 92 13.11 23.30 -11.18
N VAL L 93 12.61 24.53 -11.30
CA VAL L 93 11.47 24.96 -10.49
C VAL L 93 10.26 25.19 -11.39
N GLU L 94 9.11 24.60 -11.02
CA GLU L 94 7.83 24.94 -11.64
C GLU L 94 7.27 26.13 -10.93
N VAL L 95 6.51 26.93 -11.66
CA VAL L 95 6.14 28.28 -11.21
C VAL L 95 4.71 28.61 -11.63
N GLU L 96 3.85 29.05 -10.73
CA GLU L 96 2.58 29.62 -11.19
C GLU L 96 2.32 30.95 -10.57
N VAL L 97 1.87 31.89 -11.37
CA VAL L 97 1.40 33.15 -10.87
C VAL L 97 -0.04 33.25 -11.22
N VAL L 98 -0.83 33.76 -10.31
CA VAL L 98 -2.22 34.05 -10.59
C VAL L 98 -2.41 35.51 -10.33
N ALA L 99 -3.25 36.15 -11.12
CA ALA L 99 -3.55 37.57 -10.88
C ALA L 99 -5.03 37.84 -11.17
N GLU L 100 -5.81 38.04 -10.12
CA GLU L 100 -7.25 38.17 -10.15
C GLU L 100 -7.69 39.65 -10.10
N SER L 101 -8.97 39.91 -10.35
CA SER L 101 -9.56 41.26 -10.24
C SER L 101 -11.08 41.17 -10.27
N GLY L 102 -11.77 41.75 -9.29
CA GLY L 102 -13.25 41.60 -9.16
C GLY L 102 -13.61 40.49 -8.18
N GLY L 103 -14.89 40.41 -7.79
CA GLY L 103 -15.42 39.28 -6.99
C GLY L 103 -16.04 38.20 -7.88
N VAL L 104 -17.38 38.13 -7.89
CA VAL L 104 -18.14 37.49 -8.98
C VAL L 104 -19.35 38.42 -9.33
N PRO L 105 -19.10 39.61 -9.95
CA PRO L 105 -20.22 40.47 -10.40
C PRO L 105 -20.52 40.24 -11.89
N LEU M 2 -23.70 -21.49 31.07
CA LEU M 2 -23.92 -22.73 31.88
C LEU M 2 -24.53 -22.42 33.25
N LYS M 3 -25.48 -23.27 33.68
CA LYS M 3 -26.23 -23.12 34.94
C LYS M 3 -26.20 -24.43 35.74
N VAL M 4 -26.12 -24.29 37.06
CA VAL M 4 -26.16 -25.43 37.97
C VAL M 4 -27.40 -25.28 38.86
N SER M 5 -28.00 -26.42 39.23
CA SER M 5 -29.08 -26.42 40.22
C SER M 5 -28.45 -26.03 41.56
N LYS M 6 -27.63 -26.93 42.13
CA LYS M 6 -26.87 -26.61 43.37
C LYS M 6 -25.45 -26.11 43.00
N SER M 7 -25.17 -24.84 43.28
CA SER M 7 -23.90 -24.28 42.89
C SER M 7 -22.78 -24.85 43.77
N PRO M 8 -21.59 -25.09 43.18
CA PRO M 8 -20.44 -25.39 44.00
C PRO M 8 -20.05 -24.20 44.81
N SER M 9 -19.35 -24.43 45.91
CA SER M 9 -18.98 -23.36 46.82
C SER M 9 -17.88 -22.49 46.26
N LEU M 10 -17.01 -23.06 45.38
CA LEU M 10 -15.89 -22.31 44.77
C LEU M 10 -15.38 -22.88 43.47
N VAL M 11 -14.86 -22.00 42.59
CA VAL M 11 -14.21 -22.46 41.32
C VAL M 11 -12.97 -21.70 40.91
N ARG M 12 -11.94 -22.43 40.50
CA ARG M 12 -10.69 -21.82 40.11
C ARG M 12 -10.47 -22.20 38.70
N LEU M 13 -10.28 -21.24 37.82
CA LEU M 13 -9.84 -21.52 36.49
C LEU M 13 -8.51 -20.93 36.36
N LYS M 14 -7.65 -21.55 35.54
CA LYS M 14 -6.28 -21.06 35.32
C LYS M 14 -5.72 -21.39 33.96
N THR M 15 -5.07 -20.40 33.36
CA THR M 15 -4.43 -20.63 32.07
C THR M 15 -3.40 -19.59 31.64
N ARG M 16 -2.85 -19.73 30.43
CA ARG M 16 -1.81 -18.83 29.92
C ARG M 16 -2.35 -17.92 28.88
N GLY M 17 -1.82 -16.73 28.78
CA GLY M 17 -2.18 -15.82 27.68
C GLY M 17 -1.09 -14.82 27.31
N GLU M 18 -1.48 -13.86 26.49
CA GLU M 18 -0.56 -12.90 25.89
C GLU M 18 -1.19 -11.53 25.73
N SER M 19 -0.38 -10.51 26.02
CA SER M 19 -0.73 -9.13 25.91
C SER M 19 0.46 -8.47 25.22
N VAL M 20 0.53 -7.13 25.27
CA VAL M 20 1.65 -6.36 24.78
C VAL M 20 2.02 -5.34 25.83
N CYS M 21 3.31 -5.16 26.04
CA CYS M 21 3.84 -4.25 27.05
C CYS M 21 3.79 -2.86 26.47
N PRO M 22 3.00 -1.96 27.04
CA PRO M 22 2.88 -0.63 26.38
C PRO M 22 4.22 0.14 26.16
N ILE M 23 5.01 0.19 27.21
CA ILE M 23 6.29 0.90 27.22
C ILE M 23 7.17 0.47 26.02
N SER M 24 7.29 -0.84 25.81
CA SER M 24 8.25 -1.43 24.89
C SER M 24 7.67 -2.13 23.64
N LYS M 25 6.35 -2.17 23.52
CA LYS M 25 5.63 -2.92 22.49
C LYS M 25 6.08 -4.38 22.31
N THR M 26 6.57 -4.98 23.38
CA THR M 26 6.99 -6.37 23.36
C THR M 26 5.82 -7.21 23.77
N VAL M 27 5.73 -8.39 23.19
CA VAL M 27 4.76 -9.37 23.65
C VAL M 27 5.09 -9.76 25.12
N ASP M 28 4.05 -9.95 25.92
CA ASP M 28 4.13 -10.25 27.34
C ASP M 28 3.33 -11.51 27.50
N SER M 29 4.00 -12.56 27.94
CA SER M 29 3.31 -13.82 28.19
C SER M 29 2.87 -13.76 29.68
N PHE M 30 1.77 -14.38 30.05
CA PHE M 30 1.36 -14.36 31.45
C PHE M 30 0.51 -15.56 31.77
N GLU M 31 0.31 -15.79 33.06
CA GLU M 31 -0.53 -16.85 33.52
C GLU M 31 -1.60 -16.16 34.32
N VAL M 32 -2.80 -16.73 34.31
CA VAL M 32 -3.93 -16.07 34.94
C VAL M 32 -4.90 -17.02 35.55
N SER M 33 -5.28 -16.75 36.79
N SER M 33 -5.27 -16.75 36.79
CA SER M 33 -6.24 -17.53 37.53
CA SER M 33 -6.26 -17.54 37.48
C SER M 33 -7.44 -16.65 37.80
C SER M 33 -7.44 -16.66 37.79
N VAL M 34 -8.59 -17.31 37.89
CA VAL M 34 -9.81 -16.70 38.32
C VAL M 34 -10.42 -17.67 39.31
N GLU M 35 -10.66 -17.16 40.50
CA GLU M 35 -11.31 -17.86 41.58
C GLU M 35 -12.62 -17.14 41.84
N TYR M 36 -13.74 -17.86 41.76
CA TYR M 36 -15.09 -17.28 42.06
C TYR M 36 -16.10 -18.16 42.78
N ILE M 37 -17.02 -17.52 43.50
CA ILE M 37 -18.15 -18.23 44.11
C ILE M 37 -19.33 -18.17 43.15
N PRO M 38 -19.71 -19.31 42.53
CA PRO M 38 -20.87 -19.22 41.66
C PRO M 38 -22.16 -18.89 42.42
N ARG M 39 -22.98 -18.06 41.76
CA ARG M 39 -24.39 -17.84 42.08
C ARG M 39 -25.22 -18.17 40.80
N GLY M 40 -25.80 -19.38 40.73
CA GLY M 40 -26.61 -19.78 39.57
C GLY M 40 -25.75 -20.20 38.40
N ALA M 41 -25.19 -19.21 37.71
CA ALA M 41 -24.38 -19.40 36.50
C ALA M 41 -22.92 -19.86 36.73
N VAL M 42 -22.49 -20.79 35.88
CA VAL M 42 -21.09 -21.21 35.73
C VAL M 42 -20.46 -20.63 34.44
N LEU M 43 -19.19 -20.24 34.54
CA LEU M 43 -18.47 -19.70 33.38
C LEU M 43 -17.98 -20.87 32.54
N ALA M 44 -18.42 -20.94 31.30
CA ALA M 44 -17.94 -21.99 30.41
C ALA M 44 -16.47 -21.77 30.25
N ILE M 45 -15.72 -22.86 30.28
CA ILE M 45 -14.30 -22.79 30.08
C ILE M 45 -13.92 -22.07 28.77
N GLU M 46 -14.71 -22.29 27.72
CA GLU M 46 -14.43 -21.75 26.37
C GLU M 46 -14.53 -20.22 26.37
N GLU M 47 -15.56 -19.71 27.04
CA GLU M 47 -15.80 -18.28 27.22
C GLU M 47 -14.73 -17.64 28.08
N PHE M 48 -14.27 -18.37 29.09
CA PHE M 48 -13.08 -17.92 29.84
C PHE M 48 -11.84 -17.82 28.96
N LYS M 49 -11.64 -18.83 28.14
CA LYS M 49 -10.53 -18.84 27.21
C LYS M 49 -10.55 -17.66 26.26
N LYS M 50 -11.75 -17.36 25.75
CA LYS M 50 -11.93 -16.33 24.77
C LYS M 50 -11.78 -14.96 25.44
N MSE M 51 -12.12 -14.84 26.73
CA MSE M 51 -11.80 -13.64 27.48
C MSE M 51 -10.31 -13.47 27.56
O MSE M 51 -9.77 -12.41 27.34
CB MSE M 51 -12.29 -13.66 28.91
CG MSE M 51 -13.76 -13.28 29.07
SE MSE M 51 -14.36 -13.95 30.81
CE MSE M 51 -16.25 -13.66 30.36
N VAL M 52 -9.63 -14.54 27.88
CA VAL M 52 -8.18 -14.46 28.02
C VAL M 52 -7.49 -14.19 26.66
N ASP M 53 -8.05 -14.73 25.55
CA ASP M 53 -7.46 -14.54 24.21
CA ASP M 53 -7.47 -14.54 24.20
C ASP M 53 -7.70 -13.15 23.64
N SER M 54 -8.77 -12.50 24.09
CA SER M 54 -9.09 -11.07 23.83
C SER M 54 -7.90 -10.13 24.03
N TYR M 55 -6.96 -10.46 24.90
CA TYR M 55 -5.82 -9.55 25.14
C TYR M 55 -4.66 -9.72 24.16
N ARG M 56 -4.72 -10.69 23.24
CA ARG M 56 -3.62 -10.85 22.26
C ARG M 56 -3.54 -9.60 21.42
N GLY M 57 -2.34 -9.05 21.32
CA GLY M 57 -2.14 -7.84 20.55
C GLY M 57 -2.41 -6.57 21.34
N ARG M 58 -3.00 -6.68 22.50
CA ARG M 58 -3.46 -5.50 23.18
C ARG M 58 -2.35 -4.94 24.11
N GLU M 59 -2.04 -3.65 23.96
CA GLU M 59 -1.17 -2.92 24.88
C GLU M 59 -1.87 -2.64 26.19
N ILE M 60 -1.33 -3.22 27.25
CA ILE M 60 -1.97 -3.08 28.56
C ILE M 60 -1.01 -3.42 29.68
N LEU M 61 -1.08 -2.67 30.78
CA LEU M 61 -0.28 -2.96 31.95
C LEU M 61 -0.77 -4.23 32.57
N HIS M 62 0.10 -4.92 33.28
CA HIS M 62 -0.40 -6.10 33.97
C HIS M 62 -1.45 -5.68 34.97
N GLU M 63 -1.27 -4.51 35.54
CA GLU M 63 -2.11 -4.04 36.57
C GLU M 63 -3.52 -3.84 36.04
N GLU M 64 -3.60 -3.41 34.77
CA GLU M 64 -4.90 -3.11 34.21
C GLU M 64 -5.57 -4.34 33.66
N LEU M 65 -4.77 -5.26 33.15
CA LEU M 65 -5.26 -6.50 32.60
C LEU M 65 -6.04 -7.29 33.63
N ALA M 66 -5.47 -7.42 34.81
CA ALA M 66 -6.15 -8.06 35.95
C ALA M 66 -7.50 -7.44 36.18
N VAL M 67 -7.53 -6.15 36.38
CA VAL M 67 -8.76 -5.42 36.66
C VAL M 67 -9.76 -5.50 35.47
N ASP M 68 -9.25 -5.47 34.26
CA ASP M 68 -10.14 -5.55 33.14
C ASP M 68 -10.86 -6.92 33.09
N LEU M 69 -10.12 -7.97 33.44
CA LEU M 69 -10.66 -9.34 33.42
C LEU M 69 -11.66 -9.60 34.55
N LEU M 70 -11.47 -8.92 35.68
CA LEU M 70 -12.41 -9.00 36.79
C LEU M 70 -13.80 -8.52 36.30
N GLU M 71 -13.85 -7.28 35.81
CA GLU M 71 -15.01 -6.69 35.19
C GLU M 71 -15.71 -7.63 34.23
N LYS M 72 -14.90 -8.29 33.41
CA LYS M 72 -15.45 -9.11 32.38
C LYS M 72 -16.19 -10.30 32.97
N VAL M 73 -15.55 -10.90 33.97
CA VAL M 73 -16.08 -12.04 34.65
C VAL M 73 -17.27 -11.61 35.46
N LYS M 74 -17.21 -10.43 36.06
CA LYS M 74 -18.35 -9.97 36.79
C LYS M 74 -19.52 -9.80 35.87
N ALA M 75 -19.27 -9.18 34.70
CA ALA M 75 -20.28 -8.93 33.67
C ALA M 75 -20.90 -10.25 33.18
N ALA M 76 -20.08 -11.20 32.80
CA ALA M 76 -20.58 -12.44 32.29
C ALA M 76 -21.43 -13.19 33.30
N VAL M 77 -21.06 -13.30 34.58
CA VAL M 77 -21.85 -14.15 35.53
C VAL M 77 -22.14 -13.65 36.95
N ASN M 78 -21.83 -12.40 37.23
CA ASN M 78 -22.06 -11.73 38.56
C ASN M 78 -21.87 -12.54 39.88
N PRO M 79 -20.69 -13.11 40.11
CA PRO M 79 -20.47 -13.82 41.35
C PRO M 79 -20.30 -12.90 42.55
N PRO M 80 -20.78 -13.31 43.70
CA PRO M 80 -20.59 -12.44 44.87
C PRO M 80 -19.16 -12.26 45.30
N TYR M 81 -18.27 -13.18 44.96
CA TYR M 81 -16.84 -13.05 45.22
C TYR M 81 -16.10 -13.50 44.01
N VAL M 82 -15.16 -12.66 43.57
CA VAL M 82 -14.29 -12.96 42.42
C VAL M 82 -12.89 -12.49 42.76
N LYS M 83 -11.87 -13.31 42.44
CA LYS M 83 -10.46 -12.93 42.62
C LYS M 83 -9.70 -13.30 41.37
N VAL M 84 -9.08 -12.31 40.75
CA VAL M 84 -8.29 -12.57 39.55
C VAL M 84 -6.86 -12.36 39.87
N THR M 85 -5.99 -13.25 39.39
CA THR M 85 -4.54 -13.20 39.66
C THR M 85 -3.79 -13.25 38.35
N VAL M 86 -2.87 -12.34 38.13
CA VAL M 86 -2.07 -12.39 36.89
C VAL M 86 -0.58 -12.48 37.20
N LYS M 87 0.15 -13.36 36.53
CA LYS M 87 1.60 -13.51 36.80
C LYS M 87 2.37 -13.41 35.53
N SER M 88 3.43 -12.61 35.57
CA SER M 88 4.24 -12.40 34.42
C SER M 88 5.66 -12.08 34.83
N TYR M 89 6.56 -12.01 33.86
CA TYR M 89 7.99 -11.75 34.07
C TYR M 89 8.31 -10.66 33.05
N TYR M 90 8.97 -9.58 33.49
CA TYR M 90 9.42 -8.57 32.60
C TYR M 90 10.70 -7.93 33.14
N ILE M 91 11.71 -7.71 32.27
CA ILE M 91 13.08 -7.24 32.62
C ILE M 91 13.72 -7.78 33.92
N GLY M 92 13.46 -9.05 34.19
CA GLY M 92 14.02 -9.76 35.38
C GLY M 92 13.19 -9.66 36.64
N VAL M 93 11.99 -9.11 36.52
CA VAL M 93 11.15 -8.87 37.64
C VAL M 93 9.94 -9.78 37.54
N GLU M 94 9.71 -10.59 38.56
CA GLU M 94 8.49 -11.39 38.64
C GLU M 94 7.40 -10.47 39.12
N VAL M 95 6.22 -10.63 38.54
CA VAL M 95 5.05 -9.78 38.76
C VAL M 95 3.82 -10.63 39.09
N GLU M 96 3.17 -10.37 40.24
CA GLU M 96 1.76 -10.77 40.45
C GLU M 96 0.86 -9.58 40.72
N VAL M 97 -0.34 -9.68 40.19
CA VAL M 97 -1.35 -8.71 40.43
C VAL M 97 -2.60 -9.45 40.80
N VAL M 98 -3.17 -9.06 41.92
CA VAL M 98 -4.45 -9.59 42.32
C VAL M 98 -5.50 -8.50 42.21
N ALA M 99 -6.65 -8.86 41.64
CA ALA M 99 -7.87 -8.01 41.62
C ALA M 99 -9.09 -8.71 42.25
N GLU M 100 -9.47 -8.39 43.48
CA GLU M 100 -10.68 -8.99 44.09
C GLU M 100 -11.87 -8.05 44.06
N SER M 101 -13.06 -8.63 44.03
CA SER M 101 -14.33 -7.96 44.32
C SER M 101 -15.31 -8.89 45.08
N GLY M 102 -15.96 -8.39 46.14
CA GLY M 102 -16.96 -9.12 46.93
C GLY M 102 -16.51 -9.78 48.25
N GLY M 103 -17.39 -10.68 48.75
CA GLY M 103 -17.30 -11.27 50.12
C GLY M 103 -17.33 -12.81 50.26
N VAL M 104 -16.33 -13.32 51.02
CA VAL M 104 -15.94 -14.77 51.12
C VAL M 104 -16.94 -15.57 52.01
N MSE N 1 -19.30 -48.57 54.09
CA MSE N 1 -19.68 -47.81 55.32
C MSE N 1 -19.35 -48.64 56.55
O MSE N 1 -20.03 -49.62 56.84
CB MSE N 1 -21.16 -47.44 55.26
CG MSE N 1 -21.51 -46.40 56.31
SE MSE N 1 -22.90 -47.10 57.54
CE MSE N 1 -24.30 -47.56 56.21
N LEU N 2 -18.30 -48.22 57.26
CA LEU N 2 -17.65 -49.00 58.33
C LEU N 2 -17.89 -48.34 59.70
N LYS N 3 -18.29 -49.11 60.69
CA LYS N 3 -18.43 -48.62 62.05
C LYS N 3 -17.06 -48.45 62.66
N VAL N 4 -16.93 -47.52 63.59
CA VAL N 4 -15.78 -47.42 64.51
C VAL N 4 -16.36 -46.78 65.76
N SER N 5 -16.09 -47.34 66.93
CA SER N 5 -16.67 -46.79 68.15
C SER N 5 -16.10 -45.38 68.36
N LYS N 6 -14.80 -45.31 68.62
CA LYS N 6 -14.11 -44.05 68.83
C LYS N 6 -13.68 -43.41 67.45
N SER N 7 -14.22 -42.22 67.12
CA SER N 7 -14.10 -41.65 65.74
C SER N 7 -12.99 -40.60 65.65
N PRO N 8 -12.33 -40.46 64.48
CA PRO N 8 -11.30 -39.48 64.26
C PRO N 8 -11.85 -38.11 63.90
N SER N 9 -10.99 -37.12 63.79
CA SER N 9 -11.42 -35.75 63.65
C SER N 9 -11.67 -35.39 62.23
N LEU N 10 -10.93 -36.02 61.32
CA LEU N 10 -11.03 -35.64 59.92
C LEU N 10 -10.49 -36.77 59.10
N VAL N 11 -10.95 -36.90 57.86
CA VAL N 11 -10.45 -37.91 56.93
C VAL N 11 -10.42 -37.37 55.49
N ARG N 12 -9.24 -37.41 54.87
CA ARG N 12 -9.14 -37.10 53.48
C ARG N 12 -8.92 -38.34 52.68
N LEU N 13 -9.67 -38.45 51.58
CA LEU N 13 -9.54 -39.55 50.65
C LEU N 13 -9.41 -38.88 49.34
N LYS N 14 -8.53 -39.40 48.48
CA LYS N 14 -8.17 -38.75 47.23
C LYS N 14 -7.82 -39.76 46.20
N THR N 15 -8.38 -39.61 45.00
CA THR N 15 -8.15 -40.54 43.92
C THR N 15 -8.37 -39.90 42.53
N ARG N 16 -8.11 -40.65 41.46
CA ARG N 16 -8.35 -40.17 40.12
C ARG N 16 -9.63 -40.81 39.59
N GLY N 17 -10.14 -40.28 38.49
CA GLY N 17 -11.42 -40.72 37.94
C GLY N 17 -11.58 -40.37 36.49
N GLU N 18 -12.73 -40.73 35.94
CA GLU N 18 -13.02 -40.44 34.54
C GLU N 18 -14.49 -40.19 34.39
N SER N 19 -14.84 -39.12 33.67
CA SER N 19 -16.24 -38.78 33.32
C SER N 19 -16.30 -38.48 31.84
N VAL N 20 -17.32 -37.76 31.40
CA VAL N 20 -17.41 -37.25 30.02
C VAL N 20 -17.77 -35.75 30.01
N CYS N 21 -17.14 -35.03 29.09
CA CYS N 21 -17.42 -33.62 28.85
C CYS N 21 -18.62 -33.62 27.92
N PRO N 22 -19.78 -33.10 28.39
CA PRO N 22 -21.03 -33.18 27.60
C PRO N 22 -20.98 -32.33 26.31
N ILE N 23 -20.18 -31.26 26.35
CA ILE N 23 -20.02 -30.35 25.20
C ILE N 23 -19.50 -31.12 23.97
N SER N 24 -18.54 -32.02 24.15
CA SER N 24 -17.89 -32.70 23.01
C SER N 24 -17.67 -34.23 23.17
N LYS N 25 -18.33 -34.84 24.15
CA LYS N 25 -18.33 -36.31 24.30
C LYS N 25 -16.95 -36.99 24.50
N THR N 26 -15.92 -36.21 24.84
CA THR N 26 -14.59 -36.77 25.03
C THR N 26 -14.50 -37.22 26.46
N VAL N 27 -13.80 -38.32 26.67
CA VAL N 27 -13.51 -38.74 28.04
C VAL N 27 -12.75 -37.60 28.76
N ASP N 28 -13.06 -37.39 30.04
CA ASP N 28 -12.40 -36.37 30.87
C ASP N 28 -11.73 -37.05 32.06
N SER N 29 -10.40 -36.93 32.18
CA SER N 29 -9.73 -37.40 33.39
C SER N 29 -9.63 -36.28 34.46
N PHE N 30 -9.76 -36.68 35.75
CA PHE N 30 -9.80 -35.75 36.90
C PHE N 30 -9.33 -36.39 38.19
N GLU N 31 -9.23 -35.57 39.21
CA GLU N 31 -8.77 -35.98 40.50
C GLU N 31 -9.81 -35.57 41.53
N VAL N 32 -10.05 -36.40 42.51
CA VAL N 32 -11.06 -36.06 43.50
C VAL N 32 -10.59 -36.28 44.92
N SER N 33 -10.68 -35.23 45.72
CA SER N 33 -10.53 -35.32 47.17
C SER N 33 -11.88 -35.38 47.74
N VAL N 34 -12.00 -35.95 48.93
CA VAL N 34 -13.17 -35.79 49.80
C VAL N 34 -12.62 -35.66 51.20
N GLU N 35 -12.94 -34.58 51.87
CA GLU N 35 -12.51 -34.32 53.22
C GLU N 35 -13.75 -34.38 54.12
N TYR N 36 -13.76 -35.14 55.23
CA TYR N 36 -14.94 -35.20 56.13
C TYR N 36 -14.67 -35.58 57.58
N ILE N 37 -15.39 -34.91 58.50
CA ILE N 37 -15.49 -35.28 59.92
C ILE N 37 -16.48 -36.46 60.07
N PRO N 38 -16.02 -37.66 60.44
CA PRO N 38 -17.03 -38.67 60.69
C PRO N 38 -17.77 -38.44 62.00
N ARG N 39 -18.97 -39.02 62.06
CA ARG N 39 -19.68 -39.34 63.31
C ARG N 39 -20.09 -40.81 63.22
N GLY N 40 -19.45 -41.67 64.03
CA GLY N 40 -19.78 -43.10 64.15
C GLY N 40 -19.38 -43.99 62.97
N ALA N 41 -19.91 -43.65 61.79
CA ALA N 41 -19.62 -44.36 60.53
C ALA N 41 -18.37 -43.80 59.84
N VAL N 42 -17.77 -44.63 59.01
CA VAL N 42 -16.58 -44.23 58.28
C VAL N 42 -16.68 -44.78 56.88
N LEU N 43 -16.63 -43.90 55.89
CA LEU N 43 -16.73 -44.31 54.53
C LEU N 43 -15.61 -45.31 54.19
N ALA N 44 -15.93 -46.38 53.48
CA ALA N 44 -14.91 -47.36 53.12
C ALA N 44 -14.32 -46.91 51.83
N ILE N 45 -13.07 -47.29 51.60
CA ILE N 45 -12.34 -46.87 50.42
C ILE N 45 -12.93 -47.54 49.20
N GLU N 46 -13.11 -48.86 49.25
CA GLU N 46 -13.79 -49.63 48.20
C GLU N 46 -15.09 -48.90 47.75
N GLU N 47 -15.85 -48.39 48.73
CA GLU N 47 -17.13 -47.73 48.50
C GLU N 47 -16.90 -46.42 47.81
N PHE N 48 -16.11 -45.55 48.44
CA PHE N 48 -15.62 -44.30 47.83
C PHE N 48 -15.10 -44.51 46.39
N LYS N 49 -14.40 -45.60 46.17
CA LYS N 49 -13.84 -45.92 44.86
C LYS N 49 -14.92 -46.28 43.85
N LYS N 50 -15.96 -47.01 44.30
CA LYS N 50 -17.15 -47.38 43.48
C LYS N 50 -17.94 -46.10 43.14
N MSE N 51 -18.18 -45.28 44.17
CA MSE N 51 -18.78 -43.95 44.02
C MSE N 51 -18.07 -43.12 42.99
O MSE N 51 -18.73 -42.40 42.24
CB MSE N 51 -18.77 -43.10 45.27
CG MSE N 51 -19.65 -43.56 46.41
SE MSE N 51 -19.46 -42.21 47.84
CE MSE N 51 -20.44 -43.27 49.18
N VAL N 52 -16.74 -43.17 42.93
CA VAL N 52 -15.97 -42.39 41.93
C VAL N 52 -16.06 -43.02 40.53
N ASP N 53 -16.08 -44.35 40.45
CA ASP N 53 -16.15 -45.00 39.12
C ASP N 53 -17.54 -44.90 38.52
N SER N 54 -18.55 -44.54 39.33
CA SER N 54 -19.92 -44.37 38.84
C SER N 54 -19.96 -43.34 37.74
N TYR N 55 -18.98 -42.43 37.72
CA TYR N 55 -18.97 -41.47 36.65
C TYR N 55 -18.24 -41.91 35.39
N ARG N 56 -17.76 -43.16 35.28
CA ARG N 56 -17.13 -43.58 34.01
C ARG N 56 -18.22 -43.56 32.91
N GLY N 57 -17.89 -43.12 31.70
CA GLY N 57 -18.88 -43.15 30.61
C GLY N 57 -19.96 -42.07 30.64
N ARG N 58 -20.16 -41.40 31.78
CA ARG N 58 -21.26 -40.46 32.00
C ARG N 58 -20.93 -38.94 31.75
N GLU N 59 -21.86 -38.24 31.12
CA GLU N 59 -21.68 -36.86 30.68
C GLU N 59 -22.11 -35.95 31.81
N ILE N 60 -21.19 -35.10 32.25
CA ILE N 60 -21.45 -34.27 33.43
C ILE N 60 -20.40 -33.16 33.47
N LEU N 61 -20.79 -31.96 33.91
CA LEU N 61 -19.82 -30.89 34.15
C LEU N 61 -19.07 -31.19 35.45
N HIS N 62 -17.83 -30.75 35.50
CA HIS N 62 -17.02 -30.94 36.67
C HIS N 62 -17.65 -30.25 37.89
N GLU N 63 -18.44 -29.21 37.65
CA GLU N 63 -19.11 -28.50 38.75
C GLU N 63 -20.32 -29.26 39.27
N GLU N 64 -21.00 -29.99 38.39
CA GLU N 64 -22.03 -30.96 38.79
C GLU N 64 -21.42 -32.14 39.53
N LEU N 65 -20.37 -32.72 38.95
CA LEU N 65 -19.71 -33.89 39.54
C LEU N 65 -19.38 -33.69 41.01
N ALA N 66 -18.78 -32.56 41.35
CA ALA N 66 -18.38 -32.27 42.73
C ALA N 66 -19.57 -32.21 43.68
N VAL N 67 -20.64 -31.57 43.24
CA VAL N 67 -21.85 -31.50 44.05
C VAL N 67 -22.48 -32.91 44.12
N ASP N 68 -22.65 -33.54 42.96
CA ASP N 68 -23.24 -34.86 42.90
C ASP N 68 -22.63 -35.78 43.96
N LEU N 69 -21.31 -35.81 44.00
CA LEU N 69 -20.56 -36.71 44.89
C LEU N 69 -20.60 -36.30 46.36
N LEU N 70 -20.72 -35.00 46.61
CA LEU N 70 -21.02 -34.50 47.94
C LEU N 70 -22.30 -35.12 48.44
N GLU N 71 -23.35 -35.08 47.61
CA GLU N 71 -24.67 -35.58 48.01
C GLU N 71 -24.52 -37.09 48.34
N LYS N 72 -23.77 -37.83 47.50
CA LYS N 72 -23.51 -39.25 47.75
C LYS N 72 -22.75 -39.49 49.05
N VAL N 73 -21.74 -38.67 49.35
CA VAL N 73 -21.04 -38.83 50.62
C VAL N 73 -22.04 -38.70 51.77
N LYS N 74 -22.92 -37.70 51.73
CA LYS N 74 -23.99 -37.60 52.74
C LYS N 74 -24.99 -38.79 52.73
N ALA N 75 -25.35 -39.29 51.55
CA ALA N 75 -26.17 -40.56 51.42
C ALA N 75 -25.62 -41.66 52.36
N ALA N 76 -24.36 -42.02 52.17
CA ALA N 76 -23.79 -43.19 52.79
C ALA N 76 -23.42 -42.98 54.25
N VAL N 77 -22.83 -41.84 54.60
CA VAL N 77 -22.29 -41.62 55.98
C VAL N 77 -22.68 -40.30 56.65
N ASN N 78 -23.47 -39.49 55.96
CA ASN N 78 -24.12 -38.34 56.56
C ASN N 78 -23.32 -37.61 57.69
N PRO N 79 -22.23 -36.90 57.32
CA PRO N 79 -21.38 -36.19 58.26
C PRO N 79 -21.68 -34.70 58.29
N PRO N 80 -21.31 -33.96 59.38
CA PRO N 80 -21.56 -32.49 59.47
C PRO N 80 -20.81 -31.71 58.42
N TYR N 81 -19.48 -31.90 58.41
CA TYR N 81 -18.61 -31.24 57.42
C TYR N 81 -18.23 -32.22 56.31
N VAL N 82 -18.26 -31.71 55.08
CA VAL N 82 -17.80 -32.43 53.92
C VAL N 82 -17.36 -31.43 52.86
N LYS N 83 -16.10 -31.50 52.46
CA LYS N 83 -15.60 -30.79 51.28
C LYS N 83 -15.21 -31.80 50.19
N VAL N 84 -15.49 -31.45 48.95
CA VAL N 84 -15.14 -32.28 47.81
C VAL N 84 -14.44 -31.38 46.83
N THR N 85 -13.38 -31.83 46.22
CA THR N 85 -12.59 -30.97 45.38
C THR N 85 -12.38 -31.78 44.12
N VAL N 86 -12.60 -31.22 42.94
CA VAL N 86 -12.36 -31.94 41.70
C VAL N 86 -11.39 -31.16 40.80
N LYS N 87 -10.13 -31.60 40.73
CA LYS N 87 -9.11 -30.94 39.88
C LYS N 87 -9.02 -31.63 38.54
N SER N 88 -9.25 -30.89 37.46
CA SER N 88 -9.18 -31.43 36.10
C SER N 88 -8.38 -30.50 35.17
N TYR N 89 -8.42 -30.75 33.87
CA TYR N 89 -7.66 -29.92 32.91
C TYR N 89 -8.33 -30.12 31.60
N TYR N 90 -8.74 -29.06 30.95
CA TYR N 90 -9.46 -29.14 29.67
C TYR N 90 -9.09 -27.94 28.76
N ILE N 91 -8.62 -28.28 27.57
CA ILE N 91 -8.32 -27.34 26.48
C ILE N 91 -7.35 -26.26 26.89
N GLY N 92 -6.33 -26.68 27.61
CA GLY N 92 -5.33 -25.74 28.08
C GLY N 92 -5.69 -24.99 29.33
N VAL N 93 -6.80 -25.35 29.98
CA VAL N 93 -7.22 -24.67 31.18
C VAL N 93 -7.26 -25.65 32.33
N GLU N 94 -6.59 -25.32 33.44
CA GLU N 94 -6.70 -26.03 34.71
C GLU N 94 -7.88 -25.60 35.63
N VAL N 95 -8.71 -26.56 35.97
CA VAL N 95 -9.97 -26.33 36.64
C VAL N 95 -9.99 -26.94 38.04
N GLU N 96 -10.43 -26.23 39.03
CA GLU N 96 -10.80 -26.87 40.28
C GLU N 96 -12.20 -26.44 40.69
N VAL N 97 -12.91 -27.36 41.31
CA VAL N 97 -14.21 -27.15 41.87
C VAL N 97 -14.26 -27.67 43.29
N VAL N 98 -14.48 -26.80 44.27
CA VAL N 98 -14.81 -27.20 45.63
C VAL N 98 -16.31 -27.14 45.80
N ALA N 99 -16.92 -28.25 46.22
CA ALA N 99 -18.32 -28.32 46.70
C ALA N 99 -18.37 -28.67 48.19
N GLU N 100 -18.81 -27.74 49.05
CA GLU N 100 -18.78 -27.83 50.53
C GLU N 100 -20.15 -27.99 51.23
N SER N 101 -20.18 -28.55 52.44
CA SER N 101 -21.43 -28.74 53.23
C SER N 101 -21.15 -28.80 54.75
N GLY N 102 -21.75 -27.87 55.51
CA GLY N 102 -21.52 -27.76 56.95
C GLY N 102 -20.39 -26.81 57.28
N GLY N 103 -19.98 -26.78 58.56
CA GLY N 103 -19.00 -25.79 59.09
C GLY N 103 -17.76 -26.40 59.75
N VAL N 104 -16.72 -25.59 59.91
CA VAL N 104 -15.37 -26.02 60.40
C VAL N 104 -15.14 -25.70 61.89
N MSE O 1 30.21 -1.69 -6.73
CA MSE O 1 30.77 -3.06 -6.97
C MSE O 1 30.35 -3.89 -5.77
O MSE O 1 30.92 -3.78 -4.70
CB MSE O 1 32.28 -2.90 -7.16
CG MSE O 1 32.93 -4.06 -7.91
SE MSE O 1 33.42 -5.53 -6.66
CE MSE O 1 34.82 -4.63 -5.59
N LEU O 2 29.28 -4.66 -5.94
CA LEU O 2 28.82 -5.62 -4.92
C LEU O 2 28.77 -6.96 -5.64
N LYS O 3 29.47 -7.97 -5.12
CA LYS O 3 29.58 -9.24 -5.83
C LYS O 3 28.26 -10.03 -5.68
N VAL O 4 27.89 -10.77 -6.73
CA VAL O 4 26.63 -11.52 -6.81
C VAL O 4 26.86 -12.93 -7.47
N SER O 5 26.35 -14.02 -6.89
CA SER O 5 26.56 -15.37 -7.46
C SER O 5 25.89 -15.59 -8.78
N LYS O 6 24.76 -14.94 -8.99
CA LYS O 6 23.98 -15.06 -10.21
C LYS O 6 23.57 -13.68 -10.58
N SER O 7 23.94 -13.27 -11.80
CA SER O 7 23.73 -11.93 -12.27
C SER O 7 22.34 -11.89 -12.85
N PRO O 8 21.61 -10.78 -12.64
CA PRO O 8 20.44 -10.53 -13.40
C PRO O 8 20.75 -10.26 -14.88
N SER O 9 19.69 -10.23 -15.68
CA SER O 9 19.79 -9.98 -17.10
C SER O 9 20.00 -8.52 -17.38
N LEU O 10 19.40 -7.65 -16.57
CA LEU O 10 19.39 -6.17 -16.79
C LEU O 10 19.06 -5.43 -15.49
N VAL O 11 19.51 -4.19 -15.41
CA VAL O 11 19.28 -3.36 -14.25
C VAL O 11 19.21 -1.93 -14.71
N ARG O 12 18.08 -1.27 -14.40
CA ARG O 12 17.85 0.17 -14.64
C ARG O 12 17.94 0.90 -13.33
N LEU O 13 18.65 2.01 -13.33
CA LEU O 13 18.63 2.86 -12.19
C LEU O 13 18.31 4.20 -12.74
N LYS O 14 17.45 4.96 -12.05
CA LYS O 14 17.03 6.27 -12.52
C LYS O 14 16.88 7.25 -11.37
N THR O 15 17.27 8.51 -11.60
CA THR O 15 17.17 9.54 -10.58
C THR O 15 17.29 10.90 -11.23
N ARG O 16 17.24 11.95 -10.42
CA ARG O 16 17.47 13.33 -10.84
C ARG O 16 18.83 13.89 -10.38
N GLY O 17 19.39 14.79 -11.18
CA GLY O 17 20.61 15.49 -10.88
C GLY O 17 20.58 16.95 -11.32
N GLU O 18 21.80 17.49 -11.48
CA GLU O 18 22.07 18.93 -11.59
C GLU O 18 23.46 19.15 -12.17
N SER O 19 23.50 19.92 -13.24
CA SER O 19 24.73 20.35 -13.86
C SER O 19 24.67 21.87 -14.00
N VAL O 20 25.66 22.44 -14.67
CA VAL O 20 25.67 23.85 -15.04
C VAL O 20 25.74 23.98 -16.56
N CYS O 21 24.90 24.85 -17.12
CA CYS O 21 25.00 25.16 -18.55
C CYS O 21 26.24 26.01 -18.86
N PRO O 22 27.17 25.46 -19.68
CA PRO O 22 28.46 26.15 -19.89
C PRO O 22 28.29 27.53 -20.52
N ILE O 23 27.36 27.61 -21.47
CA ILE O 23 27.06 28.83 -22.19
C ILE O 23 26.49 29.90 -21.23
N SER O 24 25.46 29.57 -20.44
CA SER O 24 24.75 30.57 -19.62
C SER O 24 25.16 30.58 -18.16
N LYS O 25 25.90 29.58 -17.72
CA LYS O 25 26.22 29.43 -16.31
C LYS O 25 25.00 29.16 -15.42
N THR O 26 23.86 28.80 -15.99
CA THR O 26 22.68 28.48 -15.16
C THR O 26 22.63 27.00 -14.76
N VAL O 27 21.87 26.75 -13.69
CA VAL O 27 21.69 25.41 -13.19
C VAL O 27 20.68 24.61 -14.05
N ASP O 28 21.20 23.61 -14.77
CA ASP O 28 20.41 22.61 -15.48
C ASP O 28 19.96 21.50 -14.52
N SER O 29 18.65 21.40 -14.27
CA SER O 29 18.08 20.22 -13.68
C SER O 29 17.82 19.13 -14.70
N PHE O 30 18.30 17.92 -14.43
CA PHE O 30 18.11 16.77 -15.34
C PHE O 30 17.65 15.47 -14.63
N GLU O 31 17.23 14.48 -15.42
CA GLU O 31 16.83 13.16 -14.96
C GLU O 31 17.74 12.18 -15.66
N VAL O 32 18.17 11.10 -15.04
CA VAL O 32 19.09 10.20 -15.79
C VAL O 32 18.93 8.80 -15.42
N SER O 33 19.14 7.94 -16.41
CA SER O 33 19.02 6.47 -16.29
C SER O 33 20.25 5.74 -16.68
N VAL O 34 20.62 4.75 -15.89
CA VAL O 34 21.58 3.77 -16.35
C VAL O 34 20.90 2.46 -16.51
N GLU O 35 20.99 1.90 -17.70
CA GLU O 35 20.57 0.56 -17.99
C GLU O 35 21.86 -0.23 -18.21
N TYR O 36 22.05 -1.36 -17.54
CA TYR O 36 23.22 -2.19 -17.84
C TYR O 36 22.95 -3.68 -17.62
N ILE O 37 23.80 -4.51 -18.24
CA ILE O 37 23.80 -5.94 -17.98
C ILE O 37 24.91 -6.27 -16.97
N PRO O 38 24.55 -6.69 -15.73
CA PRO O 38 25.60 -7.12 -14.83
C PRO O 38 26.21 -8.50 -15.17
N ARG O 39 27.47 -8.62 -14.77
CA ARG O 39 28.23 -9.85 -14.90
C ARG O 39 29.10 -9.94 -13.65
N GLY O 40 28.52 -10.49 -12.60
CA GLY O 40 29.22 -10.85 -11.41
C GLY O 40 29.20 -9.76 -10.37
N ALA O 41 29.40 -8.53 -10.79
CA ALA O 41 29.21 -7.37 -9.92
C ALA O 41 27.95 -6.49 -10.28
N VAL O 42 27.38 -5.88 -9.25
CA VAL O 42 26.34 -4.91 -9.42
C VAL O 42 26.76 -3.59 -8.81
N LEU O 43 26.45 -2.51 -9.51
CA LEU O 43 26.62 -1.17 -9.00
C LEU O 43 25.77 -0.89 -7.81
N ALA O 44 26.34 -0.41 -6.72
CA ALA O 44 25.48 -0.04 -5.60
C ALA O 44 24.81 1.34 -5.84
N ILE O 45 23.64 1.49 -5.24
CA ILE O 45 22.80 2.63 -5.47
C ILE O 45 23.44 3.89 -4.87
N GLU O 46 24.00 3.76 -3.68
CA GLU O 46 24.79 4.82 -3.06
C GLU O 46 25.92 5.32 -3.97
N GLU O 47 26.58 4.38 -4.65
CA GLU O 47 27.69 4.65 -5.62
C GLU O 47 27.21 5.37 -6.89
N PHE O 48 26.12 4.88 -7.49
CA PHE O 48 25.38 5.59 -8.55
C PHE O 48 24.94 7.00 -8.13
N LYS O 49 24.30 7.10 -6.98
CA LYS O 49 23.92 8.39 -6.49
C LYS O 49 25.16 9.27 -6.42
N LYS O 50 26.23 8.77 -5.80
CA LYS O 50 27.42 9.59 -5.69
C LYS O 50 27.94 9.98 -7.08
N MSE O 51 27.95 9.04 -8.02
CA MSE O 51 28.36 9.30 -9.41
C MSE O 51 27.60 10.42 -10.07
O MSE O 51 28.19 11.19 -10.81
CB MSE O 51 28.15 8.11 -10.32
CG MSE O 51 29.20 7.02 -10.25
SE MSE O 51 28.69 5.60 -11.54
CE MSE O 51 29.97 4.25 -10.85
N VAL O 52 26.30 10.53 -9.78
CA VAL O 52 25.39 11.61 -10.33
C VAL O 52 25.57 13.03 -9.66
N ASP O 53 25.69 13.01 -8.35
CA ASP O 53 26.00 14.21 -7.56
C ASP O 53 27.35 14.85 -7.92
N SER O 54 28.24 14.07 -8.52
CA SER O 54 29.51 14.59 -8.98
C SER O 54 29.31 15.78 -9.98
N TYR O 55 28.26 15.72 -10.80
CA TYR O 55 28.00 16.79 -11.81
C TYR O 55 27.42 18.10 -11.26
N ARG O 56 27.09 18.18 -9.96
CA ARG O 56 26.75 19.46 -9.33
C ARG O 56 27.81 20.53 -9.51
N GLY O 57 27.44 21.71 -10.02
CA GLY O 57 28.37 22.81 -10.23
C GLY O 57 29.38 22.65 -11.37
N ARG O 58 29.36 21.53 -12.05
CA ARG O 58 30.32 21.23 -13.09
C ARG O 58 29.75 21.71 -14.47
N GLU O 59 30.56 22.37 -15.25
CA GLU O 59 30.06 22.95 -16.49
C GLU O 59 30.18 21.88 -17.54
N ILE O 60 29.09 21.56 -18.19
CA ILE O 60 29.11 20.42 -19.08
C ILE O 60 27.82 20.35 -19.92
N LEU O 61 27.94 20.04 -21.20
CA LEU O 61 26.76 19.80 -21.99
C LEU O 61 26.18 18.43 -21.62
N HIS O 62 24.86 18.35 -21.64
CA HIS O 62 24.16 17.07 -21.40
C HIS O 62 24.75 15.94 -22.22
N GLU O 63 25.10 16.27 -23.46
CA GLU O 63 25.71 15.34 -24.42
C GLU O 63 27.06 14.82 -23.90
N GLU O 64 27.86 15.68 -23.28
CA GLU O 64 29.09 15.22 -22.66
C GLU O 64 28.78 14.46 -21.37
N LEU O 65 27.73 14.89 -20.66
CA LEU O 65 27.31 14.25 -19.40
C LEU O 65 26.90 12.78 -19.57
N ALA O 66 26.15 12.47 -20.61
CA ALA O 66 25.79 11.08 -20.93
C ALA O 66 27.00 10.24 -21.30
N VAL O 67 27.93 10.80 -22.03
CA VAL O 67 29.16 10.09 -22.34
C VAL O 67 30.05 9.89 -21.09
N ASP O 68 30.17 10.89 -20.23
CA ASP O 68 31.05 10.75 -19.05
C ASP O 68 30.50 9.69 -18.13
N LEU O 69 29.19 9.74 -17.93
CA LEU O 69 28.60 8.82 -16.99
C LEU O 69 28.67 7.37 -17.49
N LEU O 70 28.59 7.19 -18.80
CA LEU O 70 28.91 5.90 -19.39
C LEU O 70 30.34 5.39 -18.98
N GLU O 71 31.34 6.26 -19.06
CA GLU O 71 32.70 5.86 -18.69
C GLU O 71 32.81 5.55 -17.20
N LYS O 72 32.20 6.37 -16.38
CA LYS O 72 32.15 6.05 -14.96
C LYS O 72 31.66 4.64 -14.70
N VAL O 73 30.57 4.25 -15.35
CA VAL O 73 29.91 2.96 -15.06
C VAL O 73 30.73 1.76 -15.55
N LYS O 74 31.23 1.80 -16.77
CA LYS O 74 32.16 0.76 -17.23
C LYS O 74 33.38 0.62 -16.31
N ALA O 75 34.08 1.71 -16.04
CA ALA O 75 35.22 1.64 -15.16
C ALA O 75 34.84 1.01 -13.81
N ALA O 76 33.67 1.36 -13.28
CA ALA O 76 33.20 0.88 -11.98
C ALA O 76 32.85 -0.59 -11.86
N VAL O 77 32.02 -1.11 -12.75
CA VAL O 77 31.66 -2.55 -12.70
C VAL O 77 31.66 -3.23 -14.08
N ASN O 78 32.35 -2.60 -15.03
CA ASN O 78 32.70 -3.20 -16.31
C ASN O 78 31.73 -4.28 -16.87
N PRO O 79 30.52 -3.86 -17.30
CA PRO O 79 29.51 -4.72 -17.86
C PRO O 79 29.59 -4.83 -19.37
N PRO O 80 29.08 -5.94 -19.95
CA PRO O 80 29.11 -6.08 -21.44
C PRO O 80 28.15 -5.18 -22.23
N TYR O 81 27.21 -4.52 -21.56
CA TYR O 81 26.30 -3.58 -22.21
C TYR O 81 25.96 -2.47 -21.21
N VAL O 82 25.89 -1.24 -21.68
CA VAL O 82 25.48 -0.10 -20.85
C VAL O 82 24.78 0.94 -21.70
N LYS O 83 23.74 1.58 -21.17
CA LYS O 83 23.05 2.66 -21.86
C LYS O 83 22.67 3.76 -20.86
N VAL O 84 23.16 4.95 -21.06
CA VAL O 84 22.85 6.10 -20.21
C VAL O 84 21.88 7.03 -20.95
N THR O 85 20.70 7.32 -20.39
CA THR O 85 19.78 8.32 -21.01
C THR O 85 19.85 9.50 -20.10
N VAL O 86 19.72 10.68 -20.68
CA VAL O 86 19.77 11.94 -19.94
C VAL O 86 18.69 12.85 -20.53
N LYS O 87 17.86 13.46 -19.68
CA LYS O 87 16.74 14.29 -20.11
C LYS O 87 16.73 15.60 -19.40
N SER O 88 16.45 16.65 -20.13
CA SER O 88 16.55 17.98 -19.63
C SER O 88 15.50 18.85 -20.32
N TYR O 89 15.49 20.14 -20.01
CA TYR O 89 14.61 21.12 -20.64
C TYR O 89 15.37 22.42 -20.50
N TYR O 90 15.74 23.06 -21.59
CA TYR O 90 16.43 24.35 -21.58
C TYR O 90 15.78 25.33 -22.60
N ILE O 91 15.35 26.50 -22.15
CA ILE O 91 14.70 27.53 -23.02
C ILE O 91 13.44 27.03 -23.79
N GLY O 92 12.67 26.14 -23.18
CA GLY O 92 11.47 25.61 -23.83
C GLY O 92 11.73 24.49 -24.81
N VAL O 93 12.94 23.92 -24.79
CA VAL O 93 13.28 22.76 -25.60
C VAL O 93 13.57 21.57 -24.69
N GLU O 94 12.94 20.45 -25.01
CA GLU O 94 13.10 19.20 -24.32
C GLU O 94 14.22 18.39 -24.96
N VAL O 95 15.19 18.03 -24.15
CA VAL O 95 16.38 17.37 -24.60
C VAL O 95 16.35 15.92 -24.13
N GLU O 96 16.74 14.99 -24.98
CA GLU O 96 17.07 13.65 -24.54
C GLU O 96 18.39 13.23 -25.18
N VAL O 97 19.27 12.61 -24.38
CA VAL O 97 20.53 12.12 -24.90
C VAL O 97 20.75 10.64 -24.57
N VAL O 98 21.26 9.84 -25.51
CA VAL O 98 21.66 8.45 -25.22
C VAL O 98 23.11 8.20 -25.56
N ALA O 99 23.78 7.50 -24.67
CA ALA O 99 25.10 6.98 -24.89
C ALA O 99 25.07 5.48 -24.53
N GLU O 100 25.27 4.61 -25.52
CA GLU O 100 25.48 3.12 -25.38
C GLU O 100 26.95 2.66 -25.51
N SER O 101 27.28 1.51 -24.92
CA SER O 101 28.53 0.79 -25.19
C SER O 101 28.23 -0.68 -24.94
N GLY O 102 28.51 -1.56 -25.92
CA GLY O 102 28.21 -3.03 -25.82
C GLY O 102 27.08 -3.61 -26.72
N GLY O 103 26.71 -4.90 -26.48
CA GLY O 103 25.81 -5.71 -27.35
C GLY O 103 24.52 -6.20 -26.72
O6 GD1 P . 23.18 -7.92 56.65
C6 GD1 P . 23.64 -8.39 57.85
C5 GD1 P . 25.07 -8.83 58.01
C7 GD1 P . 26.28 -8.96 57.31
C77 GD1 P . 26.65 -8.70 55.87
N77 GD1 P . 25.72 -8.50 55.06
N1 GD1 P . 22.81 -8.47 58.94
C2 GD1 P . 23.27 -8.92 60.13
N2 GD1 P . 22.40 -9.00 61.16
N3 GD1 P . 24.56 -9.33 60.33
C4 GD1 P . 25.41 -9.29 59.29
N9 GD1 P . 26.69 -9.66 59.34
C8 GD1 P . 27.25 -9.51 58.12
O6 GD1 Q . -19.48 -2.95 -36.97
C6 GD1 Q . -19.67 -4.22 -36.48
C5 GD1 Q . -20.96 -4.45 -35.75
C7 GD1 Q . -22.17 -3.83 -35.37
C77 GD1 Q . -22.68 -2.42 -35.49
N77 GD1 Q . -21.81 -1.53 -35.74
N1 GD1 Q . -18.74 -5.27 -36.61
C2 GD1 Q . -18.98 -6.52 -36.05
N2 GD1 Q . -18.14 -7.59 -36.18
N3 GD1 Q . -20.16 -6.75 -35.37
C4 GD1 Q . -21.09 -5.75 -35.24
N9 GD1 Q . -22.29 -5.89 -34.60
C8 GD1 Q . -22.94 -4.70 -34.64
O6 GD1 R . 19.12 -13.02 22.24
C6 GD1 R . 18.12 -13.23 21.35
C5 GD1 R . 16.91 -12.37 21.18
C7 GD1 R . 16.31 -11.19 21.67
C77 GD1 R . 16.78 -10.31 22.79
N77 GD1 R . 17.73 -10.71 23.54
N1 GD1 R . 18.23 -14.33 20.56
C2 GD1 R . 17.31 -14.64 19.62
N2 GD1 R . 17.48 -15.76 18.88
N3 GD1 R . 16.21 -13.86 19.43
C4 GD1 R . 16.01 -12.76 20.20
N9 GD1 R . 14.94 -11.91 20.11
C8 GD1 R . 15.11 -10.92 21.03
NA NA S . 22.93 -21.60 33.13
O6 GD1 T . -31.28 5.85 -21.28
C6 GD1 T . -31.54 6.82 -22.22
C5 GD1 T . -31.63 6.56 -23.70
C7 GD1 T . -31.55 5.54 -24.65
C77 GD1 T . -31.26 4.07 -24.47
N77 GD1 T . -31.00 3.63 -23.30
N1 GD1 T . -31.77 8.12 -21.81
C2 GD1 T . -32.03 9.13 -22.69
N2 GD1 T . -32.21 10.40 -22.27
N3 GD1 T . -32.13 8.93 -24.03
C4 GD1 T . -31.93 7.67 -24.50
N9 GD1 T . -32.00 7.36 -25.82
C8 GD1 T . -31.76 6.03 -25.93
O6 GD1 U . -7.67 -18.16 -12.17
C6 GD1 U . -6.67 -18.57 -11.34
C5 GD1 U . -6.89 -18.65 -9.86
C7 GD1 U . -7.84 -18.46 -8.84
C77 GD1 U . -9.27 -18.02 -8.86
N77 GD1 U . -9.77 -17.75 -9.97
N1 GD1 U . -5.45 -18.90 -11.85
C2 GD1 U . -4.44 -19.31 -11.03
N2 GD1 U . -3.21 -19.66 -11.44
N3 GD1 U . -4.61 -19.40 -9.72
C4 GD1 U . -5.78 -19.07 -9.16
N9 GD1 U . -6.03 -19.15 -7.82
C8 GD1 U . -7.32 -18.78 -7.60
NA NA V . -7.59 -8.04 -22.08
O6 GD1 W . 18.95 -3.72 -3.41
C6 GD1 W . 20.00 -2.88 -3.57
C5 GD1 W . 20.36 -1.88 -2.52
C7 GD1 W . 20.01 -1.39 -1.26
C77 GD1 W . 18.91 -1.77 -0.31
N77 GD1 W . 18.09 -2.68 -0.59
N1 GD1 W . 20.74 -2.93 -4.72
C2 GD1 W . 21.83 -2.10 -4.90
N2 GD1 W . 22.59 -2.14 -6.00
N3 GD1 W . 22.20 -1.19 -3.98
C4 GD1 W . 21.49 -1.10 -2.84
N9 GD1 W . 21.79 -0.22 -1.86
C8 GD1 W . 20.89 -0.37 -0.86
O6 GD1 X . -15.39 -6.06 3.12
C6 GD1 X . -16.66 -6.32 2.72
C5 GD1 X . -16.97 -7.67 2.13
C7 GD1 X . -16.39 -8.93 1.84
C77 GD1 X . -14.97 -9.39 1.97
N77 GD1 X . -14.09 -8.58 2.35
N1 GD1 X . -17.65 -5.35 2.86
C2 GD1 X . -18.93 -5.66 2.45
N2 GD1 X . -19.93 -4.76 2.55
N3 GD1 X . -19.28 -6.88 1.91
C4 GD1 X . -18.30 -7.86 1.75
N9 GD1 X . -18.48 -9.12 1.24
C8 GD1 X . -17.31 -9.81 1.26
O6 GD1 Y . -15.40 31.64 -31.48
C6 GD1 Y . -14.41 32.58 -31.39
C5 GD1 Y . -13.41 32.80 -32.50
C7 GD1 Y . -13.05 32.31 -33.77
C77 GD1 Y . -13.66 31.21 -34.63
N77 GD1 Y . -14.67 30.54 -34.20
N1 GD1 Y . -14.32 33.39 -30.30
C2 GD1 Y . -13.34 34.35 -30.19
N2 GD1 Y . -13.24 35.10 -29.10
N3 GD1 Y . -12.41 34.58 -31.15
C4 GD1 Y . -12.46 33.82 -32.27
N9 GD1 Y . -11.61 33.95 -33.31
C8 GD1 Y . -11.96 33.02 -34.24
O6 GD1 Z . -0.58 21.72 -43.40
C6 GD1 Z . -1.58 21.11 -44.14
C5 GD1 Z . -2.85 21.79 -44.39
C7 GD1 Z . -3.50 22.99 -44.15
C77 GD1 Z . -3.05 24.17 -43.34
N77 GD1 Z . -1.99 24.13 -42.62
N1 GD1 Z . -1.43 19.87 -44.66
C2 GD1 Z . -2.40 19.25 -45.41
N2 GD1 Z . -2.24 17.99 -45.94
N3 GD1 Z . -3.59 19.88 -45.67
C4 GD1 Z . -3.77 21.12 -45.18
N9 GD1 Z . -4.90 21.82 -45.38
C8 GD1 Z . -4.75 23.00 -44.74
O6 GD1 AA . -2.60 -35.85 18.48
C6 GD1 AA . -3.17 -37.04 18.73
C5 GD1 AA . -4.59 -37.24 19.20
C7 GD1 AA . -5.78 -36.56 19.52
C77 GD1 AA . -6.16 -35.09 19.54
N77 GD1 AA . -5.31 -34.19 19.26
N1 GD1 AA . -2.41 -38.14 18.56
C2 GD1 AA . -2.87 -39.42 18.77
N2 GD1 AA . -2.07 -40.49 18.56
N3 GD1 AA . -4.14 -39.64 19.17
C4 GD1 AA . -4.96 -38.58 19.38
N9 GD1 AA . -6.25 -38.70 19.78
C8 GD1 AA . -6.78 -37.45 19.87
O6 GD1 BA . 10.40 12.03 8.11
C6 GD1 BA . 9.73 11.03 8.83
C5 GD1 BA . 10.33 9.66 8.97
C7 GD1 BA . 11.46 8.90 8.59
C77 GD1 BA . 12.70 9.29 7.81
N77 GD1 BA . 12.89 10.50 7.42
N1 GD1 BA . 8.50 11.24 9.47
C2 GD1 BA . 7.86 10.28 10.18
N2 GD1 BA . 6.67 10.45 10.82
N3 GD1 BA . 8.39 9.04 10.30
C4 GD1 BA . 9.57 8.73 9.73
N9 GD1 BA . 10.20 7.51 9.83
C8 GD1 BA . 11.37 7.60 9.11
O6 GD1 CA . 10.43 35.15 -13.54
C6 GD1 CA . 11.18 34.94 -12.45
C5 GD1 CA . 12.60 34.54 -12.53
C7 GD1 CA . 13.57 34.28 -13.49
C77 GD1 CA . 13.45 34.26 -14.98
N77 GD1 CA . 12.35 34.35 -15.56
N1 GD1 CA . 10.62 35.10 -11.22
C2 GD1 CA . 11.34 34.89 -10.07
N2 GD1 CA . 10.75 35.06 -8.88
N3 GD1 CA . 12.66 34.53 -10.10
C4 GD1 CA . 13.27 34.35 -11.32
N9 GD1 CA . 14.56 33.98 -11.51
C8 GD1 CA . 14.77 33.92 -12.85
NA NA DA . -1.78 28.42 -17.54
O6 GD1 EA . 2.69 -4.36 33.20
C6 GD1 EA . 3.59 -3.43 33.66
C5 GD1 EA . 4.74 -2.96 32.86
C7 GD1 EA . 5.37 -3.09 31.62
C77 GD1 EA . 5.11 -3.97 30.42
N77 GD1 EA . 4.19 -4.83 30.50
N1 GD1 EA . 3.41 -2.89 34.92
C2 GD1 EA . 4.24 -1.98 35.48
N2 GD1 EA . 4.07 -1.49 36.71
N3 GD1 EA . 5.33 -1.55 34.79
C4 GD1 EA . 5.55 -2.03 33.52
N9 GD1 EA . 6.60 -1.61 32.78
C8 GD1 EA . 6.51 -2.28 31.61
O6 GD1 FA . -16.74 -29.32 33.33
C6 GD1 FA . -16.79 -28.15 32.61
C5 GD1 FA . -16.64 -28.09 31.11
C7 GD1 FA . -16.43 -28.89 29.96
C77 GD1 FA . -16.24 -30.38 29.81
N77 GD1 FA . -16.29 -31.20 30.78
N1 GD1 FA . -16.99 -26.97 33.30
C2 GD1 FA . -17.07 -25.80 32.65
N2 GD1 FA . -17.27 -24.65 33.29
N3 GD1 FA . -16.96 -25.72 31.31
C4 GD1 FA . -16.74 -26.82 30.57
N9 GD1 FA . -16.58 -26.83 29.24
C8 GD1 FA . -16.38 -28.10 28.82
O6 GD1 GA . 23.32 20.77 -22.74
C6 GD1 GA . 23.19 21.53 -23.88
C5 GD1 GA . 22.99 23.02 -23.81
C7 GD1 GA . 22.87 24.10 -22.92
C77 GD1 GA . 22.86 24.11 -21.42
N77 GD1 GA . 22.83 23.03 -20.75
N1 GD1 GA . 23.25 20.94 -25.12
C2 GD1 GA . 23.13 21.67 -26.25
N2 GD1 GA . 23.20 21.14 -27.49
N3 GD1 GA . 22.97 23.01 -26.20
C4 GD1 GA . 22.91 23.65 -25.02
N9 GD1 GA . 22.74 24.99 -24.90
C8 GD1 GA . 22.71 25.30 -23.59
#